data_4J61
# 
_entry.id   4J61 
# 
_audit_conform.dict_name       mmcif_pdbx.dic 
_audit_conform.dict_version    5.399 
_audit_conform.dict_location   http://mmcif.pdb.org/dictionaries/ascii/mmcif_pdbx.dic 
# 
loop_
_database_2.database_id 
_database_2.database_code 
_database_2.pdbx_database_accession 
_database_2.pdbx_DOI 
PDB   4J61         pdb_00004j61 10.2210/pdb4j61/pdb 
RCSB  RCSB077640   ?            ?                   
WWPDB D_1000077640 ?            ?                   
# 
loop_
_pdbx_audit_revision_history.ordinal 
_pdbx_audit_revision_history.data_content_type 
_pdbx_audit_revision_history.major_revision 
_pdbx_audit_revision_history.minor_revision 
_pdbx_audit_revision_history.revision_date 
1 'Structure model' 1 0 2014-01-22 
2 'Structure model' 1 1 2017-11-15 
3 'Structure model' 1 2 2023-09-20 
4 'Structure model' 1 3 2024-11-20 
# 
_pdbx_audit_revision_details.ordinal             1 
_pdbx_audit_revision_details.revision_ordinal    1 
_pdbx_audit_revision_details.data_content_type   'Structure model' 
_pdbx_audit_revision_details.provider            repository 
_pdbx_audit_revision_details.type                'Initial release' 
_pdbx_audit_revision_details.description         ? 
_pdbx_audit_revision_details.details             ? 
# 
loop_
_pdbx_audit_revision_group.ordinal 
_pdbx_audit_revision_group.revision_ordinal 
_pdbx_audit_revision_group.data_content_type 
_pdbx_audit_revision_group.group 
1 2 'Structure model' 'Refinement description' 
2 3 'Structure model' 'Data collection'        
3 3 'Structure model' 'Database references'    
4 3 'Structure model' 'Derived calculations'   
5 3 'Structure model' 'Refinement description' 
6 4 'Structure model' 'Structure summary'      
# 
loop_
_pdbx_audit_revision_category.ordinal 
_pdbx_audit_revision_category.revision_ordinal 
_pdbx_audit_revision_category.data_content_type 
_pdbx_audit_revision_category.category 
1 2 'Structure model' software                      
2 3 'Structure model' chem_comp_atom                
3 3 'Structure model' chem_comp_bond                
4 3 'Structure model' database_2                    
5 3 'Structure model' pdbx_initial_refinement_model 
6 3 'Structure model' struct_site                   
7 4 'Structure model' pdbx_entry_details            
8 4 'Structure model' pdbx_modification_feature     
# 
loop_
_pdbx_audit_revision_item.ordinal 
_pdbx_audit_revision_item.revision_ordinal 
_pdbx_audit_revision_item.data_content_type 
_pdbx_audit_revision_item.item 
1 3 'Structure model' '_database_2.pdbx_DOI'                
2 3 'Structure model' '_database_2.pdbx_database_accession' 
3 3 'Structure model' '_struct_site.pdbx_auth_asym_id'      
4 3 'Structure model' '_struct_site.pdbx_auth_comp_id'      
5 3 'Structure model' '_struct_site.pdbx_auth_seq_id'       
# 
_pdbx_database_status.entry_id                        4J61 
_pdbx_database_status.status_code                     REL 
_pdbx_database_status.deposit_site                    RCSB 
_pdbx_database_status.process_site                    RCSB 
_pdbx_database_status.recvd_initial_deposition_date   2013-02-11 
_pdbx_database_status.status_code_sf                  REL 
_pdbx_database_status.status_code_mr                  ? 
_pdbx_database_status.SG_entry                        ? 
_pdbx_database_status.status_code_cs                  ? 
_pdbx_database_status.methods_development_category    ? 
_pdbx_database_status.pdb_format_compatible           Y 
_pdbx_database_status.status_code_nmr_data            ? 
# 
loop_
_pdbx_database_related.db_name 
_pdbx_database_related.db_id 
_pdbx_database_related.details 
_pdbx_database_related.content_type 
PDB 4J5Z 'Crystal structure of Ribonuclease A in aqueous solution: One of twelve in MSCS set'                  unspecified 
PDB 4J60 'Crystal structure of Ribonuclease A soaked in 25% Cyclopentanol: One of twelve in MSCS set'          unspecified 
PDB 4J62 'Crystal structure of Ribonuclease A soaked in 40% Cyclohexanol: One of twelve in MSCS set'           unspecified 
PDB 4J63 'Crystal structure of Ribonuclease A soaked in 40% Cyclohexanone: One of twelve in MSCS set'          unspecified 
PDB 4J64 'Crystal structure of Ribonuclease A soaked in 40% Dioxane: One of twelve in MSCS set'                unspecified 
PDB 4J65 'Crystal structure of Ribonuclease A soaked in 40% Dimethylformamide: One of twelve in MSCS set'      unspecified 
PDB 4J66 'Crystal structure of Ribonuclease A soaked in 25% Dimethyl sulfoxide: One of twelve in MSCS set'     unspecified 
PDB 4J67 'Crystal structure of Ribonuclease A soaked in 50% 1,6-Hexanediol: One of twelve in MSCS set'         unspecified 
PDB 4J68 'Crystal structure of Ribonuclease A soaked in 40% Isopropanol: One of twelve in MSCS set'            unspecified 
PDB 4J69 'Crystal structure of Ribonuclease A soaked in 50% S,R,S-bisfuranol: One of twelve in MSCS set'       unspecified 
PDB 4J6A 'Crystal structure of Ribonuclease A soaked in 40% 2,2,2-Trifluoroethanol: One of twelve in MSCS set' unspecified 
# 
loop_
_audit_author.name 
_audit_author.pdbx_ordinal 
'Kearney, B.M.' 1 
'Dechene, M.'   2 
'Swartz, P.D.'  3 
'Mattos, C.'    4 
# 
_citation.id                        primary 
_citation.title                     'DRoP: A program for analysis of water structure on protein surfaces' 
_citation.journal_abbrev            'to be published' 
_citation.journal_volume            ? 
_citation.page_first                ? 
_citation.page_last                 ? 
_citation.year                      ? 
_citation.journal_id_ASTM           ? 
_citation.country                   ? 
_citation.journal_id_ISSN           ? 
_citation.journal_id_CSD            0353 
_citation.book_publisher            ? 
_citation.pdbx_database_id_PubMed   ? 
_citation.pdbx_database_id_DOI      ? 
# 
loop_
_citation_author.citation_id 
_citation_author.name 
_citation_author.ordinal 
_citation_author.identifier_ORCID 
primary 'Kearney, B.M.' 1 ? 
primary 'Roberts, D.'   2 ? 
primary 'Dechene, M.'   3 ? 
primary 'Swartz, P.D.'  4 ? 
primary 'Mattos, C.'    5 ? 
# 
loop_
_entity.id 
_entity.type 
_entity.src_method 
_entity.pdbx_description 
_entity.formula_weight 
_entity.pdbx_number_of_molecules 
_entity.pdbx_ec 
_entity.pdbx_mutation 
_entity.pdbx_fragment 
_entity.details 
1 polymer     nat 'Ribonuclease pancreatic' 13708.326 1   3.1.27.5 ? ? ? 
2 non-polymer syn 'SULFATE ION'             96.063    1   ?        ? ? ? 
3 non-polymer syn cyclopentanone            84.116    4   ?        ? ? ? 
4 water       nat water                     18.015    102 ?        ? ? ? 
# 
_entity_name_com.entity_id   1 
_entity_name_com.name        'RNase 1, RNase A' 
# 
_entity_poly.entity_id                      1 
_entity_poly.type                           'polypeptide(L)' 
_entity_poly.nstd_linkage                   no 
_entity_poly.nstd_monomer                   no 
_entity_poly.pdbx_seq_one_letter_code       
;KETAAAKFERQHMDSSTSAASSSNYCNQMMKSRNLTKDRCKPVNTFVHESLADVQAVCSQKNVACKNGQTNCYQSYSTMS
ITDCRETGSSKYPNCAYKTTQANKHIIVACEGNPYVPVHFDASV
;
_entity_poly.pdbx_seq_one_letter_code_can   
;KETAAAKFERQHMDSSTSAASSSNYCNQMMKSRNLTKDRCKPVNTFVHESLADVQAVCSQKNVACKNGQTNCYQSYSTMS
ITDCRETGSSKYPNCAYKTTQANKHIIVACEGNPYVPVHFDASV
;
_entity_poly.pdbx_strand_id                 A 
_entity_poly.pdbx_target_identifier         ? 
# 
loop_
_pdbx_entity_nonpoly.entity_id 
_pdbx_entity_nonpoly.name 
_pdbx_entity_nonpoly.comp_id 
2 'SULFATE ION'  SO4 
3 cyclopentanone MFW 
4 water          HOH 
# 
loop_
_entity_poly_seq.entity_id 
_entity_poly_seq.num 
_entity_poly_seq.mon_id 
_entity_poly_seq.hetero 
1 1   LYS n 
1 2   GLU n 
1 3   THR n 
1 4   ALA n 
1 5   ALA n 
1 6   ALA n 
1 7   LYS n 
1 8   PHE n 
1 9   GLU n 
1 10  ARG n 
1 11  GLN n 
1 12  HIS n 
1 13  MET n 
1 14  ASP n 
1 15  SER n 
1 16  SER n 
1 17  THR n 
1 18  SER n 
1 19  ALA n 
1 20  ALA n 
1 21  SER n 
1 22  SER n 
1 23  SER n 
1 24  ASN n 
1 25  TYR n 
1 26  CYS n 
1 27  ASN n 
1 28  GLN n 
1 29  MET n 
1 30  MET n 
1 31  LYS n 
1 32  SER n 
1 33  ARG n 
1 34  ASN n 
1 35  LEU n 
1 36  THR n 
1 37  LYS n 
1 38  ASP n 
1 39  ARG n 
1 40  CYS n 
1 41  LYS n 
1 42  PRO n 
1 43  VAL n 
1 44  ASN n 
1 45  THR n 
1 46  PHE n 
1 47  VAL n 
1 48  HIS n 
1 49  GLU n 
1 50  SER n 
1 51  LEU n 
1 52  ALA n 
1 53  ASP n 
1 54  VAL n 
1 55  GLN n 
1 56  ALA n 
1 57  VAL n 
1 58  CYS n 
1 59  SER n 
1 60  GLN n 
1 61  LYS n 
1 62  ASN n 
1 63  VAL n 
1 64  ALA n 
1 65  CYS n 
1 66  LYS n 
1 67  ASN n 
1 68  GLY n 
1 69  GLN n 
1 70  THR n 
1 71  ASN n 
1 72  CYS n 
1 73  TYR n 
1 74  GLN n 
1 75  SER n 
1 76  TYR n 
1 77  SER n 
1 78  THR n 
1 79  MET n 
1 80  SER n 
1 81  ILE n 
1 82  THR n 
1 83  ASP n 
1 84  CYS n 
1 85  ARG n 
1 86  GLU n 
1 87  THR n 
1 88  GLY n 
1 89  SER n 
1 90  SER n 
1 91  LYS n 
1 92  TYR n 
1 93  PRO n 
1 94  ASN n 
1 95  CYS n 
1 96  ALA n 
1 97  TYR n 
1 98  LYS n 
1 99  THR n 
1 100 THR n 
1 101 GLN n 
1 102 ALA n 
1 103 ASN n 
1 104 LYS n 
1 105 HIS n 
1 106 ILE n 
1 107 ILE n 
1 108 VAL n 
1 109 ALA n 
1 110 CYS n 
1 111 GLU n 
1 112 GLY n 
1 113 ASN n 
1 114 PRO n 
1 115 TYR n 
1 116 VAL n 
1 117 PRO n 
1 118 VAL n 
1 119 HIS n 
1 120 PHE n 
1 121 ASP n 
1 122 ALA n 
1 123 SER n 
1 124 VAL n 
# 
_entity_src_nat.entity_id                  1 
_entity_src_nat.pdbx_src_id                1 
_entity_src_nat.pdbx_alt_source_flag       sample 
_entity_src_nat.pdbx_beg_seq_num           ? 
_entity_src_nat.pdbx_end_seq_num           ? 
_entity_src_nat.common_name                'bovine,cow,domestic cattle,domestic cow' 
_entity_src_nat.pdbx_organism_scientific   'Bos taurus' 
_entity_src_nat.pdbx_ncbi_taxonomy_id      9913 
_entity_src_nat.genus                      ? 
_entity_src_nat.species                    ? 
_entity_src_nat.strain                     ? 
_entity_src_nat.tissue                     ? 
_entity_src_nat.tissue_fraction            ? 
_entity_src_nat.pdbx_secretion             ? 
_entity_src_nat.pdbx_fragment              ? 
_entity_src_nat.pdbx_variant               ? 
_entity_src_nat.pdbx_cell_line             ? 
_entity_src_nat.pdbx_atcc                  ? 
_entity_src_nat.pdbx_cellular_location     ? 
_entity_src_nat.pdbx_organ                 ? 
_entity_src_nat.pdbx_organelle             ? 
_entity_src_nat.pdbx_cell                  ? 
_entity_src_nat.pdbx_plasmid_name          ? 
_entity_src_nat.pdbx_plasmid_details       ? 
_entity_src_nat.details                    pancreas 
# 
loop_
_chem_comp.id 
_chem_comp.type 
_chem_comp.mon_nstd_flag 
_chem_comp.name 
_chem_comp.pdbx_synonyms 
_chem_comp.formula 
_chem_comp.formula_weight 
ALA 'L-peptide linking' y ALANINE         ? 'C3 H7 N O2'     89.093  
ARG 'L-peptide linking' y ARGININE        ? 'C6 H15 N4 O2 1' 175.209 
ASN 'L-peptide linking' y ASPARAGINE      ? 'C4 H8 N2 O3'    132.118 
ASP 'L-peptide linking' y 'ASPARTIC ACID' ? 'C4 H7 N O4'     133.103 
CYS 'L-peptide linking' y CYSTEINE        ? 'C3 H7 N O2 S'   121.158 
GLN 'L-peptide linking' y GLUTAMINE       ? 'C5 H10 N2 O3'   146.144 
GLU 'L-peptide linking' y 'GLUTAMIC ACID' ? 'C5 H9 N O4'     147.129 
GLY 'peptide linking'   y GLYCINE         ? 'C2 H5 N O2'     75.067  
HIS 'L-peptide linking' y HISTIDINE       ? 'C6 H10 N3 O2 1' 156.162 
HOH non-polymer         . WATER           ? 'H2 O'           18.015  
ILE 'L-peptide linking' y ISOLEUCINE      ? 'C6 H13 N O2'    131.173 
LEU 'L-peptide linking' y LEUCINE         ? 'C6 H13 N O2'    131.173 
LYS 'L-peptide linking' y LYSINE          ? 'C6 H15 N2 O2 1' 147.195 
MET 'L-peptide linking' y METHIONINE      ? 'C5 H11 N O2 S'  149.211 
MFW non-polymer         . cyclopentanone  ? 'C5 H8 O'        84.116  
PHE 'L-peptide linking' y PHENYLALANINE   ? 'C9 H11 N O2'    165.189 
PRO 'L-peptide linking' y PROLINE         ? 'C5 H9 N O2'     115.130 
SER 'L-peptide linking' y SERINE          ? 'C3 H7 N O3'     105.093 
SO4 non-polymer         . 'SULFATE ION'   ? 'O4 S -2'        96.063  
THR 'L-peptide linking' y THREONINE       ? 'C4 H9 N O3'     119.119 
TYR 'L-peptide linking' y TYROSINE        ? 'C9 H11 N O3'    181.189 
VAL 'L-peptide linking' y VALINE          ? 'C5 H11 N O2'    117.146 
# 
loop_
_pdbx_poly_seq_scheme.asym_id 
_pdbx_poly_seq_scheme.entity_id 
_pdbx_poly_seq_scheme.seq_id 
_pdbx_poly_seq_scheme.mon_id 
_pdbx_poly_seq_scheme.ndb_seq_num 
_pdbx_poly_seq_scheme.pdb_seq_num 
_pdbx_poly_seq_scheme.auth_seq_num 
_pdbx_poly_seq_scheme.pdb_mon_id 
_pdbx_poly_seq_scheme.auth_mon_id 
_pdbx_poly_seq_scheme.pdb_strand_id 
_pdbx_poly_seq_scheme.pdb_ins_code 
_pdbx_poly_seq_scheme.hetero 
A 1 1   LYS 1   1   1   LYS LYS A . n 
A 1 2   GLU 2   2   2   GLU GLU A . n 
A 1 3   THR 3   3   3   THR THR A . n 
A 1 4   ALA 4   4   4   ALA ALA A . n 
A 1 5   ALA 5   5   5   ALA ALA A . n 
A 1 6   ALA 6   6   6   ALA ALA A . n 
A 1 7   LYS 7   7   7   LYS LYS A . n 
A 1 8   PHE 8   8   8   PHE PHE A . n 
A 1 9   GLU 9   9   9   GLU GLU A . n 
A 1 10  ARG 10  10  10  ARG ARG A . n 
A 1 11  GLN 11  11  11  GLN GLN A . n 
A 1 12  HIS 12  12  12  HIS HIS A . n 
A 1 13  MET 13  13  13  MET MET A . n 
A 1 14  ASP 14  14  14  ASP ASP A . n 
A 1 15  SER 15  15  15  SER SER A . n 
A 1 16  SER 16  16  16  SER SER A . n 
A 1 17  THR 17  17  17  THR THR A . n 
A 1 18  SER 18  18  18  SER SER A . n 
A 1 19  ALA 19  19  19  ALA ALA A . n 
A 1 20  ALA 20  20  20  ALA ALA A . n 
A 1 21  SER 21  21  21  SER SER A . n 
A 1 22  SER 22  22  22  SER SER A . n 
A 1 23  SER 23  23  23  SER SER A . n 
A 1 24  ASN 24  24  24  ASN ASN A . n 
A 1 25  TYR 25  25  25  TYR TYR A . n 
A 1 26  CYS 26  26  26  CYS CYS A . n 
A 1 27  ASN 27  27  27  ASN ASN A . n 
A 1 28  GLN 28  28  28  GLN GLN A . n 
A 1 29  MET 29  29  29  MET MET A . n 
A 1 30  MET 30  30  30  MET MET A . n 
A 1 31  LYS 31  31  31  LYS LYS A . n 
A 1 32  SER 32  32  32  SER SER A . n 
A 1 33  ARG 33  33  33  ARG ARG A . n 
A 1 34  ASN 34  34  34  ASN ASN A . n 
A 1 35  LEU 35  35  35  LEU LEU A . n 
A 1 36  THR 36  36  36  THR THR A . n 
A 1 37  LYS 37  37  37  LYS LYS A . n 
A 1 38  ASP 38  38  38  ASP ASP A . n 
A 1 39  ARG 39  39  39  ARG ARG A . n 
A 1 40  CYS 40  40  40  CYS CYS A . n 
A 1 41  LYS 41  41  41  LYS LYS A . n 
A 1 42  PRO 42  42  42  PRO PRO A . n 
A 1 43  VAL 43  43  43  VAL VAL A . n 
A 1 44  ASN 44  44  44  ASN ASN A . n 
A 1 45  THR 45  45  45  THR THR A . n 
A 1 46  PHE 46  46  46  PHE PHE A . n 
A 1 47  VAL 47  47  47  VAL VAL A . n 
A 1 48  HIS 48  48  48  HIS HIS A . n 
A 1 49  GLU 49  49  49  GLU GLU A . n 
A 1 50  SER 50  50  50  SER SER A . n 
A 1 51  LEU 51  51  51  LEU LEU A . n 
A 1 52  ALA 52  52  52  ALA ALA A . n 
A 1 53  ASP 53  53  53  ASP ASP A . n 
A 1 54  VAL 54  54  54  VAL VAL A . n 
A 1 55  GLN 55  55  55  GLN GLN A . n 
A 1 56  ALA 56  56  56  ALA ALA A . n 
A 1 57  VAL 57  57  57  VAL VAL A . n 
A 1 58  CYS 58  58  58  CYS CYS A . n 
A 1 59  SER 59  59  59  SER SER A . n 
A 1 60  GLN 60  60  60  GLN GLN A . n 
A 1 61  LYS 61  61  61  LYS LYS A . n 
A 1 62  ASN 62  62  62  ASN ASN A . n 
A 1 63  VAL 63  63  63  VAL VAL A . n 
A 1 64  ALA 64  64  64  ALA ALA A . n 
A 1 65  CYS 65  65  65  CYS CYS A . n 
A 1 66  LYS 66  66  66  LYS LYS A . n 
A 1 67  ASN 67  67  67  ASN ASN A . n 
A 1 68  GLY 68  68  68  GLY GLY A . n 
A 1 69  GLN 69  69  69  GLN GLN A . n 
A 1 70  THR 70  70  70  THR THR A . n 
A 1 71  ASN 71  71  71  ASN ASN A . n 
A 1 72  CYS 72  72  72  CYS CYS A . n 
A 1 73  TYR 73  73  73  TYR TYR A . n 
A 1 74  GLN 74  74  74  GLN GLN A . n 
A 1 75  SER 75  75  75  SER SER A . n 
A 1 76  TYR 76  76  76  TYR TYR A . n 
A 1 77  SER 77  77  77  SER SER A . n 
A 1 78  THR 78  78  78  THR THR A . n 
A 1 79  MET 79  79  79  MET MET A . n 
A 1 80  SER 80  80  80  SER SER A . n 
A 1 81  ILE 81  81  81  ILE ILE A . n 
A 1 82  THR 82  82  82  THR THR A . n 
A 1 83  ASP 83  83  83  ASP ASP A . n 
A 1 84  CYS 84  84  84  CYS CYS A . n 
A 1 85  ARG 85  85  85  ARG ARG A . n 
A 1 86  GLU 86  86  86  GLU GLU A . n 
A 1 87  THR 87  87  87  THR THR A . n 
A 1 88  GLY 88  88  88  GLY GLY A . n 
A 1 89  SER 89  89  89  SER SER A . n 
A 1 90  SER 90  90  90  SER SER A . n 
A 1 91  LYS 91  91  91  LYS LYS A . n 
A 1 92  TYR 92  92  92  TYR TYR A . n 
A 1 93  PRO 93  93  93  PRO PRO A . n 
A 1 94  ASN 94  94  94  ASN ASN A . n 
A 1 95  CYS 95  95  95  CYS CYS A . n 
A 1 96  ALA 96  96  96  ALA ALA A . n 
A 1 97  TYR 97  97  97  TYR TYR A . n 
A 1 98  LYS 98  98  98  LYS LYS A . n 
A 1 99  THR 99  99  99  THR THR A . n 
A 1 100 THR 100 100 100 THR THR A . n 
A 1 101 GLN 101 101 101 GLN GLN A . n 
A 1 102 ALA 102 102 102 ALA ALA A . n 
A 1 103 ASN 103 103 103 ASN ASN A . n 
A 1 104 LYS 104 104 104 LYS LYS A . n 
A 1 105 HIS 105 105 105 HIS HIS A . n 
A 1 106 ILE 106 106 106 ILE ILE A . n 
A 1 107 ILE 107 107 107 ILE ILE A . n 
A 1 108 VAL 108 108 108 VAL VAL A . n 
A 1 109 ALA 109 109 109 ALA ALA A . n 
A 1 110 CYS 110 110 110 CYS CYS A . n 
A 1 111 GLU 111 111 111 GLU GLU A . n 
A 1 112 GLY 112 112 112 GLY GLY A . n 
A 1 113 ASN 113 113 113 ASN ASN A . n 
A 1 114 PRO 114 114 114 PRO PRO A . n 
A 1 115 TYR 115 115 115 TYR TYR A . n 
A 1 116 VAL 116 116 116 VAL VAL A . n 
A 1 117 PRO 117 117 117 PRO PRO A . n 
A 1 118 VAL 118 118 118 VAL VAL A . n 
A 1 119 HIS 119 119 119 HIS HIS A . n 
A 1 120 PHE 120 120 120 PHE PHE A . n 
A 1 121 ASP 121 121 121 ASP ASP A . n 
A 1 122 ALA 122 122 122 ALA ALA A . n 
A 1 123 SER 123 123 123 SER SER A . n 
A 1 124 VAL 124 124 124 VAL VAL A . n 
# 
loop_
_pdbx_nonpoly_scheme.asym_id 
_pdbx_nonpoly_scheme.entity_id 
_pdbx_nonpoly_scheme.mon_id 
_pdbx_nonpoly_scheme.ndb_seq_num 
_pdbx_nonpoly_scheme.pdb_seq_num 
_pdbx_nonpoly_scheme.auth_seq_num 
_pdbx_nonpoly_scheme.pdb_mon_id 
_pdbx_nonpoly_scheme.auth_mon_id 
_pdbx_nonpoly_scheme.pdb_strand_id 
_pdbx_nonpoly_scheme.pdb_ins_code 
B 2 SO4 1   201 201 SO4 SO4 A . 
C 3 MFW 1   202 202 MFW MFW A . 
D 3 MFW 1   203 203 MFW MFW A . 
E 3 MFW 1   204 204 MFW MFW A . 
F 3 MFW 1   205 205 MFW MFW A . 
G 4 HOH 1   301 301 HOH HOH A . 
G 4 HOH 2   302 302 HOH HOH A . 
G 4 HOH 3   303 303 HOH HOH A . 
G 4 HOH 4   304 304 HOH HOH A . 
G 4 HOH 5   305 305 HOH HOH A . 
G 4 HOH 6   306 306 HOH HOH A . 
G 4 HOH 7   307 307 HOH HOH A . 
G 4 HOH 8   308 308 HOH HOH A . 
G 4 HOH 9   309 309 HOH HOH A . 
G 4 HOH 10  310 310 HOH HOH A . 
G 4 HOH 11  311 311 HOH HOH A . 
G 4 HOH 12  312 312 HOH HOH A . 
G 4 HOH 13  313 313 HOH HOH A . 
G 4 HOH 14  314 314 HOH HOH A . 
G 4 HOH 15  315 315 HOH HOH A . 
G 4 HOH 16  316 316 HOH HOH A . 
G 4 HOH 17  317 317 HOH HOH A . 
G 4 HOH 18  318 318 HOH HOH A . 
G 4 HOH 19  319 319 HOH HOH A . 
G 4 HOH 20  320 320 HOH HOH A . 
G 4 HOH 21  321 321 HOH HOH A . 
G 4 HOH 22  322 322 HOH HOH A . 
G 4 HOH 23  323 323 HOH HOH A . 
G 4 HOH 24  324 324 HOH HOH A . 
G 4 HOH 25  325 325 HOH HOH A . 
G 4 HOH 26  326 326 HOH HOH A . 
G 4 HOH 27  327 327 HOH HOH A . 
G 4 HOH 28  328 328 HOH HOH A . 
G 4 HOH 29  329 329 HOH HOH A . 
G 4 HOH 30  330 330 HOH HOH A . 
G 4 HOH 31  331 331 HOH HOH A . 
G 4 HOH 32  332 332 HOH HOH A . 
G 4 HOH 33  333 333 HOH HOH A . 
G 4 HOH 34  334 334 HOH HOH A . 
G 4 HOH 35  335 335 HOH HOH A . 
G 4 HOH 36  336 336 HOH HOH A . 
G 4 HOH 37  337 337 HOH HOH A . 
G 4 HOH 38  338 338 HOH HOH A . 
G 4 HOH 39  339 339 HOH HOH A . 
G 4 HOH 40  340 340 HOH HOH A . 
G 4 HOH 41  341 341 HOH HOH A . 
G 4 HOH 42  342 342 HOH HOH A . 
G 4 HOH 43  343 343 HOH HOH A . 
G 4 HOH 44  344 344 HOH HOH A . 
G 4 HOH 45  345 345 HOH HOH A . 
G 4 HOH 46  346 346 HOH HOH A . 
G 4 HOH 47  347 347 HOH HOH A . 
G 4 HOH 48  348 348 HOH HOH A . 
G 4 HOH 49  349 349 HOH HOH A . 
G 4 HOH 50  350 350 HOH HOH A . 
G 4 HOH 51  351 351 HOH HOH A . 
G 4 HOH 52  352 352 HOH HOH A . 
G 4 HOH 53  353 353 HOH HOH A . 
G 4 HOH 54  354 354 HOH HOH A . 
G 4 HOH 55  355 355 HOH HOH A . 
G 4 HOH 56  356 356 HOH HOH A . 
G 4 HOH 57  357 357 HOH HOH A . 
G 4 HOH 58  358 358 HOH HOH A . 
G 4 HOH 59  359 359 HOH HOH A . 
G 4 HOH 60  360 360 HOH HOH A . 
G 4 HOH 61  361 361 HOH HOH A . 
G 4 HOH 62  362 362 HOH HOH A . 
G 4 HOH 63  363 363 HOH HOH A . 
G 4 HOH 64  364 364 HOH HOH A . 
G 4 HOH 65  365 365 HOH HOH A . 
G 4 HOH 66  366 366 HOH HOH A . 
G 4 HOH 67  367 367 HOH HOH A . 
G 4 HOH 68  368 368 HOH HOH A . 
G 4 HOH 69  369 369 HOH HOH A . 
G 4 HOH 70  370 370 HOH HOH A . 
G 4 HOH 71  371 371 HOH HOH A . 
G 4 HOH 72  376 376 HOH HOH A . 
G 4 HOH 73  377 377 HOH HOH A . 
G 4 HOH 74  378 378 HOH HOH A . 
G 4 HOH 75  379 379 HOH HOH A . 
G 4 HOH 76  380 380 HOH HOH A . 
G 4 HOH 77  382 382 HOH HOH A . 
G 4 HOH 78  384 384 HOH HOH A . 
G 4 HOH 79  385 385 HOH HOH A . 
G 4 HOH 80  386 386 HOH HOH A . 
G 4 HOH 81  387 387 HOH HOH A . 
G 4 HOH 82  389 389 HOH HOH A . 
G 4 HOH 83  392 392 HOH HOH A . 
G 4 HOH 84  393 393 HOH HOH A . 
G 4 HOH 85  394 394 HOH HOH A . 
G 4 HOH 86  397 397 HOH HOH A . 
G 4 HOH 87  400 400 HOH HOH A . 
G 4 HOH 88  401 401 HOH HOH A . 
G 4 HOH 89  402 402 HOH HOH A . 
G 4 HOH 90  405 405 HOH HOH A . 
G 4 HOH 91  406 406 HOH HOH A . 
G 4 HOH 92  407 407 HOH HOH A . 
G 4 HOH 93  408 408 HOH HOH A . 
G 4 HOH 94  410 410 HOH HOH A . 
G 4 HOH 95  413 413 HOH HOH A . 
G 4 HOH 96  414 414 HOH HOH A . 
G 4 HOH 97  419 419 HOH HOH A . 
G 4 HOH 98  421 421 HOH HOH A . 
G 4 HOH 99  426 426 HOH HOH A . 
G 4 HOH 100 428 428 HOH HOH A . 
G 4 HOH 101 437 437 HOH HOH A . 
G 4 HOH 102 465 465 HOH HOH A . 
# 
loop_
_software.pdbx_ordinal 
_software.name 
_software.version 
_software.date 
_software.type 
_software.contact_author 
_software.contact_author_email 
_software.classification 
_software.location 
_software.language 
_software.citation_id 
1 DENZO       .          ?                package 'Zbyszek Otwinowski' hkl@hkl-xray.com            'data reduction'  
http://www.hkl-xray.com/                    ?   ? 
2 SCALEPACK   .          ?                package 'Zbyszek Otwinowski' hkl@hkl-xray.com            'data scaling'    
http://www.hkl-xray.com/                    ?   ? 
3 PHASER      .          ?                program 'Randy J. Read'      cimr-phaser@lists.cam.ac.uk phasing           
http://www-structmed.cimr.cam.ac.uk/phaser/ ?   ? 
4 PHENIX      1.8.1_1168 ?                package 'Paul D. Adams'      PDAdams@lbl.gov             refinement        
http://www.phenix-online.org/               C++ ? 
5 PDB_EXTRACT 3.11       'April 22, 2011' package PDB                  deposit@deposit.rcsb.org    'data extraction' 
http://sw-tools.pdb.org/apps/PDB_EXTRACT/   C++ ? 
6 HKL-2000    .          ?                ?       ?                    ?                           'data collection' ? ?   ? 
7 HKL-2000    .          ?                ?       ?                    ?                           'data reduction'  ? ?   ? 
8 HKL-2000    .          ?                ?       ?                    ?                           'data scaling'    ? ?   ? 
# 
_cell.entry_id           4J61 
_cell.length_a           63.462 
_cell.length_b           63.462 
_cell.length_c           63.927 
_cell.angle_alpha        90.00 
_cell.angle_beta         90.00 
_cell.angle_gamma        120.00 
_cell.Z_PDB              6 
_cell.pdbx_unique_axis   ? 
_cell.length_a_esd       ? 
_cell.length_b_esd       ? 
_cell.length_c_esd       ? 
_cell.angle_alpha_esd    ? 
_cell.angle_beta_esd     ? 
_cell.angle_gamma_esd    ? 
# 
_symmetry.entry_id                         4J61 
_symmetry.space_group_name_H-M             'P 32 2 1' 
_symmetry.pdbx_full_space_group_name_H-M   ? 
_symmetry.cell_setting                     ? 
_symmetry.Int_Tables_number                154 
_symmetry.space_group_name_Hall            ? 
# 
_exptl.crystals_number   1 
_exptl.entry_id          4J61 
_exptl.method            'X-RAY DIFFRACTION' 
# 
_exptl_crystal.id                    1 
_exptl_crystal.density_Matthews      2.71 
_exptl_crystal.density_meas          ? 
_exptl_crystal.density_percent_sol   54.63 
_exptl_crystal.description           ? 
_exptl_crystal.F_000                 ? 
_exptl_crystal.preparation           ? 
# 
_exptl_crystal_grow.crystal_id      1 
_exptl_crystal_grow.method          'VAPOR DIFFUSION, HANGING DROP' 
_exptl_crystal_grow.pH              6.0 
_exptl_crystal_grow.temp            291 
_exptl_crystal_grow.pdbx_details    
;35% ammonium sulfate, 1.5 M sodium chloride, 35 mg/mL protein in 20 mM sodium phosphate buffer, pH 6.0, vapor diffusion, hanging drop, temperature 291K
;
_exptl_crystal_grow.temp_details    ? 
_exptl_crystal_grow.pdbx_pH_range   ? 
# 
_diffrn.id                     1 
_diffrn.ambient_temp           100 
_diffrn.ambient_temp_details   ? 
_diffrn.crystal_id             1 
# 
_diffrn_detector.diffrn_id              1 
_diffrn_detector.detector               'IMAGE PLATE' 
_diffrn_detector.type                   'MAR scanner 300 mm plate' 
_diffrn_detector.pdbx_collection_date   2004-12-15 
_diffrn_detector.details                mirror 
# 
_diffrn_radiation.diffrn_id                        1 
_diffrn_radiation.pdbx_diffrn_protocol             'SINGLE WAVELENGTH' 
_diffrn_radiation.monochromator                    'Double crystal - liquid nitrogen cooled' 
_diffrn_radiation.wavelength_id                    1 
_diffrn_radiation.pdbx_monochromatic_or_laue_m_l   M 
_diffrn_radiation.pdbx_scattering_type             x-ray 
# 
_diffrn_radiation_wavelength.id           1 
_diffrn_radiation_wavelength.wavelength   1.0 
_diffrn_radiation_wavelength.wt           1.0 
# 
_diffrn_source.diffrn_id                   1 
_diffrn_source.source                      SYNCHROTRON 
_diffrn_source.type                        'APS BEAMLINE 22-ID' 
_diffrn_source.pdbx_wavelength_list        1.0 
_diffrn_source.pdbx_wavelength             ? 
_diffrn_source.pdbx_synchrotron_site       APS 
_diffrn_source.pdbx_synchrotron_beamline   22-ID 
# 
_reflns.entry_id                     4J61 
_reflns.d_resolution_high            1.690 
_reflns.d_resolution_low             50.000 
_reflns.number_obs                   17106 
_reflns.pdbx_Rmerge_I_obs            0.076 
_reflns.pdbx_netI_over_sigmaI        9.700 
_reflns.pdbx_chi_squared             1.349 
_reflns.pdbx_redundancy              10.800 
_reflns.percent_possible_obs         100.000 
_reflns.observed_criterion_sigma_F   1.0 
_reflns.observed_criterion_sigma_I   1.0 
_reflns.number_all                   17106 
_reflns.pdbx_Rsym_value              ? 
_reflns.B_iso_Wilson_estimate        ? 
_reflns.R_free_details               ? 
_reflns.limit_h_max                  ? 
_reflns.limit_h_min                  ? 
_reflns.limit_k_max                  ? 
_reflns.limit_k_min                  ? 
_reflns.limit_l_max                  ? 
_reflns.limit_l_min                  ? 
_reflns.observed_criterion_F_max     ? 
_reflns.observed_criterion_F_min     ? 
_reflns.pdbx_scaling_rejects         ? 
_reflns.pdbx_ordinal                 1 
_reflns.pdbx_diffrn_id               1 
# 
loop_
_reflns_shell.d_res_high 
_reflns_shell.d_res_low 
_reflns_shell.number_measured_obs 
_reflns_shell.number_measured_all 
_reflns_shell.number_unique_obs 
_reflns_shell.Rmerge_I_obs 
_reflns_shell.meanI_over_sigI_obs 
_reflns_shell.pdbx_Rsym_value 
_reflns_shell.pdbx_chi_squared 
_reflns_shell.pdbx_redundancy 
_reflns_shell.percent_possible_obs 
_reflns_shell.number_unique_all 
_reflns_shell.percent_possible_all 
_reflns_shell.pdbx_ordinal 
_reflns_shell.pdbx_diffrn_id 
1.690 1.750  ? ? ? 0.606 ? ? 0.855 10.100 ? 1662 100.000 1  1 
1.750 1.820  ? ? ? 0.464 ? ? 0.931 10.800 ? 1699 100.000 2  1 
1.820 1.900  ? ? ? 0.331 ? ? 0.959 11.000 ? 1679 100.000 3  1 
1.900 2.000  ? ? ? 0.207 ? ? 0.986 11.000 ? 1693 100.000 4  1 
2.000 2.130  ? ? ? 0.145 ? ? 1.067 11.000 ? 1693 100.000 5  1 
2.130 2.290  ? ? ? 0.109 ? ? 1.132 11.000 ? 1694 100.000 6  1 
2.290 2.520  ? ? ? 0.087 ? ? 1.265 11.100 ? 1709 100.000 7  1 
2.520 2.890  ? ? ? 0.068 ? ? 1.480 11.000 ? 1725 100.000 8  1 
2.890 3.640  ? ? ? 0.049 ? ? 1.804 10.200 ? 1731 100.000 9  1 
3.640 50.000 ? ? ? 0.049 ? ? 2.962 10.400 ? 1821 99.900  10 1 
# 
_refine.entry_id                                 4J61 
_refine.ls_d_res_high                            1.6900 
_refine.ls_d_res_low                             41.6750 
_refine.pdbx_ls_sigma_F                          1.350 
_refine.pdbx_data_cutoff_high_absF               ? 
_refine.pdbx_data_cutoff_low_absF                ? 
_refine.ls_percent_reflns_obs                    99.9900 
_refine.ls_number_reflns_obs                     17080 
_refine.ls_number_reflns_all                     17081 
_refine.pdbx_ls_cross_valid_method               ? 
_refine.pdbx_R_Free_selection_details            RANDOM 
_refine.details                                  ? 
_refine.ls_R_factor_all                          0.1776 
_refine.ls_R_factor_obs                          0.1776 
_refine.ls_R_factor_R_work                       0.1758 
_refine.ls_wR_factor_R_work                      ? 
_refine.ls_R_factor_R_free                       0.1940 
_refine.ls_wR_factor_R_free                      ? 
_refine.ls_percent_reflns_R_free                 10.0100 
_refine.ls_number_reflns_R_free                  1709 
_refine.ls_R_factor_R_free_error                 ? 
_refine.B_iso_mean                               23.3661 
_refine.solvent_model_param_bsol                 ? 
_refine.solvent_model_param_ksol                 ? 
_refine.pdbx_isotropic_thermal_model             ? 
_refine.aniso_B[1][1]                            ? 
_refine.aniso_B[2][2]                            ? 
_refine.aniso_B[3][3]                            ? 
_refine.aniso_B[1][2]                            ? 
_refine.aniso_B[1][3]                            ? 
_refine.aniso_B[2][3]                            ? 
_refine.correlation_coeff_Fo_to_Fc               ? 
_refine.correlation_coeff_Fo_to_Fc_free          ? 
_refine.overall_SU_R_Cruickshank_DPI             ? 
_refine.overall_SU_R_free                        ? 
_refine.pdbx_overall_ESU_R                       ? 
_refine.pdbx_overall_ESU_R_Free                  ? 
_refine.overall_SU_ML                            0.1300 
_refine.overall_SU_B                             ? 
_refine.solvent_model_details                    'FLAT BULK SOLVENT MODEL' 
_refine.pdbx_solvent_vdw_probe_radii             1.1100 
_refine.pdbx_solvent_ion_probe_radii             ? 
_refine.pdbx_solvent_shrinkage_radii             0.9000 
_refine.ls_number_parameters                     ? 
_refine.ls_number_restraints                     ? 
_refine.pdbx_starting_model                      'PDB ENTRY 1RPH' 
_refine.pdbx_method_to_determine_struct          'MOLECULAR REPLACEMENT' 
_refine.pdbx_stereochemistry_target_values       ML 
_refine.pdbx_stereochem_target_val_spec_case     ? 
_refine.overall_FOM_work_R_set                   ? 
_refine.B_iso_max                                60.240 
_refine.B_iso_min                                10.110 
_refine.pdbx_overall_phase_error                 18.1600 
_refine.occupancy_max                            1.000 
_refine.occupancy_min                            1.000 
_refine.pdbx_ls_sigma_I                          ? 
_refine.ls_redundancy_reflns_obs                 ? 
_refine.ls_R_factor_R_free_error_details         ? 
_refine.pdbx_data_cutoff_high_rms_absF           ? 
_refine.overall_FOM_free_R_set                   ? 
_refine.pdbx_diffrn_id                           1 
_refine.pdbx_refine_id                           'X-RAY DIFFRACTION' 
_refine.pdbx_TLS_residual_ADP_flag               ? 
_refine.pdbx_overall_SU_R_free_Cruickshank_DPI   ? 
_refine.pdbx_overall_SU_R_Blow_DPI               ? 
_refine.pdbx_overall_SU_R_free_Blow_DPI          ? 
# 
_refine_hist.pdbx_refine_id                   'X-RAY DIFFRACTION' 
_refine_hist.cycle_id                         LAST 
_refine_hist.pdbx_number_atoms_protein        951 
_refine_hist.pdbx_number_atoms_nucleic_acid   0 
_refine_hist.pdbx_number_atoms_ligand         29 
_refine_hist.number_atoms_solvent             102 
_refine_hist.number_atoms_total               1082 
_refine_hist.d_res_high                       1.6900 
_refine_hist.d_res_low                        41.6750 
# 
loop_
_refine_ls_restr.type 
_refine_ls_restr.number 
_refine_ls_restr.dev_ideal 
_refine_ls_restr.dev_ideal_target 
_refine_ls_restr.weight 
_refine_ls_restr.pdbx_restraint_function 
_refine_ls_restr.pdbx_refine_id 
f_bond_d           999  0.007  ? ? ? 'X-RAY DIFFRACTION' 
f_angle_d          1340 1.182  ? ? ? 'X-RAY DIFFRACTION' 
f_chiral_restr     145  0.083  ? ? ? 'X-RAY DIFFRACTION' 
f_plane_restr      172  0.006  ? ? ? 'X-RAY DIFFRACTION' 
f_dihedral_angle_d 386  15.056 ? ? ? 'X-RAY DIFFRACTION' 
# 
loop_
_refine_ls_shell.d_res_high 
_refine_ls_shell.d_res_low 
_refine_ls_shell.pdbx_total_number_of_bins_used 
_refine_ls_shell.percent_reflns_obs 
_refine_ls_shell.number_reflns_R_work 
_refine_ls_shell.R_factor_all 
_refine_ls_shell.R_factor_R_work 
_refine_ls_shell.R_factor_R_free 
_refine_ls_shell.percent_reflns_R_free 
_refine_ls_shell.number_reflns_R_free 
_refine_ls_shell.R_factor_R_free_error 
_refine_ls_shell.number_reflns_all 
_refine_ls_shell.number_reflns_obs 
_refine_ls_shell.redundancy_reflns_obs 
_refine_ls_shell.pdbx_refine_id 
1.6903 1.7400  12 100.0000 1262 . 0.1885 0.2131 . 139 . 1401 . . 'X-RAY DIFFRACTION' 
1.7400 1.7962  12 100.0000 1268 . 0.1966 0.2329 . 143 . 1411 . . 'X-RAY DIFFRACTION' 
1.7962 1.8604  12 100.0000 1246 . 0.1829 0.2354 . 141 . 1387 . . 'X-RAY DIFFRACTION' 
1.8604 1.9349  12 100.0000 1263 . 0.1791 0.2257 . 138 . 1401 . . 'X-RAY DIFFRACTION' 
1.9349 2.0229  12 100.0000 1265 . 0.1703 0.1768 . 142 . 1407 . . 'X-RAY DIFFRACTION' 
2.0229 2.1296  12 100.0000 1274 . 0.1622 0.1949 . 139 . 1413 . . 'X-RAY DIFFRACTION' 
2.1296 2.2630  12 100.0000 1266 . 0.1683 0.2185 . 143 . 1409 . . 'X-RAY DIFFRACTION' 
2.2630 2.4377  12 100.0000 1285 . 0.1734 0.2073 . 138 . 1423 . . 'X-RAY DIFFRACTION' 
2.4377 2.6830  12 100.0000 1275 . 0.1784 0.1968 . 142 . 1417 . . 'X-RAY DIFFRACTION' 
2.6830 3.0711  12 100.0000 1291 . 0.1867 0.1995 . 142 . 1433 . . 'X-RAY DIFFRACTION' 
3.0711 3.8689  12 100.0000 1303 . 0.1632 0.1642 . 148 . 1451 . . 'X-RAY DIFFRACTION' 
3.8689 41.6879 12 100.0000 1373 . 0.1815 0.1848 . 154 . 1527 . . 'X-RAY DIFFRACTION' 
# 
_struct.entry_id                  4J61 
_struct.title                     'Crystal structure of Ribonuclease A soaked in 40% Cyclopentanone: One of twelve in MSCS set' 
_struct.pdbx_model_details        ? 
_struct.pdbx_CASP_flag            ? 
_struct.pdbx_model_type_details   ? 
# 
_struct_keywords.entry_id        4J61 
_struct_keywords.text            'Endoribonuclease, HYDROLASE' 
_struct_keywords.pdbx_keywords   HYDROLASE 
# 
loop_
_struct_asym.id 
_struct_asym.pdbx_blank_PDB_chainid_flag 
_struct_asym.pdbx_modified 
_struct_asym.entity_id 
_struct_asym.details 
A N N 1 ? 
B N N 2 ? 
C N N 3 ? 
D N N 3 ? 
E N N 3 ? 
F N N 3 ? 
G N N 4 ? 
# 
_struct_ref.id                         1 
_struct_ref.db_name                    UNP 
_struct_ref.db_code                    RNAS1_BOVIN 
_struct_ref.pdbx_db_accession          P61823 
_struct_ref.entity_id                  1 
_struct_ref.pdbx_seq_one_letter_code   
;KETAAAKFERQHMDSSTSAASSSNYCNQMMKSRNLTKDRCKPVNTFVHESLADVQAVCSQKNVACKNGQTNCYQSYSTMS
ITDCRETGSSKYPNCAYKTTQANKHIIVACEGNPYVPVHFDASV
;
_struct_ref.pdbx_align_begin           27 
_struct_ref.pdbx_db_isoform            ? 
# 
_struct_ref_seq.align_id                      1 
_struct_ref_seq.ref_id                        1 
_struct_ref_seq.pdbx_PDB_id_code              4J61 
_struct_ref_seq.pdbx_strand_id                A 
_struct_ref_seq.seq_align_beg                 1 
_struct_ref_seq.pdbx_seq_align_beg_ins_code   ? 
_struct_ref_seq.seq_align_end                 124 
_struct_ref_seq.pdbx_seq_align_end_ins_code   ? 
_struct_ref_seq.pdbx_db_accession             P61823 
_struct_ref_seq.db_align_beg                  27 
_struct_ref_seq.pdbx_db_align_beg_ins_code    ? 
_struct_ref_seq.db_align_end                  150 
_struct_ref_seq.pdbx_db_align_end_ins_code    ? 
_struct_ref_seq.pdbx_auth_seq_align_beg       1 
_struct_ref_seq.pdbx_auth_seq_align_end       124 
# 
_pdbx_struct_assembly.id                   1 
_pdbx_struct_assembly.details              author_and_software_defined_assembly 
_pdbx_struct_assembly.method_details       PISA 
_pdbx_struct_assembly.oligomeric_details   dimeric 
_pdbx_struct_assembly.oligomeric_count     2 
# 
loop_
_pdbx_struct_assembly_prop.biol_id 
_pdbx_struct_assembly_prop.type 
_pdbx_struct_assembly_prop.value 
_pdbx_struct_assembly_prop.details 
1 'ABSA (A^2)' 2560  ? 
1 MORE         -36   ? 
1 'SSA (A^2)'  11860 ? 
# 
_pdbx_struct_assembly_gen.assembly_id       1 
_pdbx_struct_assembly_gen.oper_expression   1,2 
_pdbx_struct_assembly_gen.asym_id_list      A,B,C,D,E,F,G 
# 
loop_
_pdbx_struct_oper_list.id 
_pdbx_struct_oper_list.type 
_pdbx_struct_oper_list.name 
_pdbx_struct_oper_list.symmetry_operation 
_pdbx_struct_oper_list.matrix[1][1] 
_pdbx_struct_oper_list.matrix[1][2] 
_pdbx_struct_oper_list.matrix[1][3] 
_pdbx_struct_oper_list.vector[1] 
_pdbx_struct_oper_list.matrix[2][1] 
_pdbx_struct_oper_list.matrix[2][2] 
_pdbx_struct_oper_list.matrix[2][3] 
_pdbx_struct_oper_list.vector[2] 
_pdbx_struct_oper_list.matrix[3][1] 
_pdbx_struct_oper_list.matrix[3][2] 
_pdbx_struct_oper_list.matrix[3][3] 
_pdbx_struct_oper_list.vector[3] 
1 'identity operation'         1_555 x,y,z         1.0000000000 0.0000000000  0.0000000000 0.0000000000  0.0000000000  1.0000000000  0.0000000000  0.0000000000  0.0000000000 0.0000000000  1.0000000000  0.0000000000  
2 'crystal symmetry operation' 5_555 x-y,-y,-z+1/3 0.0809497924 -0.2502900583 0.9647808134 -5.3836900347 -0.2502900583 -0.9420462322 -0.2233915466 17.6525147724 0.9647808134 -0.2233915466 -0.1389035602 10.6114750984 
# 
_struct_biol.id        1 
_struct_biol.details   ? 
# 
loop_
_struct_conf.conf_type_id 
_struct_conf.id 
_struct_conf.pdbx_PDB_helix_id 
_struct_conf.beg_label_comp_id 
_struct_conf.beg_label_asym_id 
_struct_conf.beg_label_seq_id 
_struct_conf.pdbx_beg_PDB_ins_code 
_struct_conf.end_label_comp_id 
_struct_conf.end_label_asym_id 
_struct_conf.end_label_seq_id 
_struct_conf.pdbx_end_PDB_ins_code 
_struct_conf.beg_auth_comp_id 
_struct_conf.beg_auth_asym_id 
_struct_conf.beg_auth_seq_id 
_struct_conf.end_auth_comp_id 
_struct_conf.end_auth_asym_id 
_struct_conf.end_auth_seq_id 
_struct_conf.pdbx_PDB_helix_class 
_struct_conf.details 
_struct_conf.pdbx_PDB_helix_length 
HELX_P HELX_P1 1 THR A 3  ? MET A 13 ? THR A 3  MET A 13 1 ? 11 
HELX_P HELX_P2 2 ASN A 24 ? ARG A 33 ? ASN A 24 ARG A 33 1 ? 10 
HELX_P HELX_P3 3 SER A 50 ? ALA A 56 ? SER A 50 ALA A 56 1 ? 7  
HELX_P HELX_P4 4 VAL A 57 ? GLN A 60 ? VAL A 57 GLN A 60 5 ? 4  
# 
_struct_conf_type.id          HELX_P 
_struct_conf_type.criteria    ? 
_struct_conf_type.reference   ? 
# 
loop_
_struct_conn.id 
_struct_conn.conn_type_id 
_struct_conn.pdbx_leaving_atom_flag 
_struct_conn.pdbx_PDB_id 
_struct_conn.ptnr1_label_asym_id 
_struct_conn.ptnr1_label_comp_id 
_struct_conn.ptnr1_label_seq_id 
_struct_conn.ptnr1_label_atom_id 
_struct_conn.pdbx_ptnr1_label_alt_id 
_struct_conn.pdbx_ptnr1_PDB_ins_code 
_struct_conn.pdbx_ptnr1_standard_comp_id 
_struct_conn.ptnr1_symmetry 
_struct_conn.ptnr2_label_asym_id 
_struct_conn.ptnr2_label_comp_id 
_struct_conn.ptnr2_label_seq_id 
_struct_conn.ptnr2_label_atom_id 
_struct_conn.pdbx_ptnr2_label_alt_id 
_struct_conn.pdbx_ptnr2_PDB_ins_code 
_struct_conn.ptnr1_auth_asym_id 
_struct_conn.ptnr1_auth_comp_id 
_struct_conn.ptnr1_auth_seq_id 
_struct_conn.ptnr2_auth_asym_id 
_struct_conn.ptnr2_auth_comp_id 
_struct_conn.ptnr2_auth_seq_id 
_struct_conn.ptnr2_symmetry 
_struct_conn.pdbx_ptnr3_label_atom_id 
_struct_conn.pdbx_ptnr3_label_seq_id 
_struct_conn.pdbx_ptnr3_label_comp_id 
_struct_conn.pdbx_ptnr3_label_asym_id 
_struct_conn.pdbx_ptnr3_label_alt_id 
_struct_conn.pdbx_ptnr3_PDB_ins_code 
_struct_conn.details 
_struct_conn.pdbx_dist_value 
_struct_conn.pdbx_value_order 
_struct_conn.pdbx_role 
disulf1 disulf ? ? A CYS 26 SG ? ? ? 1_555 A CYS 84  SG ? ? A CYS 26 A CYS 84  1_555 ? ? ? ? ? ? ? 2.037 ? ? 
disulf2 disulf ? ? A CYS 40 SG ? ? ? 1_555 A CYS 95  SG ? ? A CYS 40 A CYS 95  1_555 ? ? ? ? ? ? ? 2.024 ? ? 
disulf3 disulf ? ? A CYS 58 SG ? ? ? 1_555 A CYS 110 SG ? ? A CYS 58 A CYS 110 1_555 ? ? ? ? ? ? ? 2.027 ? ? 
disulf4 disulf ? ? A CYS 65 SG ? ? ? 1_555 A CYS 72  SG ? ? A CYS 65 A CYS 72  1_555 ? ? ? ? ? ? ? 2.030 ? ? 
# 
_struct_conn_type.id          disulf 
_struct_conn_type.criteria    ? 
_struct_conn_type.reference   ? 
# 
loop_
_pdbx_modification_feature.ordinal 
_pdbx_modification_feature.label_comp_id 
_pdbx_modification_feature.label_asym_id 
_pdbx_modification_feature.label_seq_id 
_pdbx_modification_feature.label_alt_id 
_pdbx_modification_feature.modified_residue_label_comp_id 
_pdbx_modification_feature.modified_residue_label_asym_id 
_pdbx_modification_feature.modified_residue_label_seq_id 
_pdbx_modification_feature.modified_residue_label_alt_id 
_pdbx_modification_feature.auth_comp_id 
_pdbx_modification_feature.auth_asym_id 
_pdbx_modification_feature.auth_seq_id 
_pdbx_modification_feature.PDB_ins_code 
_pdbx_modification_feature.symmetry 
_pdbx_modification_feature.modified_residue_auth_comp_id 
_pdbx_modification_feature.modified_residue_auth_asym_id 
_pdbx_modification_feature.modified_residue_auth_seq_id 
_pdbx_modification_feature.modified_residue_PDB_ins_code 
_pdbx_modification_feature.modified_residue_symmetry 
_pdbx_modification_feature.comp_id_linking_atom 
_pdbx_modification_feature.modified_residue_id_linking_atom 
_pdbx_modification_feature.modified_residue_id 
_pdbx_modification_feature.ref_pcm_id 
_pdbx_modification_feature.ref_comp_id 
_pdbx_modification_feature.type 
_pdbx_modification_feature.category 
1 CYS A 26 ? CYS A 84  ? CYS A 26 ? 1_555 CYS A 84  ? 1_555 SG SG . . . None 'Disulfide bridge' 
2 CYS A 40 ? CYS A 95  ? CYS A 40 ? 1_555 CYS A 95  ? 1_555 SG SG . . . None 'Disulfide bridge' 
3 CYS A 58 ? CYS A 110 ? CYS A 58 ? 1_555 CYS A 110 ? 1_555 SG SG . . . None 'Disulfide bridge' 
4 CYS A 65 ? CYS A 72  ? CYS A 65 ? 1_555 CYS A 72  ? 1_555 SG SG . . . None 'Disulfide bridge' 
# 
loop_
_struct_mon_prot_cis.pdbx_id 
_struct_mon_prot_cis.label_comp_id 
_struct_mon_prot_cis.label_seq_id 
_struct_mon_prot_cis.label_asym_id 
_struct_mon_prot_cis.label_alt_id 
_struct_mon_prot_cis.pdbx_PDB_ins_code 
_struct_mon_prot_cis.auth_comp_id 
_struct_mon_prot_cis.auth_seq_id 
_struct_mon_prot_cis.auth_asym_id 
_struct_mon_prot_cis.pdbx_label_comp_id_2 
_struct_mon_prot_cis.pdbx_label_seq_id_2 
_struct_mon_prot_cis.pdbx_label_asym_id_2 
_struct_mon_prot_cis.pdbx_PDB_ins_code_2 
_struct_mon_prot_cis.pdbx_auth_comp_id_2 
_struct_mon_prot_cis.pdbx_auth_seq_id_2 
_struct_mon_prot_cis.pdbx_auth_asym_id_2 
_struct_mon_prot_cis.pdbx_PDB_model_num 
_struct_mon_prot_cis.pdbx_omega_angle 
1 TYR 92  A . ? TYR 92  A PRO 93  A ? PRO 93  A 1 6.92 
2 ASN 113 A . ? ASN 113 A PRO 114 A ? PRO 114 A 1 6.37 
# 
loop_
_struct_sheet.id 
_struct_sheet.type 
_struct_sheet.number_strands 
_struct_sheet.details 
A ? 5 ? 
B ? 4 ? 
# 
loop_
_struct_sheet_order.sheet_id 
_struct_sheet_order.range_id_1 
_struct_sheet_order.range_id_2 
_struct_sheet_order.offset 
_struct_sheet_order.sense 
A 1 2 ? anti-parallel 
A 2 3 ? anti-parallel 
A 3 4 ? anti-parallel 
A 4 5 ? anti-parallel 
B 1 2 ? anti-parallel 
B 2 3 ? anti-parallel 
B 3 4 ? anti-parallel 
# 
loop_
_struct_sheet_range.sheet_id 
_struct_sheet_range.id 
_struct_sheet_range.beg_label_comp_id 
_struct_sheet_range.beg_label_asym_id 
_struct_sheet_range.beg_label_seq_id 
_struct_sheet_range.pdbx_beg_PDB_ins_code 
_struct_sheet_range.end_label_comp_id 
_struct_sheet_range.end_label_asym_id 
_struct_sheet_range.end_label_seq_id 
_struct_sheet_range.pdbx_end_PDB_ins_code 
_struct_sheet_range.beg_auth_comp_id 
_struct_sheet_range.beg_auth_asym_id 
_struct_sheet_range.beg_auth_seq_id 
_struct_sheet_range.end_auth_comp_id 
_struct_sheet_range.end_auth_asym_id 
_struct_sheet_range.end_auth_seq_id 
A 1 VAL A 43  ? VAL A 47  ? VAL A 43  VAL A 47  
A 2 MET A 79  ? GLU A 86  ? MET A 79  GLU A 86  
A 3 TYR A 97  ? GLU A 111 ? TYR A 97  GLU A 111 
A 4 CYS A 72  ? GLN A 74  ? CYS A 72  GLN A 74  
A 5 LYS A 61  ? VAL A 63  ? LYS A 61  VAL A 63  
B 1 VAL A 43  ? VAL A 47  ? VAL A 43  VAL A 47  
B 2 MET A 79  ? GLU A 86  ? MET A 79  GLU A 86  
B 3 TYR A 97  ? GLU A 111 ? TYR A 97  GLU A 111 
B 4 VAL A 116 ? VAL A 124 ? VAL A 116 VAL A 124 
# 
loop_
_pdbx_struct_sheet_hbond.sheet_id 
_pdbx_struct_sheet_hbond.range_id_1 
_pdbx_struct_sheet_hbond.range_id_2 
_pdbx_struct_sheet_hbond.range_1_label_atom_id 
_pdbx_struct_sheet_hbond.range_1_label_comp_id 
_pdbx_struct_sheet_hbond.range_1_label_asym_id 
_pdbx_struct_sheet_hbond.range_1_label_seq_id 
_pdbx_struct_sheet_hbond.range_1_PDB_ins_code 
_pdbx_struct_sheet_hbond.range_1_auth_atom_id 
_pdbx_struct_sheet_hbond.range_1_auth_comp_id 
_pdbx_struct_sheet_hbond.range_1_auth_asym_id 
_pdbx_struct_sheet_hbond.range_1_auth_seq_id 
_pdbx_struct_sheet_hbond.range_2_label_atom_id 
_pdbx_struct_sheet_hbond.range_2_label_comp_id 
_pdbx_struct_sheet_hbond.range_2_label_asym_id 
_pdbx_struct_sheet_hbond.range_2_label_seq_id 
_pdbx_struct_sheet_hbond.range_2_PDB_ins_code 
_pdbx_struct_sheet_hbond.range_2_auth_atom_id 
_pdbx_struct_sheet_hbond.range_2_auth_comp_id 
_pdbx_struct_sheet_hbond.range_2_auth_asym_id 
_pdbx_struct_sheet_hbond.range_2_auth_seq_id 
A 1 2 N PHE A 46  ? N PHE A 46  O THR A 82  ? O THR A 82  
A 2 3 N ASP A 83  ? N ASP A 83  O THR A 100 ? O THR A 100 
A 3 4 O VAL A 108 ? O VAL A 108 N TYR A 73  ? N TYR A 73  
A 4 5 O GLN A 74  ? O GLN A 74  N LYS A 61  ? N LYS A 61  
B 1 2 N PHE A 46  ? N PHE A 46  O THR A 82  ? O THR A 82  
B 2 3 N ASP A 83  ? N ASP A 83  O THR A 100 ? O THR A 100 
B 3 4 N ALA A 109 ? N ALA A 109 O VAL A 118 ? O VAL A 118 
# 
loop_
_struct_site.id 
_struct_site.pdbx_evidence_code 
_struct_site.pdbx_auth_asym_id 
_struct_site.pdbx_auth_comp_id 
_struct_site.pdbx_auth_seq_id 
_struct_site.pdbx_auth_ins_code 
_struct_site.pdbx_num_residues 
_struct_site.details 
AC1 Software A SO4 201 ? 9 'BINDING SITE FOR RESIDUE SO4 A 201' 
AC2 Software A MFW 202 ? 7 'BINDING SITE FOR RESIDUE MFW A 202' 
AC3 Software A MFW 203 ? 4 'BINDING SITE FOR RESIDUE MFW A 203' 
AC4 Software A MFW 204 ? 2 'BINDING SITE FOR RESIDUE MFW A 204' 
AC5 Software A MFW 205 ? 4 'BINDING SITE FOR RESIDUE MFW A 205' 
# 
loop_
_struct_site_gen.id 
_struct_site_gen.site_id 
_struct_site_gen.pdbx_num_res 
_struct_site_gen.label_comp_id 
_struct_site_gen.label_asym_id 
_struct_site_gen.label_seq_id 
_struct_site_gen.pdbx_auth_ins_code 
_struct_site_gen.auth_comp_id 
_struct_site_gen.auth_asym_id 
_struct_site_gen.auth_seq_id 
_struct_site_gen.label_atom_id 
_struct_site_gen.label_alt_id 
_struct_site_gen.symmetry 
_struct_site_gen.details 
1  AC1 9 GLN A 11  ? GLN A 11  . ? 1_555 ? 
2  AC1 9 HIS A 12  ? HIS A 12  . ? 1_555 ? 
3  AC1 9 LYS A 41  ? LYS A 41  . ? 1_555 ? 
4  AC1 9 HIS A 119 ? HIS A 119 . ? 1_555 ? 
5  AC1 9 PHE A 120 ? PHE A 120 . ? 1_555 ? 
6  AC1 9 HOH G .   ? HOH A 304 . ? 1_555 ? 
7  AC1 9 HOH G .   ? HOH A 356 . ? 1_555 ? 
8  AC1 9 HOH G .   ? HOH A 359 . ? 1_555 ? 
9  AC1 9 HOH G .   ? HOH A 376 . ? 1_555 ? 
10 AC2 7 THR A 3   ? THR A 3   . ? 4_455 ? 
11 AC2 7 ALA A 4   ? ALA A 4   . ? 4_455 ? 
12 AC2 7 SER A 22  ? SER A 22  . ? 1_555 ? 
13 AC2 7 SER A 23  ? SER A 23  . ? 1_555 ? 
14 AC2 7 MFW F .   ? MFW A 205 . ? 1_555 ? 
15 AC2 7 HOH G .   ? HOH A 341 . ? 4_455 ? 
16 AC2 7 HOH G .   ? HOH A 405 . ? 4_455 ? 
17 AC3 4 ASN A 62  ? ASN A 62  . ? 1_555 ? 
18 AC3 4 THR A 70  ? THR A 70  . ? 1_555 ? 
19 AC3 4 THR A 87  ? THR A 87  . ? 5_555 ? 
20 AC3 4 GLY A 88  ? GLY A 88  . ? 5_555 ? 
21 AC4 2 ASN A 24  ? ASN A 24  . ? 1_555 ? 
22 AC4 2 LYS A 31  ? LYS A 31  . ? 1_555 ? 
23 AC5 4 LYS A 1   ? LYS A 1   . ? 4_455 ? 
24 AC5 4 SER A 22  ? SER A 22  . ? 1_555 ? 
25 AC5 4 MFW C .   ? MFW A 202 . ? 1_555 ? 
26 AC5 4 HOH G .   ? HOH A 318 . ? 1_555 ? 
# 
_pdbx_entry_details.entry_id                   4J61 
_pdbx_entry_details.compound_details           ? 
_pdbx_entry_details.source_details             ? 
_pdbx_entry_details.nonpolymer_details         ? 
_pdbx_entry_details.sequence_details           ? 
_pdbx_entry_details.has_ligand_of_interest     ? 
_pdbx_entry_details.has_protein_modification   Y 
# 
_pdbx_validate_symm_contact.id                1 
_pdbx_validate_symm_contact.PDB_model_num     1 
_pdbx_validate_symm_contact.auth_atom_id_1    O 
_pdbx_validate_symm_contact.auth_asym_id_1    A 
_pdbx_validate_symm_contact.auth_comp_id_1    HOH 
_pdbx_validate_symm_contact.auth_seq_id_1     339 
_pdbx_validate_symm_contact.PDB_ins_code_1    ? 
_pdbx_validate_symm_contact.label_alt_id_1    ? 
_pdbx_validate_symm_contact.site_symmetry_1   1_555 
_pdbx_validate_symm_contact.auth_atom_id_2    O 
_pdbx_validate_symm_contact.auth_asym_id_2    A 
_pdbx_validate_symm_contact.auth_comp_id_2    HOH 
_pdbx_validate_symm_contact.auth_seq_id_2     393 
_pdbx_validate_symm_contact.PDB_ins_code_2    ? 
_pdbx_validate_symm_contact.label_alt_id_2    ? 
_pdbx_validate_symm_contact.site_symmetry_2   2_564 
_pdbx_validate_symm_contact.dist              2.16 
# 
loop_
_pdbx_validate_torsion.id 
_pdbx_validate_torsion.PDB_model_num 
_pdbx_validate_torsion.auth_comp_id 
_pdbx_validate_torsion.auth_asym_id 
_pdbx_validate_torsion.auth_seq_id 
_pdbx_validate_torsion.PDB_ins_code 
_pdbx_validate_torsion.label_alt_id 
_pdbx_validate_torsion.phi 
_pdbx_validate_torsion.psi 
1 1 HIS A 48 ? ? -102.53 59.88   
2 1 GLN A 60 ? ? -102.74 -133.97 
3 1 SER A 89 ? ? -108.23 52.77   
4 1 ASN A 94 ? ? -100.67 74.69   
# 
loop_
_pdbx_struct_special_symmetry.id 
_pdbx_struct_special_symmetry.PDB_model_num 
_pdbx_struct_special_symmetry.auth_asym_id 
_pdbx_struct_special_symmetry.auth_comp_id 
_pdbx_struct_special_symmetry.auth_seq_id 
_pdbx_struct_special_symmetry.PDB_ins_code 
_pdbx_struct_special_symmetry.label_asym_id 
_pdbx_struct_special_symmetry.label_comp_id 
_pdbx_struct_special_symmetry.label_seq_id 
1 1 A HOH 340 ? G HOH . 
2 1 A HOH 365 ? G HOH . 
# 
_phasing.method   MR 
# 
loop_
_chem_comp_atom.comp_id 
_chem_comp_atom.atom_id 
_chem_comp_atom.type_symbol 
_chem_comp_atom.pdbx_aromatic_flag 
_chem_comp_atom.pdbx_stereo_config 
_chem_comp_atom.pdbx_ordinal 
ALA N    N N N 1   
ALA CA   C N S 2   
ALA C    C N N 3   
ALA O    O N N 4   
ALA CB   C N N 5   
ALA OXT  O N N 6   
ALA H    H N N 7   
ALA H2   H N N 8   
ALA HA   H N N 9   
ALA HB1  H N N 10  
ALA HB2  H N N 11  
ALA HB3  H N N 12  
ALA HXT  H N N 13  
ARG N    N N N 14  
ARG CA   C N S 15  
ARG C    C N N 16  
ARG O    O N N 17  
ARG CB   C N N 18  
ARG CG   C N N 19  
ARG CD   C N N 20  
ARG NE   N N N 21  
ARG CZ   C N N 22  
ARG NH1  N N N 23  
ARG NH2  N N N 24  
ARG OXT  O N N 25  
ARG H    H N N 26  
ARG H2   H N N 27  
ARG HA   H N N 28  
ARG HB2  H N N 29  
ARG HB3  H N N 30  
ARG HG2  H N N 31  
ARG HG3  H N N 32  
ARG HD2  H N N 33  
ARG HD3  H N N 34  
ARG HE   H N N 35  
ARG HH11 H N N 36  
ARG HH12 H N N 37  
ARG HH21 H N N 38  
ARG HH22 H N N 39  
ARG HXT  H N N 40  
ASN N    N N N 41  
ASN CA   C N S 42  
ASN C    C N N 43  
ASN O    O N N 44  
ASN CB   C N N 45  
ASN CG   C N N 46  
ASN OD1  O N N 47  
ASN ND2  N N N 48  
ASN OXT  O N N 49  
ASN H    H N N 50  
ASN H2   H N N 51  
ASN HA   H N N 52  
ASN HB2  H N N 53  
ASN HB3  H N N 54  
ASN HD21 H N N 55  
ASN HD22 H N N 56  
ASN HXT  H N N 57  
ASP N    N N N 58  
ASP CA   C N S 59  
ASP C    C N N 60  
ASP O    O N N 61  
ASP CB   C N N 62  
ASP CG   C N N 63  
ASP OD1  O N N 64  
ASP OD2  O N N 65  
ASP OXT  O N N 66  
ASP H    H N N 67  
ASP H2   H N N 68  
ASP HA   H N N 69  
ASP HB2  H N N 70  
ASP HB3  H N N 71  
ASP HD2  H N N 72  
ASP HXT  H N N 73  
CYS N    N N N 74  
CYS CA   C N R 75  
CYS C    C N N 76  
CYS O    O N N 77  
CYS CB   C N N 78  
CYS SG   S N N 79  
CYS OXT  O N N 80  
CYS H    H N N 81  
CYS H2   H N N 82  
CYS HA   H N N 83  
CYS HB2  H N N 84  
CYS HB3  H N N 85  
CYS HG   H N N 86  
CYS HXT  H N N 87  
GLN N    N N N 88  
GLN CA   C N S 89  
GLN C    C N N 90  
GLN O    O N N 91  
GLN CB   C N N 92  
GLN CG   C N N 93  
GLN CD   C N N 94  
GLN OE1  O N N 95  
GLN NE2  N N N 96  
GLN OXT  O N N 97  
GLN H    H N N 98  
GLN H2   H N N 99  
GLN HA   H N N 100 
GLN HB2  H N N 101 
GLN HB3  H N N 102 
GLN HG2  H N N 103 
GLN HG3  H N N 104 
GLN HE21 H N N 105 
GLN HE22 H N N 106 
GLN HXT  H N N 107 
GLU N    N N N 108 
GLU CA   C N S 109 
GLU C    C N N 110 
GLU O    O N N 111 
GLU CB   C N N 112 
GLU CG   C N N 113 
GLU CD   C N N 114 
GLU OE1  O N N 115 
GLU OE2  O N N 116 
GLU OXT  O N N 117 
GLU H    H N N 118 
GLU H2   H N N 119 
GLU HA   H N N 120 
GLU HB2  H N N 121 
GLU HB3  H N N 122 
GLU HG2  H N N 123 
GLU HG3  H N N 124 
GLU HE2  H N N 125 
GLU HXT  H N N 126 
GLY N    N N N 127 
GLY CA   C N N 128 
GLY C    C N N 129 
GLY O    O N N 130 
GLY OXT  O N N 131 
GLY H    H N N 132 
GLY H2   H N N 133 
GLY HA2  H N N 134 
GLY HA3  H N N 135 
GLY HXT  H N N 136 
HIS N    N N N 137 
HIS CA   C N S 138 
HIS C    C N N 139 
HIS O    O N N 140 
HIS CB   C N N 141 
HIS CG   C Y N 142 
HIS ND1  N Y N 143 
HIS CD2  C Y N 144 
HIS CE1  C Y N 145 
HIS NE2  N Y N 146 
HIS OXT  O N N 147 
HIS H    H N N 148 
HIS H2   H N N 149 
HIS HA   H N N 150 
HIS HB2  H N N 151 
HIS HB3  H N N 152 
HIS HD1  H N N 153 
HIS HD2  H N N 154 
HIS HE1  H N N 155 
HIS HE2  H N N 156 
HIS HXT  H N N 157 
HOH O    O N N 158 
HOH H1   H N N 159 
HOH H2   H N N 160 
ILE N    N N N 161 
ILE CA   C N S 162 
ILE C    C N N 163 
ILE O    O N N 164 
ILE CB   C N S 165 
ILE CG1  C N N 166 
ILE CG2  C N N 167 
ILE CD1  C N N 168 
ILE OXT  O N N 169 
ILE H    H N N 170 
ILE H2   H N N 171 
ILE HA   H N N 172 
ILE HB   H N N 173 
ILE HG12 H N N 174 
ILE HG13 H N N 175 
ILE HG21 H N N 176 
ILE HG22 H N N 177 
ILE HG23 H N N 178 
ILE HD11 H N N 179 
ILE HD12 H N N 180 
ILE HD13 H N N 181 
ILE HXT  H N N 182 
LEU N    N N N 183 
LEU CA   C N S 184 
LEU C    C N N 185 
LEU O    O N N 186 
LEU CB   C N N 187 
LEU CG   C N N 188 
LEU CD1  C N N 189 
LEU CD2  C N N 190 
LEU OXT  O N N 191 
LEU H    H N N 192 
LEU H2   H N N 193 
LEU HA   H N N 194 
LEU HB2  H N N 195 
LEU HB3  H N N 196 
LEU HG   H N N 197 
LEU HD11 H N N 198 
LEU HD12 H N N 199 
LEU HD13 H N N 200 
LEU HD21 H N N 201 
LEU HD22 H N N 202 
LEU HD23 H N N 203 
LEU HXT  H N N 204 
LYS N    N N N 205 
LYS CA   C N S 206 
LYS C    C N N 207 
LYS O    O N N 208 
LYS CB   C N N 209 
LYS CG   C N N 210 
LYS CD   C N N 211 
LYS CE   C N N 212 
LYS NZ   N N N 213 
LYS OXT  O N N 214 
LYS H    H N N 215 
LYS H2   H N N 216 
LYS HA   H N N 217 
LYS HB2  H N N 218 
LYS HB3  H N N 219 
LYS HG2  H N N 220 
LYS HG3  H N N 221 
LYS HD2  H N N 222 
LYS HD3  H N N 223 
LYS HE2  H N N 224 
LYS HE3  H N N 225 
LYS HZ1  H N N 226 
LYS HZ2  H N N 227 
LYS HZ3  H N N 228 
LYS HXT  H N N 229 
MET N    N N N 230 
MET CA   C N S 231 
MET C    C N N 232 
MET O    O N N 233 
MET CB   C N N 234 
MET CG   C N N 235 
MET SD   S N N 236 
MET CE   C N N 237 
MET OXT  O N N 238 
MET H    H N N 239 
MET H2   H N N 240 
MET HA   H N N 241 
MET HB2  H N N 242 
MET HB3  H N N 243 
MET HG2  H N N 244 
MET HG3  H N N 245 
MET HE1  H N N 246 
MET HE2  H N N 247 
MET HE3  H N N 248 
MET HXT  H N N 249 
MFW C1   C N N 250 
MFW O1   O N N 251 
MFW C2   C N N 252 
MFW C3   C N N 253 
MFW C4   C N N 254 
MFW C5   C N N 255 
MFW H1   H N N 256 
MFW H2   H N N 257 
MFW H4   H N N 258 
MFW H5   H N N 259 
MFW H6   H N N 260 
MFW H7   H N N 261 
MFW H9   H N N 262 
MFW H10  H N N 263 
PHE N    N N N 264 
PHE CA   C N S 265 
PHE C    C N N 266 
PHE O    O N N 267 
PHE CB   C N N 268 
PHE CG   C Y N 269 
PHE CD1  C Y N 270 
PHE CD2  C Y N 271 
PHE CE1  C Y N 272 
PHE CE2  C Y N 273 
PHE CZ   C Y N 274 
PHE OXT  O N N 275 
PHE H    H N N 276 
PHE H2   H N N 277 
PHE HA   H N N 278 
PHE HB2  H N N 279 
PHE HB3  H N N 280 
PHE HD1  H N N 281 
PHE HD2  H N N 282 
PHE HE1  H N N 283 
PHE HE2  H N N 284 
PHE HZ   H N N 285 
PHE HXT  H N N 286 
PRO N    N N N 287 
PRO CA   C N S 288 
PRO C    C N N 289 
PRO O    O N N 290 
PRO CB   C N N 291 
PRO CG   C N N 292 
PRO CD   C N N 293 
PRO OXT  O N N 294 
PRO H    H N N 295 
PRO HA   H N N 296 
PRO HB2  H N N 297 
PRO HB3  H N N 298 
PRO HG2  H N N 299 
PRO HG3  H N N 300 
PRO HD2  H N N 301 
PRO HD3  H N N 302 
PRO HXT  H N N 303 
SER N    N N N 304 
SER CA   C N S 305 
SER C    C N N 306 
SER O    O N N 307 
SER CB   C N N 308 
SER OG   O N N 309 
SER OXT  O N N 310 
SER H    H N N 311 
SER H2   H N N 312 
SER HA   H N N 313 
SER HB2  H N N 314 
SER HB3  H N N 315 
SER HG   H N N 316 
SER HXT  H N N 317 
SO4 S    S N N 318 
SO4 O1   O N N 319 
SO4 O2   O N N 320 
SO4 O3   O N N 321 
SO4 O4   O N N 322 
THR N    N N N 323 
THR CA   C N S 324 
THR C    C N N 325 
THR O    O N N 326 
THR CB   C N R 327 
THR OG1  O N N 328 
THR CG2  C N N 329 
THR OXT  O N N 330 
THR H    H N N 331 
THR H2   H N N 332 
THR HA   H N N 333 
THR HB   H N N 334 
THR HG1  H N N 335 
THR HG21 H N N 336 
THR HG22 H N N 337 
THR HG23 H N N 338 
THR HXT  H N N 339 
TYR N    N N N 340 
TYR CA   C N S 341 
TYR C    C N N 342 
TYR O    O N N 343 
TYR CB   C N N 344 
TYR CG   C Y N 345 
TYR CD1  C Y N 346 
TYR CD2  C Y N 347 
TYR CE1  C Y N 348 
TYR CE2  C Y N 349 
TYR CZ   C Y N 350 
TYR OH   O N N 351 
TYR OXT  O N N 352 
TYR H    H N N 353 
TYR H2   H N N 354 
TYR HA   H N N 355 
TYR HB2  H N N 356 
TYR HB3  H N N 357 
TYR HD1  H N N 358 
TYR HD2  H N N 359 
TYR HE1  H N N 360 
TYR HE2  H N N 361 
TYR HH   H N N 362 
TYR HXT  H N N 363 
VAL N    N N N 364 
VAL CA   C N S 365 
VAL C    C N N 366 
VAL O    O N N 367 
VAL CB   C N N 368 
VAL CG1  C N N 369 
VAL CG2  C N N 370 
VAL OXT  O N N 371 
VAL H    H N N 372 
VAL H2   H N N 373 
VAL HA   H N N 374 
VAL HB   H N N 375 
VAL HG11 H N N 376 
VAL HG12 H N N 377 
VAL HG13 H N N 378 
VAL HG21 H N N 379 
VAL HG22 H N N 380 
VAL HG23 H N N 381 
VAL HXT  H N N 382 
# 
loop_
_chem_comp_bond.comp_id 
_chem_comp_bond.atom_id_1 
_chem_comp_bond.atom_id_2 
_chem_comp_bond.value_order 
_chem_comp_bond.pdbx_aromatic_flag 
_chem_comp_bond.pdbx_stereo_config 
_chem_comp_bond.pdbx_ordinal 
ALA N   CA   sing N N 1   
ALA N   H    sing N N 2   
ALA N   H2   sing N N 3   
ALA CA  C    sing N N 4   
ALA CA  CB   sing N N 5   
ALA CA  HA   sing N N 6   
ALA C   O    doub N N 7   
ALA C   OXT  sing N N 8   
ALA CB  HB1  sing N N 9   
ALA CB  HB2  sing N N 10  
ALA CB  HB3  sing N N 11  
ALA OXT HXT  sing N N 12  
ARG N   CA   sing N N 13  
ARG N   H    sing N N 14  
ARG N   H2   sing N N 15  
ARG CA  C    sing N N 16  
ARG CA  CB   sing N N 17  
ARG CA  HA   sing N N 18  
ARG C   O    doub N N 19  
ARG C   OXT  sing N N 20  
ARG CB  CG   sing N N 21  
ARG CB  HB2  sing N N 22  
ARG CB  HB3  sing N N 23  
ARG CG  CD   sing N N 24  
ARG CG  HG2  sing N N 25  
ARG CG  HG3  sing N N 26  
ARG CD  NE   sing N N 27  
ARG CD  HD2  sing N N 28  
ARG CD  HD3  sing N N 29  
ARG NE  CZ   sing N N 30  
ARG NE  HE   sing N N 31  
ARG CZ  NH1  sing N N 32  
ARG CZ  NH2  doub N N 33  
ARG NH1 HH11 sing N N 34  
ARG NH1 HH12 sing N N 35  
ARG NH2 HH21 sing N N 36  
ARG NH2 HH22 sing N N 37  
ARG OXT HXT  sing N N 38  
ASN N   CA   sing N N 39  
ASN N   H    sing N N 40  
ASN N   H2   sing N N 41  
ASN CA  C    sing N N 42  
ASN CA  CB   sing N N 43  
ASN CA  HA   sing N N 44  
ASN C   O    doub N N 45  
ASN C   OXT  sing N N 46  
ASN CB  CG   sing N N 47  
ASN CB  HB2  sing N N 48  
ASN CB  HB3  sing N N 49  
ASN CG  OD1  doub N N 50  
ASN CG  ND2  sing N N 51  
ASN ND2 HD21 sing N N 52  
ASN ND2 HD22 sing N N 53  
ASN OXT HXT  sing N N 54  
ASP N   CA   sing N N 55  
ASP N   H    sing N N 56  
ASP N   H2   sing N N 57  
ASP CA  C    sing N N 58  
ASP CA  CB   sing N N 59  
ASP CA  HA   sing N N 60  
ASP C   O    doub N N 61  
ASP C   OXT  sing N N 62  
ASP CB  CG   sing N N 63  
ASP CB  HB2  sing N N 64  
ASP CB  HB3  sing N N 65  
ASP CG  OD1  doub N N 66  
ASP CG  OD2  sing N N 67  
ASP OD2 HD2  sing N N 68  
ASP OXT HXT  sing N N 69  
CYS N   CA   sing N N 70  
CYS N   H    sing N N 71  
CYS N   H2   sing N N 72  
CYS CA  C    sing N N 73  
CYS CA  CB   sing N N 74  
CYS CA  HA   sing N N 75  
CYS C   O    doub N N 76  
CYS C   OXT  sing N N 77  
CYS CB  SG   sing N N 78  
CYS CB  HB2  sing N N 79  
CYS CB  HB3  sing N N 80  
CYS SG  HG   sing N N 81  
CYS OXT HXT  sing N N 82  
GLN N   CA   sing N N 83  
GLN N   H    sing N N 84  
GLN N   H2   sing N N 85  
GLN CA  C    sing N N 86  
GLN CA  CB   sing N N 87  
GLN CA  HA   sing N N 88  
GLN C   O    doub N N 89  
GLN C   OXT  sing N N 90  
GLN CB  CG   sing N N 91  
GLN CB  HB2  sing N N 92  
GLN CB  HB3  sing N N 93  
GLN CG  CD   sing N N 94  
GLN CG  HG2  sing N N 95  
GLN CG  HG3  sing N N 96  
GLN CD  OE1  doub N N 97  
GLN CD  NE2  sing N N 98  
GLN NE2 HE21 sing N N 99  
GLN NE2 HE22 sing N N 100 
GLN OXT HXT  sing N N 101 
GLU N   CA   sing N N 102 
GLU N   H    sing N N 103 
GLU N   H2   sing N N 104 
GLU CA  C    sing N N 105 
GLU CA  CB   sing N N 106 
GLU CA  HA   sing N N 107 
GLU C   O    doub N N 108 
GLU C   OXT  sing N N 109 
GLU CB  CG   sing N N 110 
GLU CB  HB2  sing N N 111 
GLU CB  HB3  sing N N 112 
GLU CG  CD   sing N N 113 
GLU CG  HG2  sing N N 114 
GLU CG  HG3  sing N N 115 
GLU CD  OE1  doub N N 116 
GLU CD  OE2  sing N N 117 
GLU OE2 HE2  sing N N 118 
GLU OXT HXT  sing N N 119 
GLY N   CA   sing N N 120 
GLY N   H    sing N N 121 
GLY N   H2   sing N N 122 
GLY CA  C    sing N N 123 
GLY CA  HA2  sing N N 124 
GLY CA  HA3  sing N N 125 
GLY C   O    doub N N 126 
GLY C   OXT  sing N N 127 
GLY OXT HXT  sing N N 128 
HIS N   CA   sing N N 129 
HIS N   H    sing N N 130 
HIS N   H2   sing N N 131 
HIS CA  C    sing N N 132 
HIS CA  CB   sing N N 133 
HIS CA  HA   sing N N 134 
HIS C   O    doub N N 135 
HIS C   OXT  sing N N 136 
HIS CB  CG   sing N N 137 
HIS CB  HB2  sing N N 138 
HIS CB  HB3  sing N N 139 
HIS CG  ND1  sing Y N 140 
HIS CG  CD2  doub Y N 141 
HIS ND1 CE1  doub Y N 142 
HIS ND1 HD1  sing N N 143 
HIS CD2 NE2  sing Y N 144 
HIS CD2 HD2  sing N N 145 
HIS CE1 NE2  sing Y N 146 
HIS CE1 HE1  sing N N 147 
HIS NE2 HE2  sing N N 148 
HIS OXT HXT  sing N N 149 
HOH O   H1   sing N N 150 
HOH O   H2   sing N N 151 
ILE N   CA   sing N N 152 
ILE N   H    sing N N 153 
ILE N   H2   sing N N 154 
ILE CA  C    sing N N 155 
ILE CA  CB   sing N N 156 
ILE CA  HA   sing N N 157 
ILE C   O    doub N N 158 
ILE C   OXT  sing N N 159 
ILE CB  CG1  sing N N 160 
ILE CB  CG2  sing N N 161 
ILE CB  HB   sing N N 162 
ILE CG1 CD1  sing N N 163 
ILE CG1 HG12 sing N N 164 
ILE CG1 HG13 sing N N 165 
ILE CG2 HG21 sing N N 166 
ILE CG2 HG22 sing N N 167 
ILE CG2 HG23 sing N N 168 
ILE CD1 HD11 sing N N 169 
ILE CD1 HD12 sing N N 170 
ILE CD1 HD13 sing N N 171 
ILE OXT HXT  sing N N 172 
LEU N   CA   sing N N 173 
LEU N   H    sing N N 174 
LEU N   H2   sing N N 175 
LEU CA  C    sing N N 176 
LEU CA  CB   sing N N 177 
LEU CA  HA   sing N N 178 
LEU C   O    doub N N 179 
LEU C   OXT  sing N N 180 
LEU CB  CG   sing N N 181 
LEU CB  HB2  sing N N 182 
LEU CB  HB3  sing N N 183 
LEU CG  CD1  sing N N 184 
LEU CG  CD2  sing N N 185 
LEU CG  HG   sing N N 186 
LEU CD1 HD11 sing N N 187 
LEU CD1 HD12 sing N N 188 
LEU CD1 HD13 sing N N 189 
LEU CD2 HD21 sing N N 190 
LEU CD2 HD22 sing N N 191 
LEU CD2 HD23 sing N N 192 
LEU OXT HXT  sing N N 193 
LYS N   CA   sing N N 194 
LYS N   H    sing N N 195 
LYS N   H2   sing N N 196 
LYS CA  C    sing N N 197 
LYS CA  CB   sing N N 198 
LYS CA  HA   sing N N 199 
LYS C   O    doub N N 200 
LYS C   OXT  sing N N 201 
LYS CB  CG   sing N N 202 
LYS CB  HB2  sing N N 203 
LYS CB  HB3  sing N N 204 
LYS CG  CD   sing N N 205 
LYS CG  HG2  sing N N 206 
LYS CG  HG3  sing N N 207 
LYS CD  CE   sing N N 208 
LYS CD  HD2  sing N N 209 
LYS CD  HD3  sing N N 210 
LYS CE  NZ   sing N N 211 
LYS CE  HE2  sing N N 212 
LYS CE  HE3  sing N N 213 
LYS NZ  HZ1  sing N N 214 
LYS NZ  HZ2  sing N N 215 
LYS NZ  HZ3  sing N N 216 
LYS OXT HXT  sing N N 217 
MET N   CA   sing N N 218 
MET N   H    sing N N 219 
MET N   H2   sing N N 220 
MET CA  C    sing N N 221 
MET CA  CB   sing N N 222 
MET CA  HA   sing N N 223 
MET C   O    doub N N 224 
MET C   OXT  sing N N 225 
MET CB  CG   sing N N 226 
MET CB  HB2  sing N N 227 
MET CB  HB3  sing N N 228 
MET CG  SD   sing N N 229 
MET CG  HG2  sing N N 230 
MET CG  HG3  sing N N 231 
MET SD  CE   sing N N 232 
MET CE  HE1  sing N N 233 
MET CE  HE2  sing N N 234 
MET CE  HE3  sing N N 235 
MET OXT HXT  sing N N 236 
MFW C5  C1   sing N N 237 
MFW C5  C4   sing N N 238 
MFW O1  C4   doub N N 239 
MFW C1  C2   sing N N 240 
MFW C4  C3   sing N N 241 
MFW C3  C2   sing N N 242 
MFW C1  H1   sing N N 243 
MFW C1  H2   sing N N 244 
MFW C2  H4   sing N N 245 
MFW C2  H5   sing N N 246 
MFW C3  H6   sing N N 247 
MFW C3  H7   sing N N 248 
MFW C5  H9   sing N N 249 
MFW C5  H10  sing N N 250 
PHE N   CA   sing N N 251 
PHE N   H    sing N N 252 
PHE N   H2   sing N N 253 
PHE CA  C    sing N N 254 
PHE CA  CB   sing N N 255 
PHE CA  HA   sing N N 256 
PHE C   O    doub N N 257 
PHE C   OXT  sing N N 258 
PHE CB  CG   sing N N 259 
PHE CB  HB2  sing N N 260 
PHE CB  HB3  sing N N 261 
PHE CG  CD1  doub Y N 262 
PHE CG  CD2  sing Y N 263 
PHE CD1 CE1  sing Y N 264 
PHE CD1 HD1  sing N N 265 
PHE CD2 CE2  doub Y N 266 
PHE CD2 HD2  sing N N 267 
PHE CE1 CZ   doub Y N 268 
PHE CE1 HE1  sing N N 269 
PHE CE2 CZ   sing Y N 270 
PHE CE2 HE2  sing N N 271 
PHE CZ  HZ   sing N N 272 
PHE OXT HXT  sing N N 273 
PRO N   CA   sing N N 274 
PRO N   CD   sing N N 275 
PRO N   H    sing N N 276 
PRO CA  C    sing N N 277 
PRO CA  CB   sing N N 278 
PRO CA  HA   sing N N 279 
PRO C   O    doub N N 280 
PRO C   OXT  sing N N 281 
PRO CB  CG   sing N N 282 
PRO CB  HB2  sing N N 283 
PRO CB  HB3  sing N N 284 
PRO CG  CD   sing N N 285 
PRO CG  HG2  sing N N 286 
PRO CG  HG3  sing N N 287 
PRO CD  HD2  sing N N 288 
PRO CD  HD3  sing N N 289 
PRO OXT HXT  sing N N 290 
SER N   CA   sing N N 291 
SER N   H    sing N N 292 
SER N   H2   sing N N 293 
SER CA  C    sing N N 294 
SER CA  CB   sing N N 295 
SER CA  HA   sing N N 296 
SER C   O    doub N N 297 
SER C   OXT  sing N N 298 
SER CB  OG   sing N N 299 
SER CB  HB2  sing N N 300 
SER CB  HB3  sing N N 301 
SER OG  HG   sing N N 302 
SER OXT HXT  sing N N 303 
SO4 S   O1   doub N N 304 
SO4 S   O2   doub N N 305 
SO4 S   O3   sing N N 306 
SO4 S   O4   sing N N 307 
THR N   CA   sing N N 308 
THR N   H    sing N N 309 
THR N   H2   sing N N 310 
THR CA  C    sing N N 311 
THR CA  CB   sing N N 312 
THR CA  HA   sing N N 313 
THR C   O    doub N N 314 
THR C   OXT  sing N N 315 
THR CB  OG1  sing N N 316 
THR CB  CG2  sing N N 317 
THR CB  HB   sing N N 318 
THR OG1 HG1  sing N N 319 
THR CG2 HG21 sing N N 320 
THR CG2 HG22 sing N N 321 
THR CG2 HG23 sing N N 322 
THR OXT HXT  sing N N 323 
TYR N   CA   sing N N 324 
TYR N   H    sing N N 325 
TYR N   H2   sing N N 326 
TYR CA  C    sing N N 327 
TYR CA  CB   sing N N 328 
TYR CA  HA   sing N N 329 
TYR C   O    doub N N 330 
TYR C   OXT  sing N N 331 
TYR CB  CG   sing N N 332 
TYR CB  HB2  sing N N 333 
TYR CB  HB3  sing N N 334 
TYR CG  CD1  doub Y N 335 
TYR CG  CD2  sing Y N 336 
TYR CD1 CE1  sing Y N 337 
TYR CD1 HD1  sing N N 338 
TYR CD2 CE2  doub Y N 339 
TYR CD2 HD2  sing N N 340 
TYR CE1 CZ   doub Y N 341 
TYR CE1 HE1  sing N N 342 
TYR CE2 CZ   sing Y N 343 
TYR CE2 HE2  sing N N 344 
TYR CZ  OH   sing N N 345 
TYR OH  HH   sing N N 346 
TYR OXT HXT  sing N N 347 
VAL N   CA   sing N N 348 
VAL N   H    sing N N 349 
VAL N   H2   sing N N 350 
VAL CA  C    sing N N 351 
VAL CA  CB   sing N N 352 
VAL CA  HA   sing N N 353 
VAL C   O    doub N N 354 
VAL C   OXT  sing N N 355 
VAL CB  CG1  sing N N 356 
VAL CB  CG2  sing N N 357 
VAL CB  HB   sing N N 358 
VAL CG1 HG11 sing N N 359 
VAL CG1 HG12 sing N N 360 
VAL CG1 HG13 sing N N 361 
VAL CG2 HG21 sing N N 362 
VAL CG2 HG22 sing N N 363 
VAL CG2 HG23 sing N N 364 
VAL OXT HXT  sing N N 365 
# 
_pdbx_initial_refinement_model.id               1 
_pdbx_initial_refinement_model.entity_id_list   ? 
_pdbx_initial_refinement_model.type             'experimental model' 
_pdbx_initial_refinement_model.source_name      PDB 
_pdbx_initial_refinement_model.accession_code   1RPH 
_pdbx_initial_refinement_model.details          'PDB ENTRY 1RPH' 
# 
_atom_sites.entry_id                    4J61 
_atom_sites.fract_transf_matrix[1][1]   0.01669133 
_atom_sites.fract_transf_matrix[1][2]   -0.00622800 
_atom_sites.fract_transf_matrix[1][3]   0.00369706 
_atom_sites.fract_transf_matrix[2][1]   0.01021394 
_atom_sites.fract_transf_matrix[2][2]   -0.00709112 
_atom_sites.fract_transf_matrix[2][3]   -0.01328343 
_atom_sites.fract_transf_matrix[3][1]   0.00594434 
_atom_sites.fract_transf_matrix[3][2]   0.01415786 
_atom_sites.fract_transf_matrix[3][3]   -0.00298717 
_atom_sites.fract_transf_vector[1]      -0.326297 
_atom_sites.fract_transf_vector[2]      0.160561 
_atom_sites.fract_transf_vector[3]      0.073558 
# 
loop_
_atom_type.symbol 
C 
N 
O 
S 
# 
loop_
_atom_site.group_PDB 
_atom_site.id 
_atom_site.type_symbol 
_atom_site.label_atom_id 
_atom_site.label_alt_id 
_atom_site.label_comp_id 
_atom_site.label_asym_id 
_atom_site.label_entity_id 
_atom_site.label_seq_id 
_atom_site.pdbx_PDB_ins_code 
_atom_site.Cartn_x 
_atom_site.Cartn_y 
_atom_site.Cartn_z 
_atom_site.occupancy 
_atom_site.B_iso_or_equiv 
_atom_site.pdbx_formal_charge 
_atom_site.auth_seq_id 
_atom_site.auth_comp_id 
_atom_site.auth_asym_id 
_atom_site.auth_atom_id 
_atom_site.pdbx_PDB_model_num 
ATOM   1    N N   . LYS A 1 1   ? 15.648  -12.561 3.453   1.00 42.37 ? 1   LYS A N   1 
ATOM   2    C CA  . LYS A 1 1   ? 15.058  -11.238 3.606   1.00 37.02 ? 1   LYS A CA  1 
ATOM   3    C C   . LYS A 1 1   ? 14.645  -10.690 2.242   1.00 33.10 ? 1   LYS A C   1 
ATOM   4    O O   . LYS A 1 1   ? 15.224  -11.058 1.215   1.00 35.67 ? 1   LYS A O   1 
ATOM   5    C CB  . LYS A 1 1   ? 16.061  -10.290 4.270   1.00 39.29 ? 1   LYS A CB  1 
ATOM   6    C CG  . LYS A 1 1   ? 15.435  -9.068  4.930   1.00 41.83 ? 1   LYS A CG  1 
ATOM   7    C CD  . LYS A 1 1   ? 16.487  -8.213  5.638   1.00 44.10 ? 1   LYS A CD  1 
ATOM   8    C CE  . LYS A 1 1   ? 15.835  -7.101  6.456   1.00 53.68 ? 1   LYS A CE  1 
ATOM   9    N NZ  . LYS A 1 1   ? 16.830  -6.271  7.205   1.00 55.82 ? 1   LYS A NZ  1 
ATOM   10   N N   . GLU A 1 2   ? 13.641  -9.819  2.224   1.00 28.69 ? 2   GLU A N   1 
ATOM   11   C CA  . GLU A 1 2   ? 13.198  -9.203  0.980   1.00 24.61 ? 2   GLU A CA  1 
ATOM   12   C C   . GLU A 1 2   ? 13.996  -7.944  0.707   1.00 20.54 ? 2   GLU A C   1 
ATOM   13   O O   . GLU A 1 2   ? 14.457  -7.286  1.633   1.00 22.31 ? 2   GLU A O   1 
ATOM   14   C CB  . GLU A 1 2   ? 11.731  -8.779  1.086   1.00 23.03 ? 2   GLU A CB  1 
ATOM   15   C CG  . GLU A 1 2   ? 10.718  -9.863  1.038   1.00 27.00 ? 2   GLU A CG  1 
ATOM   16   C CD  . GLU A 1 2   ? 9.342   -9.329  1.375   1.00 23.17 ? 2   GLU A CD  1 
ATOM   17   O OE1 . GLU A 1 2   ? 9.187   -8.743  2.469   1.00 25.31 ? 2   GLU A OE1 1 
ATOM   18   O OE2 . GLU A 1 2   ? 8.425   -9.483  0.542   1.00 25.60 ? 2   GLU A OE2 1 
ATOM   19   N N   . THR A 1 3   ? 14.121  -7.580  -0.562  1.00 18.58 ? 3   THR A N   1 
ATOM   20   C CA  . THR A 1 3   ? 14.569  -6.237  -0.896  1.00 18.33 ? 3   THR A CA  1 
ATOM   21   C C   . THR A 1 3   ? 13.452  -5.273  -0.500  1.00 17.20 ? 3   THR A C   1 
ATOM   22   O O   . THR A 1 3   ? 12.290  -5.672  -0.401  1.00 15.82 ? 3   THR A O   1 
ATOM   23   C CB  . THR A 1 3   ? 14.873  -6.076  -2.388  1.00 19.61 ? 3   THR A CB  1 
ATOM   24   O OG1 . THR A 1 3   ? 13.662  -6.212  -3.141  1.00 18.26 ? 3   THR A OG1 1 
ATOM   25   C CG2 . THR A 1 3   ? 15.877  -7.130  -2.852  1.00 19.98 ? 3   THR A CG2 1 
ATOM   26   N N   . ALA A 1 4   ? 13.801  -4.011  -0.280  1.00 16.85 ? 4   ALA A N   1 
ATOM   27   C CA  . ALA A 1 4   ? 12.799  -3.013  0.085   1.00 17.97 ? 4   ALA A CA  1 
ATOM   28   C C   . ALA A 1 4   ? 11.752  -2.872  -1.021  1.00 15.74 ? 4   ALA A C   1 
ATOM   29   O O   . ALA A 1 4   ? 10.551  -2.732  -0.739  1.00 15.20 ? 4   ALA A O   1 
ATOM   30   C CB  . ALA A 1 4   ? 13.462  -1.680  0.353   1.00 20.75 ? 4   ALA A CB  1 
ATOM   31   N N   . ALA A 1 5   ? 12.202  -2.907  -2.274  1.00 14.73 ? 5   ALA A N   1 
ATOM   32   C CA  . ALA A 1 5   ? 11.278  -2.802  -3.409  1.00 15.04 ? 5   ALA A CA  1 
ATOM   33   C C   . ALA A 1 5   ? 10.316  -3.985  -3.470  1.00 14.88 ? 5   ALA A C   1 
ATOM   34   O O   . ALA A 1 5   ? 9.128   -3.817  -3.748  1.00 13.17 ? 5   ALA A O   1 
ATOM   35   C CB  . ALA A 1 5   ? 12.038  -2.683  -4.719  1.00 17.01 ? 5   ALA A CB  1 
ATOM   36   N N   . ALA A 1 6   ? 10.825  -5.188  -3.227  1.00 13.48 ? 6   ALA A N   1 
ATOM   37   C CA  . ALA A 1 6   ? 9.974   -6.368  -3.271  1.00 15.79 ? 6   ALA A CA  1 
ATOM   38   C C   . ALA A 1 6   ? 8.950   -6.349  -2.152  1.00 16.70 ? 6   ALA A C   1 
ATOM   39   O O   . ALA A 1 6   ? 7.798   -6.776  -2.330  1.00 15.39 ? 6   ALA A O   1 
ATOM   40   C CB  . ALA A 1 6   ? 10.825  -7.632  -3.187  1.00 16.51 ? 6   ALA A CB  1 
ATOM   41   N N   . LYS A 1 7   ? 9.368   -5.852  -0.992  1.00 13.80 ? 7   LYS A N   1 
ATOM   42   C CA  . LYS A 1 7   ? 8.468   -5.768  0.151   1.00 15.08 ? 7   LYS A CA  1 
ATOM   43   C C   . LYS A 1 7   ? 7.348   -4.781  -0.166  1.00 14.98 ? 7   LYS A C   1 
ATOM   44   O O   . LYS A 1 7   ? 6.185   -5.025  0.168   1.00 14.09 ? 7   LYS A O   1 
ATOM   45   C CB  . LYS A 1 7   ? 9.222   -5.327  1.402   1.00 18.07 ? 7   LYS A CB  1 
ATOM   46   C CG  . LYS A 1 7   ? 8.329   -5.219  2.620   1.00 19.09 ? 7   LYS A CG  1 
ATOM   47   C CD  . LYS A 1 7   ? 9.128   -4.899  3.886   1.00 23.73 ? 7   LYS A CD  1 
ATOM   48   C CE  . LYS A 1 7   ? 8.286   -5.171  5.129   1.00 33.11 ? 7   LYS A CE  1 
ATOM   49   N NZ  . LYS A 1 7   ? 8.832   -4.484  6.340   1.00 40.73 ? 7   LYS A NZ  1 
ATOM   50   N N   . PHE A 1 8   ? 7.683   -3.673  -0.829  1.00 13.38 ? 8   PHE A N   1 
ATOM   51   C CA  . PHE A 1 8   ? 6.645   -2.722  -1.232  1.00 13.28 ? 8   PHE A CA  1 
ATOM   52   C C   . PHE A 1 8   ? 5.631   -3.385  -2.155  1.00 13.82 ? 8   PHE A C   1 
ATOM   53   O O   . PHE A 1 8   ? 4.409   -3.228  -1.993  1.00 14.31 ? 8   PHE A O   1 
ATOM   54   C CB  . PHE A 1 8   ? 7.254   -1.463  -1.888  1.00 12.27 ? 8   PHE A CB  1 
ATOM   55   C CG  . PHE A 1 8   ? 6.223   -0.487  -2.386  1.00 12.58 ? 8   PHE A CG  1 
ATOM   56   C CD1 . PHE A 1 8   ? 5.614   -0.656  -3.624  1.00 12.99 ? 8   PHE A CD1 1 
ATOM   57   C CD2 . PHE A 1 8   ? 5.848   0.590   -1.600  1.00 13.34 ? 8   PHE A CD2 1 
ATOM   58   C CE1 . PHE A 1 8   ? 4.640   0.235   -4.074  1.00 13.53 ? 8   PHE A CE1 1 
ATOM   59   C CE2 . PHE A 1 8   ? 4.892   1.490   -2.041  1.00 13.05 ? 8   PHE A CE2 1 
ATOM   60   C CZ  . PHE A 1 8   ? 4.281   1.315   -3.275  1.00 12.82 ? 8   PHE A CZ  1 
ATOM   61   N N   . GLU A 1 9   ? 6.131   -4.119  -3.139  1.00 12.55 ? 9   GLU A N   1 
ATOM   62   C CA  . GLU A 1 9   ? 5.254   -4.835  -4.058  1.00 12.17 ? 9   GLU A CA  1 
ATOM   63   C C   . GLU A 1 9   ? 4.333   -5.819  -3.324  1.00 14.64 ? 9   GLU A C   1 
ATOM   64   O O   . GLU A 1 9   ? 3.123   -5.833  -3.548  1.00 13.46 ? 9   GLU A O   1 
ATOM   65   C CB  . GLU A 1 9   ? 6.099   -5.542  -5.137  1.00 13.43 ? 9   GLU A CB  1 
ATOM   66   C CG  . GLU A 1 9   ? 6.776   -4.563  -6.088  1.00 10.48 ? 9   GLU A CG  1 
ATOM   67   C CD  . GLU A 1 9   ? 7.899   -5.193  -6.891  1.00 18.01 ? 9   GLU A CD  1 
ATOM   68   O OE1 . GLU A 1 9   ? 8.264   -6.352  -6.586  1.00 17.70 ? 9   GLU A OE1 1 
ATOM   69   O OE2 . GLU A 1 9   ? 8.409   -4.534  -7.824  1.00 17.78 ? 9   GLU A OE2 1 
ATOM   70   N N   . ARG A 1 10  ? 4.901   -6.611  -2.427  1.00 12.20 ? 10  ARG A N   1 
ATOM   71   C CA  . ARG A 1 10  ? 4.113   -7.590  -1.686  1.00 12.21 ? 10  ARG A CA  1 
ATOM   72   C C   . ARG A 1 10  ? 3.038   -6.927  -0.825  1.00 12.19 ? 10  ARG A C   1 
ATOM   73   O O   . ARG A 1 10  ? 1.897   -7.389  -0.770  1.00 13.32 ? 10  ARG A O   1 
ATOM   74   C CB  . ARG A 1 10  ? 5.007   -8.439  -0.785  1.00 14.08 ? 10  ARG A CB  1 
ATOM   75   C CG  . ARG A 1 10  ? 4.212   -9.469  0.009   1.00 14.99 ? 10  ARG A CG  1 
ATOM   76   C CD  . ARG A 1 10  ? 5.130   -10.399 0.782   1.00 18.31 ? 10  ARG A CD  1 
ATOM   77   N NE  . ARG A 1 10  ? 6.049   -9.693  1.677   1.00 16.14 ? 10  ARG A NE  1 
ATOM   78   C CZ  . ARG A 1 10  ? 5.765   -9.326  2.926   1.00 20.20 ? 10  ARG A CZ  1 
ATOM   79   N NH1 . ARG A 1 10  ? 4.566   -9.558  3.435   1.00 22.39 ? 10  ARG A NH1 1 
ATOM   80   N NH2 . ARG A 1 10  ? 6.675   -8.696  3.659   1.00 21.88 ? 10  ARG A NH2 1 
ATOM   81   N N   . GLN A 1 11  ? 3.393   -5.824  -0.176  1.00 12.66 ? 11  GLN A N   1 
ATOM   82   C CA  . GLN A 1 11  ? 2.458   -5.181  0.739   1.00 13.10 ? 11  GLN A CA  1 
ATOM   83   C C   . GLN A 1 11  ? 1.431   -4.320  0.036   1.00 14.93 ? 11  GLN A C   1 
ATOM   84   O O   . GLN A 1 11  ? 0.306   -4.187  0.515   1.00 13.90 ? 11  GLN A O   1 
ATOM   85   C CB  . GLN A 1 11  ? 3.214   -4.324  1.760   1.00 14.26 ? 11  GLN A CB  1 
ATOM   86   C CG  . GLN A 1 11  ? 4.099   -5.111  2.715   1.00 15.24 ? 11  GLN A CG  1 
ATOM   87   C CD  . GLN A 1 11  ? 4.621   -4.260  3.853   1.00 19.95 ? 11  GLN A CD  1 
ATOM   88   O OE1 . GLN A 1 11  ? 4.421   -4.582  5.029   1.00 20.29 ? 11  GLN A OE1 1 
ATOM   89   N NE2 . GLN A 1 11  ? 5.319   -3.184  3.514   1.00 18.03 ? 11  GLN A NE2 1 
ATOM   90   N N   . HIS A 1 12  ? 1.800   -3.717  -1.091  1.00 12.49 ? 12  HIS A N   1 
ATOM   91   C CA  . HIS A 1 12  ? 0.997   -2.602  -1.586  1.00 12.13 ? 12  HIS A CA  1 
ATOM   92   C C   . HIS A 1 12  ? 0.452   -2.703  -2.995  1.00 15.85 ? 12  HIS A C   1 
ATOM   93   O O   . HIS A 1 12  ? -0.359  -1.880  -3.377  1.00 14.73 ? 12  HIS A O   1 
ATOM   94   C CB  . HIS A 1 12  ? 1.767   -1.280  -1.434  1.00 10.95 ? 12  HIS A CB  1 
ATOM   95   C CG  . HIS A 1 12  ? 2.151   -0.980  -0.023  1.00 12.04 ? 12  HIS A CG  1 
ATOM   96   N ND1 . HIS A 1 12  ? 1.212   -0.833  0.985   1.00 12.12 ? 12  HIS A ND1 1 
ATOM   97   C CD2 . HIS A 1 12  ? 3.358   -0.841  0.563   1.00 12.05 ? 12  HIS A CD2 1 
ATOM   98   C CE1 . HIS A 1 12  ? 1.834   -0.591  2.125   1.00 13.48 ? 12  HIS A CE1 1 
ATOM   99   N NE2 . HIS A 1 12  ? 3.142   -0.575  1.891   1.00 13.61 ? 12  HIS A NE2 1 
ATOM   100  N N   . MET A 1 13  ? 0.886   -3.689  -3.777  1.00 11.81 ? 13  MET A N   1 
ATOM   101  C CA  . MET A 1 13  ? 0.479   -3.742  -5.175  1.00 11.40 ? 13  MET A CA  1 
ATOM   102  C C   . MET A 1 13  ? -0.603  -4.772  -5.390  1.00 14.74 ? 13  MET A C   1 
ATOM   103  O O   . MET A 1 13  ? -0.395  -5.941  -5.079  1.00 14.95 ? 13  MET A O   1 
ATOM   104  C CB  . MET A 1 13  ? 1.675   -4.089  -6.077  1.00 12.48 ? 13  MET A CB  1 
ATOM   105  C CG  . MET A 1 13  ? 2.680   -2.956  -6.290  1.00 12.63 ? 13  MET A CG  1 
ATOM   106  S SD  . MET A 1 13  ? 1.935   -1.425  -6.922  1.00 13.78 ? 13  MET A SD  1 
ATOM   107  C CE  . MET A 1 13  ? 1.080   -2.005  -8.395  1.00 12.21 ? 13  MET A CE  1 
ATOM   108  N N   . ASP A 1 14  ? -1.751  -4.354  -5.923  1.00 13.17 ? 14  ASP A N   1 
ATOM   109  C CA  . ASP A 1 14  ? -2.706  -5.336  -6.448  1.00 15.76 ? 14  ASP A CA  1 
ATOM   110  C C   . ASP A 1 14  ? -3.296  -4.899  -7.775  1.00 15.21 ? 14  ASP A C   1 
ATOM   111  O O   . ASP A 1 14  ? -4.397  -4.356  -7.824  1.00 17.89 ? 14  ASP A O   1 
ATOM   112  C CB  . ASP A 1 14  ? -3.829  -5.653  -5.458  1.00 18.75 ? 14  ASP A CB  1 
ATOM   113  C CG  . ASP A 1 14  ? -4.776  -6.723  -5.993  1.00 21.89 ? 14  ASP A CG  1 
ATOM   114  O OD1 . ASP A 1 14  ? -4.417  -7.397  -6.995  1.00 18.21 ? 14  ASP A OD1 1 
ATOM   115  O OD2 . ASP A 1 14  ? -5.886  -6.883  -5.434  1.00 22.34 ? 14  ASP A OD2 1 
ATOM   116  N N   . SER A 1 15  ? -2.564  -5.167  -8.852  1.00 14.62 ? 15  SER A N   1 
ATOM   117  C CA  . SER A 1 15  ? -2.979  -4.786  -10.199 1.00 16.39 ? 15  SER A CA  1 
ATOM   118  C C   . SER A 1 15  ? -3.983  -5.750  -10.821 1.00 21.29 ? 15  SER A C   1 
ATOM   119  O O   . SER A 1 15  ? -4.373  -5.566  -11.975 1.00 20.83 ? 15  SER A O   1 
ATOM   120  C CB  . SER A 1 15  ? -1.757  -4.730  -11.116 1.00 19.67 ? 15  SER A CB  1 
ATOM   121  O OG  . SER A 1 15  ? -0.693  -4.025  -10.499 1.00 19.22 ? 15  SER A OG  1 
ATOM   122  N N   . SER A 1 16  ? -4.381  -6.780  -10.080 1.00 17.14 ? 16  SER A N   1 
ATOM   123  C CA  . SER A 1 16  ? -5.209  -7.834  -10.656 1.00 20.65 ? 16  SER A CA  1 
ATOM   124  C C   . SER A 1 16  ? -6.683  -7.476  -10.630 1.00 21.11 ? 16  SER A C   1 
ATOM   125  O O   . SER A 1 16  ? -7.508  -8.158  -11.240 1.00 22.63 ? 16  SER A O   1 
ATOM   126  C CB  . SER A 1 16  ? -4.991  -9.158  -9.921  1.00 21.15 ? 16  SER A CB  1 
ATOM   127  O OG  . SER A 1 16  ? -5.697  -9.168  -8.688  1.00 21.91 ? 16  SER A OG  1 
ATOM   128  N N   . THR A 1 17  ? -7.023  -6.417  -9.905  1.00 18.34 ? 17  THR A N   1 
ATOM   129  C CA  . THR A 1 17  ? -8.420  -6.004  -9.814  1.00 20.47 ? 17  THR A CA  1 
ATOM   130  C C   . THR A 1 17  ? -8.476  -4.491  -9.863  1.00 20.67 ? 17  THR A C   1 
ATOM   131  O O   . THR A 1 17  ? -7.536  -3.819  -9.432  1.00 19.37 ? 17  THR A O   1 
ATOM   132  C CB  . THR A 1 17  ? -9.068  -6.519  -8.522  1.00 22.15 ? 17  THR A CB  1 
ATOM   133  O OG1 . THR A 1 17  ? -10.457 -6.163  -8.509  1.00 30.54 ? 17  THR A OG1 1 
ATOM   134  C CG2 . THR A 1 17  ? -8.366  -5.919  -7.305  1.00 16.21 ? 17  THR A CG2 1 
ATOM   135  N N   . SER A 1 18  ? -9.559  -3.948  -10.410 1.00 20.22 ? 18  SER A N   1 
ATOM   136  C CA  . SER A 1 18  ? -9.677  -2.490  -10.519 1.00 21.12 ? 18  SER A CA  1 
ATOM   137  C C   . SER A 1 18  ? -10.067 -1.812  -9.196  1.00 20.91 ? 18  SER A C   1 
ATOM   138  O O   . SER A 1 18  ? -9.895  -0.603  -9.046  1.00 18.73 ? 18  SER A O   1 
ATOM   139  C CB  . SER A 1 18  ? -10.662 -2.115  -11.620 1.00 26.17 ? 18  SER A CB  1 
ATOM   140  O OG  . SER A 1 18  ? -11.957 -2.559  -11.296 1.00 27.74 ? 18  SER A OG  1 
ATOM   141  N N   . ALA A 1 19  ? -10.579 -2.593  -8.249  1.00 18.46 ? 19  ALA A N   1 
ATOM   142  C CA  . ALA A 1 19  ? -10.998 -2.110  -6.929  1.00 17.25 ? 19  ALA A CA  1 
ATOM   143  C C   . ALA A 1 19  ? -11.283 -3.321  -6.053  1.00 20.99 ? 19  ALA A C   1 
ATOM   144  O O   . ALA A 1 19  ? -11.407 -4.435  -6.570  1.00 24.50 ? 19  ALA A O   1 
ATOM   145  C CB  . ALA A 1 19  ? -12.260 -1.267  -7.054  1.00 19.70 ? 19  ALA A CB  1 
ATOM   146  N N   . ALA A 1 20  ? -11.408 -3.107  -4.741  1.00 17.91 ? 20  ALA A N   1 
ATOM   147  C CA  . ALA A 1 20  ? -11.773 -4.188  -3.825  1.00 19.79 ? 20  ALA A CA  1 
ATOM   148  C C   . ALA A 1 20  ? -13.060 -4.864  -4.293  1.00 24.61 ? 20  ALA A C   1 
ATOM   149  O O   . ALA A 1 20  ? -14.014 -4.191  -4.670  1.00 27.82 ? 20  ALA A O   1 
ATOM   150  C CB  . ALA A 1 20  ? -11.934 -3.664  -2.411  1.00 19.30 ? 20  ALA A CB  1 
ATOM   151  N N   . SER A 1 21  ? -13.070 -6.196  -4.278  1.00 29.90 ? 21  SER A N   1 
ATOM   152  C CA  . SER A 1 21  ? -14.179 -6.963  -4.843  1.00 32.90 ? 21  SER A CA  1 
ATOM   153  C C   . SER A 1 21  ? -15.337 -7.172  -3.861  1.00 33.63 ? 21  SER A C   1 
ATOM   154  O O   . SER A 1 21  ? -16.480 -7.379  -4.269  1.00 36.91 ? 21  SER A O   1 
ATOM   155  C CB  . SER A 1 21  ? -13.674 -8.308  -5.368  1.00 36.19 ? 21  SER A CB  1 
ATOM   156  O OG  . SER A 1 21  ? -12.593 -8.793  -4.585  1.00 34.22 ? 21  SER A OG  1 
ATOM   157  N N   . SER A 1 22  ? -15.042 -7.100  -2.569  1.00 28.74 ? 22  SER A N   1 
ATOM   158  C CA  . SER A 1 22  ? -16.049 -7.340  -1.542  1.00 28.22 ? 22  SER A CA  1 
ATOM   159  C C   . SER A 1 22  ? -15.578 -6.776  -0.216  1.00 28.03 ? 22  SER A C   1 
ATOM   160  O O   . SER A 1 22  ? -14.421 -6.360  -0.083  1.00 22.04 ? 22  SER A O   1 
ATOM   161  C CB  . SER A 1 22  ? -16.286 -8.844  -1.382  1.00 29.17 ? 22  SER A CB  1 
ATOM   162  O OG  . SER A 1 22  ? -15.232 -9.450  -0.650  1.00 24.28 ? 22  SER A OG  1 
ATOM   163  N N   . SER A 1 23  ? -16.460 -6.796  0.777   1.00 22.43 ? 23  SER A N   1 
ATOM   164  C CA  . SER A 1 23  ? -16.095 -6.376  2.124   1.00 22.24 ? 23  SER A CA  1 
ATOM   165  C C   . SER A 1 23  ? -15.082 -7.320  2.750   1.00 19.37 ? 23  SER A C   1 
ATOM   166  O O   . SER A 1 23  ? -14.512 -7.014  3.784   1.00 19.60 ? 23  SER A O   1 
ATOM   167  C CB  . SER A 1 23  ? -17.327 -6.300  3.019   1.00 30.23 ? 23  SER A CB  1 
ATOM   168  O OG  . SER A 1 23  ? -17.980 -7.549  3.062   1.00 29.48 ? 23  SER A OG  1 
ATOM   169  N N   . ASN A 1 24  ? -14.866 -8.476  2.135   1.00 20.37 ? 24  ASN A N   1 
ATOM   170  C CA  . ASN A 1 24  ? -13.901 -9.417  2.664   1.00 20.28 ? 24  ASN A CA  1 
ATOM   171  C C   . ASN A 1 24  ? -12.536 -9.282  2.003   1.00 19.20 ? 24  ASN A C   1 
ATOM   172  O O   . ASN A 1 24  ? -11.621 -10.034 2.328   1.00 17.55 ? 24  ASN A O   1 
ATOM   173  C CB  . ASN A 1 24  ? -14.411 -10.843 2.487   1.00 23.95 ? 24  ASN A CB  1 
ATOM   174  C CG  . ASN A 1 24  ? -13.930 -11.752 3.578   1.00 30.54 ? 24  ASN A CG  1 
ATOM   175  O OD1 . ASN A 1 24  ? -13.320 -12.792 3.316   1.00 40.09 ? 24  ASN A OD1 1 
ATOM   176  N ND2 . ASN A 1 24  ? -14.183 -11.356 4.823   1.00 27.45 ? 24  ASN A ND2 1 
ATOM   177  N N   . TYR A 1 25  ? -12.402 -8.320  1.092   1.00 16.40 ? 25  TYR A N   1 
ATOM   178  C CA  . TYR A 1 25  ? -11.159 -8.161  0.341   1.00 18.32 ? 25  TYR A CA  1 
ATOM   179  C C   . TYR A 1 25  ? -9.934  -8.054  1.264   1.00 16.37 ? 25  TYR A C   1 
ATOM   180  O O   . TYR A 1 25  ? -8.926  -8.742  1.055   1.00 16.08 ? 25  TYR A O   1 
ATOM   181  C CB  . TYR A 1 25  ? -11.258 -6.951  -0.607  1.00 16.55 ? 25  TYR A CB  1 
ATOM   182  C CG  . TYR A 1 25  ? -9.953  -6.586  -1.285  1.00 16.06 ? 25  TYR A CG  1 
ATOM   183  C CD1 . TYR A 1 25  ? -9.607  -7.142  -2.504  1.00 20.33 ? 25  TYR A CD1 1 
ATOM   184  C CD2 . TYR A 1 25  ? -9.083  -5.669  -0.709  1.00 16.22 ? 25  TYR A CD2 1 
ATOM   185  C CE1 . TYR A 1 25  ? -8.412  -6.803  -3.137  1.00 19.18 ? 25  TYR A CE1 1 
ATOM   186  C CE2 . TYR A 1 25  ? -7.879  -5.331  -1.327  1.00 16.63 ? 25  TYR A CE2 1 
ATOM   187  C CZ  . TYR A 1 25  ? -7.560  -5.903  -2.539  1.00 18.65 ? 25  TYR A CZ  1 
ATOM   188  O OH  . TYR A 1 25  ? -6.373  -5.582  -3.159  1.00 18.97 ? 25  TYR A OH  1 
ATOM   189  N N   . CYS A 1 26  ? -10.004 -7.199  2.283   1.00 15.98 ? 26  CYS A N   1 
ATOM   190  C CA  . CYS A 1 26  ? -8.846  -6.989  3.140   1.00 14.25 ? 26  CYS A CA  1 
ATOM   191  C C   . CYS A 1 26  ? -8.522  -8.229  3.955   1.00 15.72 ? 26  CYS A C   1 
ATOM   192  O O   . CYS A 1 26  ? -7.357  -8.576  4.131   1.00 16.71 ? 26  CYS A O   1 
ATOM   193  C CB  . CYS A 1 26  ? -9.046  -5.766  4.047   1.00 14.49 ? 26  CYS A CB  1 
ATOM   194  S SG  . CYS A 1 26  ? -8.856  -4.231  3.135   1.00 14.94 ? 26  CYS A SG  1 
ATOM   195  N N   . ASN A 1 27  ? -9.546  -8.898  4.477   1.00 15.28 ? 27  ASN A N   1 
ATOM   196  C CA  . ASN A 1 27  ? -9.292  -10.129 5.206   1.00 15.35 ? 27  ASN A CA  1 
ATOM   197  C C   . ASN A 1 27  ? -8.507  -11.116 4.347   1.00 15.74 ? 27  ASN A C   1 
ATOM   198  O O   . ASN A 1 27  ? -7.544  -11.726 4.819   1.00 19.45 ? 27  ASN A O   1 
ATOM   199  C CB  . ASN A 1 27  ? -10.609 -10.751 5.683   1.00 18.70 ? 27  ASN A CB  1 
ATOM   200  C CG  . ASN A 1 27  ? -11.221 -9.992  6.840   1.00 17.73 ? 27  ASN A CG  1 
ATOM   201  O OD1 . ASN A 1 27  ? -10.511 -9.402  7.657   1.00 19.61 ? 27  ASN A OD1 1 
ATOM   202  N ND2 . ASN A 1 27  ? -12.549 -10.006 6.920   1.00 23.88 ? 27  ASN A ND2 1 
ATOM   203  N N   . GLN A 1 28  ? -8.894  -11.229 3.083   1.00 15.14 ? 28  GLN A N   1 
ATOM   204  C CA  . GLN A 1 28  ? -8.263  -12.182 2.174   1.00 16.98 ? 28  GLN A CA  1 
ATOM   205  C C   . GLN A 1 28  ? -6.850  -11.726 1.840   1.00 17.79 ? 28  GLN A C   1 
ATOM   206  O O   . GLN A 1 28  ? -5.896  -12.501 1.945   1.00 18.33 ? 28  GLN A O   1 
ATOM   207  C CB  . GLN A 1 28  ? -9.089  -12.323 0.893   1.00 19.18 ? 28  GLN A CB  1 
ATOM   208  C CG  . GLN A 1 28  ? -10.465 -12.946 1.105   1.00 27.15 ? 28  GLN A CG  1 
ATOM   209  C CD  . GLN A 1 28  ? -11.448 -12.612 -0.017  1.00 35.57 ? 28  GLN A CD  1 
ATOM   210  O OE1 . GLN A 1 28  ? -11.158 -11.803 -0.908  1.00 38.61 ? 28  GLN A OE1 1 
ATOM   211  N NE2 . GLN A 1 28  ? -12.626 -13.226 0.036   1.00 40.31 ? 28  GLN A NE2 1 
ATOM   212  N N   . MET A 1 29  ? -6.718  -10.459 1.453   1.00 17.82 ? 29  MET A N   1 
ATOM   213  C CA  . MET A 1 29  ? -5.421  -9.930  1.015   1.00 15.83 ? 29  MET A CA  1 
ATOM   214  C C   . MET A 1 29  ? -4.381  -9.823  2.115   1.00 18.41 ? 29  MET A C   1 
ATOM   215  O O   . MET A 1 29  ? -3.196  -10.067 1.875   1.00 15.73 ? 29  MET A O   1 
ATOM   216  C CB  . MET A 1 29  ? -5.595  -8.569  0.323   1.00 15.70 ? 29  MET A CB  1 
ATOM   217  C CG  . MET A 1 29  ? -6.334  -8.670  -0.991  1.00 16.33 ? 29  MET A CG  1 
ATOM   218  S SD  . MET A 1 29  ? -5.436  -9.557  -2.283  1.00 20.83 ? 29  MET A SD  1 
ATOM   219  C CE  . MET A 1 29  ? -4.049  -8.449  -2.519  1.00 18.64 ? 29  MET A CE  1 
ATOM   220  N N   . MET A 1 30  ? -4.793  -9.443  3.322   1.00 15.61 ? 30  MET A N   1 
ATOM   221  C CA  . MET A 1 30  ? -3.824  -9.318  4.405   1.00 15.20 ? 30  MET A CA  1 
ATOM   222  C C   . MET A 1 30  ? -3.251  -10.684 4.726   1.00 16.72 ? 30  MET A C   1 
ATOM   223  O O   . MET A 1 30  ? -2.081  -10.805 5.075   1.00 18.64 ? 30  MET A O   1 
ATOM   224  C CB  . MET A 1 30  ? -4.442  -8.671  5.651   1.00 19.12 ? 30  MET A CB  1 
ATOM   225  C CG  . MET A 1 30  ? -4.858  -7.209  5.424   1.00 15.69 ? 30  MET A CG  1 
ATOM   226  S SD  . MET A 1 30  ? -3.483  -6.131  4.976   1.00 16.40 ? 30  MET A SD  1 
ATOM   227  C CE  . MET A 1 30  ? -2.704  -5.902  6.555   1.00 17.57 ? 30  MET A CE  1 
ATOM   228  N N   . LYS A 1 31  ? -4.076  -11.715 4.582   1.00 18.86 ? 31  LYS A N   1 
ATOM   229  C CA  . LYS A 1 31  ? -3.610  -13.065 4.862   1.00 20.44 ? 31  LYS A CA  1 
ATOM   230  C C   . LYS A 1 31  ? -2.691  -13.564 3.762   1.00 17.55 ? 31  LYS A C   1 
ATOM   231  O O   . LYS A 1 31  ? -1.578  -14.027 4.038   1.00 22.26 ? 31  LYS A O   1 
ATOM   232  C CB  . LYS A 1 31  ? -4.791  -14.025 5.061   1.00 21.09 ? 31  LYS A CB  1 
ATOM   233  C CG  . LYS A 1 31  ? -4.356  -15.476 5.257   1.00 29.38 ? 31  LYS A CG  1 
ATOM   234  C CD  . LYS A 1 31  ? -5.502  -16.356 5.738   1.00 33.78 ? 31  LYS A CD  1 
ATOM   235  C CE  . LYS A 1 31  ? -5.049  -17.808 5.870   1.00 41.26 ? 31  LYS A CE  1 
ATOM   236  N NZ  . LYS A 1 31  ? -3.885  -17.952 6.790   1.00 47.41 ? 31  LYS A NZ  1 
ATOM   237  N N   . SER A 1 32  ? -3.127  -13.434 2.515   1.00 18.27 ? 32  SER A N   1 
ATOM   238  C CA  . SER A 1 32  ? -2.381  -14.009 1.403   1.00 19.25 ? 32  SER A CA  1 
ATOM   239  C C   . SER A 1 32  ? -1.083  -13.258 1.110   1.00 21.38 ? 32  SER A C   1 
ATOM   240  O O   . SER A 1 32  ? -0.151  -13.831 0.539   1.00 21.70 ? 32  SER A O   1 
ATOM   241  C CB  . SER A 1 32  ? -3.252  -14.098 0.158   1.00 21.39 ? 32  SER A CB  1 
ATOM   242  O OG  . SER A 1 32  ? -3.654  -12.814 -0.264  1.00 21.80 ? 32  SER A OG  1 
ATOM   243  N N   . ARG A 1 33  ? -1.005  -11.987 1.502   1.00 17.21 ? 33  ARG A N   1 
ATOM   244  C CA  . ARG A 1 33  ? 0.250   -11.249 1.368   1.00 14.61 ? 33  ARG A CA  1 
ATOM   245  C C   . ARG A 1 33  ? 1.167   -11.394 2.580   1.00 17.46 ? 33  ARG A C   1 
ATOM   246  O O   . ARG A 1 33  ? 2.153   -10.672 2.711   1.00 20.80 ? 33  ARG A O   1 
ATOM   247  C CB  . ARG A 1 33  ? -0.020  -9.767  1.037   1.00 15.45 ? 33  ARG A CB  1 
ATOM   248  C CG  . ARG A 1 33  ? -0.749  -9.572  -0.299  1.00 14.64 ? 33  ARG A CG  1 
ATOM   249  C CD  . ARG A 1 33  ? 0.016   -10.193 -1.485  1.00 14.45 ? 33  ARG A CD  1 
ATOM   250  N NE  . ARG A 1 33  ? -0.623  -9.932  -2.774  1.00 13.86 ? 33  ARG A NE  1 
ATOM   251  C CZ  . ARG A 1 33  ? -0.414  -8.849  -3.529  1.00 16.10 ? 33  ARG A CZ  1 
ATOM   252  N NH1 . ARG A 1 33  ? 0.444   -7.911  -3.134  1.00 13.08 ? 33  ARG A NH1 1 
ATOM   253  N NH2 . ARG A 1 33  ? -1.054  -8.706  -4.689  1.00 13.82 ? 33  ARG A NH2 1 
ATOM   254  N N   . ASN A 1 34  ? 0.835   -12.335 3.469   1.00 18.17 ? 34  ASN A N   1 
ATOM   255  C CA  . ASN A 1 34  ? 1.663   -12.621 4.638   1.00 20.13 ? 34  ASN A CA  1 
ATOM   256  C C   . ASN A 1 34  ? 1.818   -11.461 5.613   1.00 23.64 ? 34  ASN A C   1 
ATOM   257  O O   . ASN A 1 34  ? 2.872   -11.282 6.231   1.00 24.12 ? 34  ASN A O   1 
ATOM   258  C CB  . ASN A 1 34  ? 3.047   -13.146 4.212   1.00 23.12 ? 34  ASN A CB  1 
ATOM   259  C CG  . ASN A 1 34  ? 2.973   -14.497 3.517   1.00 25.39 ? 34  ASN A CG  1 
ATOM   260  O OD1 . ASN A 1 34  ? 2.186   -15.360 3.896   1.00 31.04 ? 34  ASN A OD1 1 
ATOM   261  N ND2 . ASN A 1 34  ? 3.801   -14.681 2.487   1.00 31.16 ? 34  ASN A ND2 1 
ATOM   262  N N   . LEU A 1 35  ? 0.756   -10.671 5.751   1.00 19.86 ? 35  LEU A N   1 
ATOM   263  C CA  . LEU A 1 35  ? 0.758   -9.543  6.662   1.00 21.11 ? 35  LEU A CA  1 
ATOM   264  C C   . LEU A 1 35  ? 0.067   -9.873  7.990   1.00 22.75 ? 35  LEU A C   1 
ATOM   265  O O   . LEU A 1 35  ? -0.107  -8.996  8.837   1.00 24.90 ? 35  LEU A O   1 
ATOM   266  C CB  . LEU A 1 35  ? 0.109   -8.330  5.983   1.00 19.57 ? 35  LEU A CB  1 
ATOM   267  C CG  . LEU A 1 35  ? 0.849   -7.888  4.717   1.00 19.38 ? 35  LEU A CG  1 
ATOM   268  C CD1 . LEU A 1 35  ? 0.179   -6.678  4.072   1.00 18.08 ? 35  LEU A CD1 1 
ATOM   269  C CD2 . LEU A 1 35  ? 2.293   -7.570  5.050   1.00 20.43 ? 35  LEU A CD2 1 
ATOM   270  N N   . THR A 1 36  ? -0.320  -11.138 8.178   1.00 21.01 ? 36  THR A N   1 
ATOM   271  C CA  . THR A 1 36  ? -0.923  -11.561 9.447   1.00 23.92 ? 36  THR A CA  1 
ATOM   272  C C   . THR A 1 36  ? -0.135  -12.685 10.130  1.00 30.00 ? 36  THR A C   1 
ATOM   273  O O   . THR A 1 36  ? -0.617  -13.295 11.085  1.00 28.98 ? 36  THR A O   1 
ATOM   274  C CB  . THR A 1 36  ? -2.394  -11.984 9.277   1.00 20.89 ? 36  THR A CB  1 
ATOM   275  O OG1 . THR A 1 36  ? -2.473  -13.134 8.436   1.00 22.41 ? 36  THR A OG1 1 
ATOM   276  C CG2 . THR A 1 36  ? -3.196  -10.854 8.625   1.00 25.11 ? 36  THR A CG2 1 
ATOM   277  N N   . LYS A 1 37  ? 1.079   -12.938 9.645   1.00 28.87 ? 37  LYS A N   1 
ATOM   278  C CA  . LYS A 1 37  ? 1.869   -14.089 10.096  1.00 34.44 ? 37  LYS A CA  1 
ATOM   279  C C   . LYS A 1 37  ? 2.436   -13.921 11.508  1.00 36.61 ? 37  LYS A C   1 
ATOM   280  O O   . LYS A 1 37  ? 2.123   -14.703 12.409  1.00 41.55 ? 37  LYS A O   1 
ATOM   281  C CB  . LYS A 1 37  ? 2.998   -14.386 9.096   1.00 37.01 ? 37  LYS A CB  1 
ATOM   282  C CG  . LYS A 1 37  ? 3.722   -15.704 9.335   1.00 44.96 ? 37  LYS A CG  1 
ATOM   283  C CD  . LYS A 1 37  ? 4.893   -15.888 8.368   1.00 49.22 ? 37  LYS A CD  1 
ATOM   284  C CE  . LYS A 1 37  ? 5.589   -17.230 8.589   1.00 51.63 ? 37  LYS A CE  1 
ATOM   285  N NZ  . LYS A 1 37  ? 6.843   -17.347 7.793   1.00 55.81 ? 37  LYS A NZ  1 
ATOM   286  N N   . ASP A 1 38  ? 3.259   -12.898 11.698  1.00 38.74 ? 38  ASP A N   1 
ATOM   287  C CA  . ASP A 1 38  ? 3.893   -12.639 12.990  1.00 42.38 ? 38  ASP A CA  1 
ATOM   288  C C   . ASP A 1 38  ? 2.988   -11.841 13.931  1.00 44.81 ? 38  ASP A C   1 
ATOM   289  O O   . ASP A 1 38  ? 3.185   -11.835 15.150  1.00 42.90 ? 38  ASP A O   1 
ATOM   290  C CB  . ASP A 1 38  ? 5.201   -11.879 12.771  1.00 42.65 ? 38  ASP A CB  1 
ATOM   291  C CG  . ASP A 1 38  ? 5.036   -10.714 11.811  1.00 48.90 ? 38  ASP A CG  1 
ATOM   292  O OD1 . ASP A 1 38  ? 4.153   -10.792 10.923  1.00 49.39 ? 38  ASP A OD1 1 
ATOM   293  O OD2 . ASP A 1 38  ? 5.785   -9.720  11.939  1.00 55.03 ? 38  ASP A OD2 1 
ATOM   294  N N   . ARG A 1 39  ? 1.998   -11.172 13.345  1.00 38.62 ? 39  ARG A N   1 
ATOM   295  C CA  . ARG A 1 39  ? 1.088   -10.288 14.063  1.00 35.74 ? 39  ARG A CA  1 
ATOM   296  C C   . ARG A 1 39  ? 0.082   -9.791  13.047  1.00 32.79 ? 39  ARG A C   1 
ATOM   297  O O   . ARG A 1 39  ? 0.257   -10.012 11.846  1.00 29.03 ? 39  ARG A O   1 
ATOM   298  C CB  . ARG A 1 39  ? 1.835   -9.076  14.615  1.00 35.53 ? 39  ARG A CB  1 
ATOM   299  C CG  . ARG A 1 39  ? 2.394   -8.170  13.517  1.00 40.86 ? 39  ARG A CG  1 
ATOM   300  C CD  . ARG A 1 39  ? 2.378   -6.704  13.921  1.00 42.55 ? 39  ARG A CD  1 
ATOM   301  N NE  . ARG A 1 39  ? 2.549   -5.822  12.767  1.00 45.41 ? 39  ARG A NE  1 
ATOM   302  C CZ  . ARG A 1 39  ? 3.545   -4.954  12.626  1.00 46.45 ? 39  ARG A CZ  1 
ATOM   303  N NH1 . ARG A 1 39  ? 4.463   -4.840  13.576  1.00 58.05 ? 39  ARG A NH1 1 
ATOM   304  N NH2 . ARG A 1 39  ? 3.620   -4.193  11.540  1.00 47.20 ? 39  ARG A NH2 1 
ATOM   305  N N   . CYS A 1 40  ? -0.962  -9.113  13.511  1.00 29.62 ? 40  CYS A N   1 
ATOM   306  C CA  . CYS A 1 40  ? -1.862  -8.425  12.588  1.00 28.59 ? 40  CYS A CA  1 
ATOM   307  C C   . CYS A 1 40  ? -1.241  -7.086  12.227  1.00 26.77 ? 40  CYS A C   1 
ATOM   308  O O   . CYS A 1 40  ? -1.105  -6.215  13.091  1.00 26.59 ? 40  CYS A O   1 
ATOM   309  C CB  . CYS A 1 40  ? -3.218  -8.161  13.238  1.00 27.27 ? 40  CYS A CB  1 
ATOM   310  S SG  . CYS A 1 40  ? -4.041  -9.602  13.933  1.00 29.57 ? 40  CYS A SG  1 
ATOM   311  N N   . LYS A 1 41  ? -0.854  -6.895  10.966  1.00 24.55 ? 41  LYS A N   1 
ATOM   312  C CA  . LYS A 1 41  ? -0.392  -5.568  10.575  1.00 23.71 ? 41  LYS A CA  1 
ATOM   313  C C   . LYS A 1 41  ? -1.596  -4.635  10.727  1.00 20.19 ? 41  LYS A C   1 
ATOM   314  O O   . LYS A 1 41  ? -2.651  -4.897  10.173  1.00 19.84 ? 41  LYS A O   1 
ATOM   315  C CB  . LYS A 1 41  ? 0.158   -5.537  9.134   1.00 20.24 ? 41  LYS A CB  1 
ATOM   316  C CG  . LYS A 1 41  ? 0.812   -4.184  8.806   1.00 21.16 ? 41  LYS A CG  1 
ATOM   317  C CD  . LYS A 1 41  ? 1.385   -4.102  7.384   1.00 21.64 ? 41  LYS A CD  1 
ATOM   318  C CE  . LYS A 1 41  ? 1.998   -2.715  7.140   1.00 24.34 ? 41  LYS A CE  1 
ATOM   319  N NZ  . LYS A 1 41  ? 2.445   -2.500  5.723   1.00 23.06 ? 41  LYS A NZ  1 
ATOM   320  N N   . PRO A 1 42  ? -1.447  -3.555  11.509  1.00 21.00 ? 42  PRO A N   1 
ATOM   321  C CA  . PRO A 1 42  ? -2.637  -2.767  11.876  1.00 21.90 ? 42  PRO A CA  1 
ATOM   322  C C   . PRO A 1 42  ? -3.281  -2.037  10.682  1.00 20.44 ? 42  PRO A C   1 
ATOM   323  O O   . PRO A 1 42  ? -4.511  -2.012  10.574  1.00 19.84 ? 42  PRO A O   1 
ATOM   324  C CB  . PRO A 1 42  ? -2.096  -1.756  12.902  1.00 21.27 ? 42  PRO A CB  1 
ATOM   325  C CG  . PRO A 1 42  ? -0.771  -2.328  13.369  1.00 26.91 ? 42  PRO A CG  1 
ATOM   326  C CD  . PRO A 1 42  ? -0.225  -3.077  12.179  1.00 24.34 ? 42  PRO A CD  1 
ATOM   327  N N   . VAL A 1 43  ? -2.466  -1.441  9.816   1.00 17.11 ? 43  VAL A N   1 
ATOM   328  C CA  . VAL A 1 43  ? -2.961  -0.648  8.695   1.00 16.48 ? 43  VAL A CA  1 
ATOM   329  C C   . VAL A 1 43  ? -2.137  -0.950  7.446   1.00 16.92 ? 43  VAL A C   1 
ATOM   330  O O   . VAL A 1 43  ? -0.919  -1.061  7.526   1.00 18.62 ? 43  VAL A O   1 
ATOM   331  C CB  . VAL A 1 43  ? -2.842  0.855   9.009   1.00 18.30 ? 43  VAL A CB  1 
ATOM   332  C CG1 . VAL A 1 43  ? -3.328  1.686   7.844   1.00 21.08 ? 43  VAL A CG1 1 
ATOM   333  C CG2 . VAL A 1 43  ? -3.644  1.182   10.272  1.00 20.06 ? 43  VAL A CG2 1 
ATOM   334  N N   . ASN A 1 44  ? -2.799  -1.088  6.306   1.00 14.39 ? 44  ASN A N   1 
ATOM   335  C CA  . ASN A 1 44  ? -2.092  -1.367  5.054   1.00 15.32 ? 44  ASN A CA  1 
ATOM   336  C C   . ASN A 1 44  ? -2.916  -1.002  3.830   1.00 15.63 ? 44  ASN A C   1 
ATOM   337  O O   . ASN A 1 44  ? -4.085  -1.365  3.725   1.00 19.24 ? 44  ASN A O   1 
ATOM   338  C CB  . ASN A 1 44  ? -1.697  -2.849  4.975   1.00 13.16 ? 44  ASN A CB  1 
ATOM   339  C CG  . ASN A 1 44  ? -0.800  -3.143  3.778   1.00 15.38 ? 44  ASN A CG  1 
ATOM   340  O OD1 . ASN A 1 44  ? 0.371   -2.752  3.770   1.00 17.94 ? 44  ASN A OD1 1 
ATOM   341  N ND2 . ASN A 1 44  ? -1.350  -3.795  2.753   1.00 13.40 ? 44  ASN A ND2 1 
ATOM   342  N N   . THR A 1 45  ? -2.297  -0.319  2.873   1.00 11.93 ? 45  THR A N   1 
ATOM   343  C CA  . THR A 1 45  ? -3.022  0.118   1.686   1.00 10.95 ? 45  THR A CA  1 
ATOM   344  C C   . THR A 1 45  ? -2.573  -0.666  0.443   1.00 12.77 ? 45  THR A C   1 
ATOM   345  O O   . THR A 1 45  ? -1.374  -0.869  0.226   1.00 14.16 ? 45  THR A O   1 
ATOM   346  C CB  . THR A 1 45  ? -2.752  1.610   1.411   1.00 14.11 ? 45  THR A CB  1 
ATOM   347  O OG1 . THR A 1 45  ? -3.116  2.371   2.575   1.00 16.65 ? 45  THR A OG1 1 
ATOM   348  C CG2 . THR A 1 45  ? -3.570  2.092   0.224   1.00 15.31 ? 45  THR A CG2 1 
ATOM   349  N N   . PHE A 1 46  ? -3.543  -1.111  -0.350  1.00 10.11 ? 46  PHE A N   1 
ATOM   350  C CA  . PHE A 1 46  ? -3.280  -1.762  -1.639  1.00 11.68 ? 46  PHE A CA  1 
ATOM   351  C C   . PHE A 1 46  ? -3.606  -0.821  -2.782  1.00 12.74 ? 46  PHE A C   1 
ATOM   352  O O   . PHE A 1 46  ? -4.597  -0.100  -2.731  1.00 15.66 ? 46  PHE A O   1 
ATOM   353  C CB  . PHE A 1 46  ? -4.107  -3.053  -1.768  1.00 12.75 ? 46  PHE A CB  1 
ATOM   354  C CG  . PHE A 1 46  ? -3.632  -4.166  -0.873  1.00 13.78 ? 46  PHE A CG  1 
ATOM   355  C CD1 . PHE A 1 46  ? -2.530  -4.929  -1.236  1.00 14.00 ? 46  PHE A CD1 1 
ATOM   356  C CD2 . PHE A 1 46  ? -4.265  -4.433  0.330   1.00 15.65 ? 46  PHE A CD2 1 
ATOM   357  C CE1 . PHE A 1 46  ? -2.066  -5.947  -0.408  1.00 14.70 ? 46  PHE A CE1 1 
ATOM   358  C CE2 . PHE A 1 46  ? -3.812  -5.462  1.162   1.00 15.96 ? 46  PHE A CE2 1 
ATOM   359  C CZ  . PHE A 1 46  ? -2.709  -6.211  0.788   1.00 15.15 ? 46  PHE A CZ  1 
ATOM   360  N N   . VAL A 1 47  ? -2.778  -0.826  -3.824  1.00 11.67 ? 47  VAL A N   1 
ATOM   361  C CA  . VAL A 1 47  ? -2.983  0.069   -4.965  1.00 12.78 ? 47  VAL A CA  1 
ATOM   362  C C   . VAL A 1 47  ? -3.365  -0.743  -6.179  1.00 13.91 ? 47  VAL A C   1 
ATOM   363  O O   . VAL A 1 47  ? -2.662  -1.688  -6.553  1.00 14.79 ? 47  VAL A O   1 
ATOM   364  C CB  . VAL A 1 47  ? -1.712  0.884   -5.290  1.00 11.00 ? 47  VAL A CB  1 
ATOM   365  C CG1 . VAL A 1 47  ? -1.982  1.898   -6.441  1.00 13.23 ? 47  VAL A CG1 1 
ATOM   366  C CG2 . VAL A 1 47  ? -1.205  1.602   -4.055  1.00 13.79 ? 47  VAL A CG2 1 
ATOM   367  N N   . HIS A 1 48  ? -4.478  -0.361  -6.800  1.00 11.71 ? 48  HIS A N   1 
ATOM   368  C CA  . HIS A 1 48  ? -5.058  -1.079  -7.935  1.00 13.22 ? 48  HIS A CA  1 
ATOM   369  C C   . HIS A 1 48  ? -4.739  -0.352  -9.226  1.00 17.34 ? 48  HIS A C   1 
ATOM   370  O O   . HIS A 1 48  ? -5.636  0.107   -9.952  1.00 19.90 ? 48  HIS A O   1 
ATOM   371  C CB  . HIS A 1 48  ? -6.570  -1.155  -7.789  1.00 16.51 ? 48  HIS A CB  1 
ATOM   372  C CG  . HIS A 1 48  ? -7.020  -1.768  -6.508  1.00 14.45 ? 48  HIS A CG  1 
ATOM   373  N ND1 . HIS A 1 48  ? -7.000  -3.131  -6.289  1.00 20.62 ? 48  HIS A ND1 1 
ATOM   374  C CD2 . HIS A 1 48  ? -7.514  -1.217  -5.372  1.00 14.66 ? 48  HIS A CD2 1 
ATOM   375  C CE1 . HIS A 1 48  ? -7.468  -3.391  -5.088  1.00 22.86 ? 48  HIS A CE1 1 
ATOM   376  N NE2 . HIS A 1 48  ? -7.786  -2.245  -4.504  1.00 17.04 ? 48  HIS A NE2 1 
ATOM   377  N N   . GLU A 1 49  ? -3.455  -0.213  -9.496  1.00 14.80 ? 49  GLU A N   1 
ATOM   378  C CA  . GLU A 1 49  ? -3.012  0.324   -10.772 1.00 12.88 ? 49  GLU A CA  1 
ATOM   379  C C   . GLU A 1 49  ? -1.871  -0.562  -11.194 1.00 14.72 ? 49  GLU A C   1 
ATOM   380  O O   . GLU A 1 49  ? -1.411  -1.385  -10.418 1.00 15.94 ? 49  GLU A O   1 
ATOM   381  C CB  . GLU A 1 49  ? -2.490  1.752   -10.616 1.00 13.67 ? 49  GLU A CB  1 
ATOM   382  C CG  . GLU A 1 49  ? -3.491  2.761   -10.027 1.00 15.68 ? 49  GLU A CG  1 
ATOM   383  C CD  . GLU A 1 49  ? -4.685  3.042   -10.945 1.00 20.08 ? 49  GLU A CD  1 
ATOM   384  O OE1 . GLU A 1 49  ? -4.635  2.751   -12.171 1.00 20.05 ? 49  GLU A OE1 1 
ATOM   385  O OE2 . GLU A 1 49  ? -5.708  3.557   -10.438 1.00 18.22 ? 49  GLU A OE2 1 
ATOM   386  N N   . SER A 1 50  ? -1.392  -0.379  -12.416 1.00 16.23 ? 50  SER A N   1 
ATOM   387  C CA  . SER A 1 50  ? -0.284  -1.187  -12.889 1.00 14.12 ? 50  SER A CA  1 
ATOM   388  C C   . SER A 1 50  ? 0.966   -0.897  -12.077 1.00 16.54 ? 50  SER A C   1 
ATOM   389  O O   . SER A 1 50  ? 1.137   0.210   -11.542 1.00 13.94 ? 50  SER A O   1 
ATOM   390  C CB  . SER A 1 50  ? 0.001   -0.917  -14.367 1.00 15.61 ? 50  SER A CB  1 
ATOM   391  O OG  . SER A 1 50  ? 0.508   0.399   -14.556 1.00 16.06 ? 50  SER A OG  1 
ATOM   392  N N   . LEU A 1 51  ? 1.860   -1.883  -12.008 1.00 14.43 ? 51  LEU A N   1 
ATOM   393  C CA  . LEU A 1 51  ? 3.150   -1.672  -11.351 1.00 13.13 ? 51  LEU A CA  1 
ATOM   394  C C   . LEU A 1 51  ? 3.887   -0.510  -12.004 1.00 13.46 ? 51  LEU A C   1 
ATOM   395  O O   . LEU A 1 51  ? 4.489   0.318   -11.311 1.00 14.54 ? 51  LEU A O   1 
ATOM   396  C CB  . LEU A 1 51  ? 4.001   -2.946  -11.397 1.00 14.25 ? 51  LEU A CB  1 
ATOM   397  C CG  . LEU A 1 51  ? 5.368   -2.837  -10.717 1.00 13.46 ? 51  LEU A CG  1 
ATOM   398  C CD1 . LEU A 1 51  ? 5.244   -2.502  -9.246  1.00 15.31 ? 51  LEU A CD1 1 
ATOM   399  C CD2 . LEU A 1 51  ? 6.132   -4.147  -10.888 1.00 17.90 ? 51  LEU A CD2 1 
ATOM   400  N N   . ALA A 1 52  ? 3.825   -0.438  -13.329 1.00 13.38 ? 52  ALA A N   1 
ATOM   401  C CA  . ALA A 1 52  ? 4.469   0.662   -14.059 1.00 15.31 ? 52  ALA A CA  1 
ATOM   402  C C   . ALA A 1 52  ? 3.969   2.035   -13.590 1.00 13.74 ? 52  ALA A C   1 
ATOM   403  O O   . ALA A 1 52  ? 4.759   2.969   -13.372 1.00 14.34 ? 52  ALA A O   1 
ATOM   404  C CB  . ALA A 1 52  ? 4.258   0.502   -15.578 1.00 19.12 ? 52  ALA A CB  1 
ATOM   405  N N   . ASP A 1 53  ? 2.658   2.157   -13.424 1.00 13.81 ? 53  ASP A N   1 
ATOM   406  C CA  . ASP A 1 53  ? 2.060   3.433   -13.024 1.00 14.06 ? 53  ASP A CA  1 
ATOM   407  C C   . ASP A 1 53  ? 2.465   3.810   -11.604 1.00 14.08 ? 53  ASP A C   1 
ATOM   408  O O   . ASP A 1 53  ? 2.648   4.978   -11.295 1.00 12.37 ? 53  ASP A O   1 
ATOM   409  C CB  . ASP A 1 53  ? 0.529   3.359   -13.126 1.00 15.77 ? 53  ASP A CB  1 
ATOM   410  C CG  . ASP A 1 53  ? 0.013   3.625   -14.532 1.00 21.27 ? 53  ASP A CG  1 
ATOM   411  O OD1 . ASP A 1 53  ? 0.822   3.886   -15.442 1.00 23.49 ? 53  ASP A OD1 1 
ATOM   412  O OD2 . ASP A 1 53  ? -1.215  3.611   -14.711 1.00 25.11 ? 53  ASP A OD2 1 
ATOM   413  N N   . VAL A 1 54  ? 2.606   2.819   -10.729 1.00 13.17 ? 54  VAL A N   1 
ATOM   414  C CA  . VAL A 1 54  ? 3.017   3.110   -9.362  1.00 13.30 ? 54  VAL A CA  1 
ATOM   415  C C   . VAL A 1 54  ? 4.504   3.456   -9.287  1.00 13.68 ? 54  VAL A C   1 
ATOM   416  O O   . VAL A 1 54  ? 4.903   4.395   -8.608  1.00 13.07 ? 54  VAL A O   1 
ATOM   417  C CB  . VAL A 1 54  ? 2.645   1.951   -8.394  1.00 11.14 ? 54  VAL A CB  1 
ATOM   418  C CG1 . VAL A 1 54  ? 3.173   2.215   -6.985  1.00 12.03 ? 54  VAL A CG1 1 
ATOM   419  C CG2 . VAL A 1 54  ? 1.139   1.781   -8.365  1.00 12.04 ? 54  VAL A CG2 1 
ATOM   420  N N   . GLN A 1 55  ? 5.332   2.700   -9.999  1.00 12.67 ? 55  GLN A N   1 
ATOM   421  C CA  . GLN A 1 55  ? 6.748   3.042   -10.084 1.00 13.74 ? 55  GLN A CA  1 
ATOM   422  C C   . GLN A 1 55  ? 6.955   4.444   -10.635 1.00 13.77 ? 55  GLN A C   1 
ATOM   423  O O   . GLN A 1 55  ? 7.892   5.153   -10.227 1.00 15.48 ? 55  GLN A O   1 
ATOM   424  C CB  . GLN A 1 55  ? 7.491   2.019   -10.953 1.00 13.28 ? 55  GLN A CB  1 
ATOM   425  C CG  . GLN A 1 55  ? 7.623   0.649   -10.288 1.00 13.46 ? 55  GLN A CG  1 
ATOM   426  C CD  . GLN A 1 55  ? 8.207   -0.385  -11.235 1.00 17.96 ? 55  GLN A CD  1 
ATOM   427  O OE1 . GLN A 1 55  ? 8.044   -0.281  -12.452 1.00 21.65 ? 55  GLN A OE1 1 
ATOM   428  N NE2 . GLN A 1 55  ? 8.878   -1.390  -10.683 1.00 19.50 ? 55  GLN A NE2 1 
ATOM   429  N N   . ALA A 1 56  ? 6.081   4.846   -11.557 1.00 13.00 ? 56  ALA A N   1 
ATOM   430  C CA  . ALA A 1 56  ? 6.210   6.143   -12.203 1.00 14.86 ? 56  ALA A CA  1 
ATOM   431  C C   . ALA A 1 56  ? 6.056   7.290   -11.211 1.00 15.25 ? 56  ALA A C   1 
ATOM   432  O O   . ALA A 1 56  ? 6.473   8.407   -11.484 1.00 15.11 ? 56  ALA A O   1 
ATOM   433  C CB  . ALA A 1 56  ? 5.204   6.279   -13.319 1.00 15.09 ? 56  ALA A CB  1 
ATOM   434  N N   . VAL A 1 57  ? 5.442   7.019   -10.066 1.00 12.76 ? 57  VAL A N   1 
ATOM   435  C CA  . VAL A 1 57  ? 5.251   8.068   -9.069  1.00 13.29 ? 57  VAL A CA  1 
ATOM   436  C C   . VAL A 1 57  ? 6.584   8.616   -8.554  1.00 15.91 ? 57  VAL A C   1 
ATOM   437  O O   . VAL A 1 57  ? 6.670   9.782   -8.155  1.00 14.94 ? 57  VAL A O   1 
ATOM   438  C CB  . VAL A 1 57  ? 4.325   7.581   -7.932  1.00 12.78 ? 57  VAL A CB  1 
ATOM   439  C CG1 . VAL A 1 57  ? 4.158   8.674   -6.845  1.00 14.15 ? 57  VAL A CG1 1 
ATOM   440  C CG2 . VAL A 1 57  ? 2.962   7.214   -8.497  1.00 13.21 ? 57  VAL A CG2 1 
ATOM   441  N N   . CYS A 1 58  ? 7.634   7.798   -8.606  1.00 16.02 ? 58  CYS A N   1 
ATOM   442  C CA  . CYS A 1 58  ? 8.962   8.239   -8.181  1.00 14.80 ? 58  CYS A CA  1 
ATOM   443  C C   . CYS A 1 58  ? 9.550   9.342   -9.046  1.00 14.86 ? 58  CYS A C   1 
ATOM   444  O O   . CYS A 1 58  ? 10.581  9.896   -8.702  1.00 19.14 ? 58  CYS A O   1 
ATOM   445  C CB  . CYS A 1 58  ? 9.951   7.075   -8.117  1.00 16.19 ? 58  CYS A CB  1 
ATOM   446  S SG  . CYS A 1 58  ? 9.500   5.790   -6.918  1.00 17.08 ? 58  CYS A SG  1 
ATOM   447  N N   . SER A 1 59  ? 8.912   9.624   -10.176 1.00 14.09 ? 59  SER A N   1 
ATOM   448  C CA  . SER A 1 59  ? 9.329   10.721  -11.049 1.00 18.29 ? 59  SER A CA  1 
ATOM   449  C C   . SER A 1 59  ? 8.272   11.822  -11.089 1.00 18.89 ? 59  SER A C   1 
ATOM   450  O O   . SER A 1 59  ? 8.300   12.678  -11.986 1.00 19.57 ? 59  SER A O   1 
ATOM   451  C CB  . SER A 1 59  ? 9.588   10.200  -12.472 1.00 20.47 ? 59  SER A CB  1 
ATOM   452  O OG  . SER A 1 59  ? 8.362   9.965   -13.143 1.00 27.38 ? 59  SER A OG  1 
ATOM   453  N N   . GLN A 1 60  ? 7.349   11.810  -10.121 1.00 14.96 ? 60  GLN A N   1 
ATOM   454  C CA  . GLN A 1 60  ? 6.288   12.816  -10.052 1.00 14.18 ? 60  GLN A CA  1 
ATOM   455  C C   . GLN A 1 60  ? 6.565   13.886  -8.977  1.00 18.63 ? 60  GLN A C   1 
ATOM   456  O O   . GLN A 1 60  ? 7.685   14.403  -8.909  1.00 17.42 ? 60  GLN A O   1 
ATOM   457  C CB  . GLN A 1 60  ? 4.894   12.146  -10.009 1.00 15.33 ? 60  GLN A CB  1 
ATOM   458  C CG  . GLN A 1 60  ? 4.723   11.248  -11.251 1.00 15.71 ? 60  GLN A CG  1 
ATOM   459  C CD  . GLN A 1 60  ? 3.436   10.446  -11.333 1.00 14.25 ? 60  GLN A CD  1 
ATOM   460  O OE1 . GLN A 1 60  ? 2.470   10.688  -10.605 1.00 14.97 ? 60  GLN A OE1 1 
ATOM   461  N NE2 . GLN A 1 60  ? 3.416   9.479   -12.239 1.00 16.51 ? 60  GLN A NE2 1 
ATOM   462  N N   . LYS A 1 61  ? 5.587   14.239  -8.151  1.00 15.40 ? 61  LYS A N   1 
ATOM   463  C CA  . LYS A 1 61  ? 5.738   15.441  -7.326  1.00 14.60 ? 61  LYS A CA  1 
ATOM   464  C C   . LYS A 1 61  ? 6.525   15.176  -6.040  1.00 18.90 ? 61  LYS A C   1 
ATOM   465  O O   . LYS A 1 61  ? 6.024   14.509  -5.134  1.00 16.83 ? 61  LYS A O   1 
ATOM   466  C CB  . LYS A 1 61  ? 4.356   16.006  -6.974  1.00 15.57 ? 61  LYS A CB  1 
ATOM   467  C CG  . LYS A 1 61  ? 4.397   17.383  -6.324  1.00 20.68 ? 61  LYS A CG  1 
ATOM   468  C CD  . LYS A 1 61  ? 4.836   18.446  -7.322  1.00 16.73 ? 61  LYS A CD  1 
ATOM   469  C CE  . LYS A 1 61  ? 4.752   19.828  -6.693  1.00 21.88 ? 61  LYS A CE  1 
ATOM   470  N NZ  . LYS A 1 61  ? 4.989   20.885  -7.711  1.00 22.21 ? 61  LYS A NZ  1 
ATOM   471  N N   . ASN A 1 62  ? 7.740   15.711  -5.952  1.00 16.39 ? 62  ASN A N   1 
ATOM   472  C CA  . ASN A 1 62  ? 8.576   15.531  -4.766  1.00 16.36 ? 62  ASN A CA  1 
ATOM   473  C C   . ASN A 1 62  ? 7.964   16.297  -3.582  1.00 20.20 ? 62  ASN A C   1 
ATOM   474  O O   . ASN A 1 62  ? 7.739   17.512  -3.658  1.00 19.86 ? 62  ASN A O   1 
ATOM   475  C CB  . ASN A 1 62  ? 10.013  15.995  -5.074  1.00 18.91 ? 62  ASN A CB  1 
ATOM   476  C CG  . ASN A 1 62  ? 10.971  15.809  -3.903  1.00 23.50 ? 62  ASN A CG  1 
ATOM   477  O OD1 . ASN A 1 62  ? 11.829  16.664  -3.660  1.00 25.18 ? 62  ASN A OD1 1 
ATOM   478  N ND2 . ASN A 1 62  ? 10.844  14.688  -3.182  1.00 21.63 ? 62  ASN A ND2 1 
ATOM   479  N N   . VAL A 1 63  ? 7.651   15.571  -2.512  1.00 17.51 ? 63  VAL A N   1 
ATOM   480  C CA  . VAL A 1 63  ? 7.035   16.140  -1.306  1.00 15.31 ? 63  VAL A CA  1 
ATOM   481  C C   . VAL A 1 63  ? 7.680   15.519  -0.072  1.00 21.64 ? 63  VAL A C   1 
ATOM   482  O O   . VAL A 1 63  ? 8.326   14.476  -0.159  1.00 22.74 ? 63  VAL A O   1 
ATOM   483  C CB  . VAL A 1 63  ? 5.508   15.885  -1.243  1.00 18.96 ? 63  VAL A CB  1 
ATOM   484  C CG1 . VAL A 1 63  ? 4.776   16.603  -2.367  1.00 19.86 ? 63  VAL A CG1 1 
ATOM   485  C CG2 . VAL A 1 63  ? 5.218   14.377  -1.284  1.00 15.43 ? 63  VAL A CG2 1 
ATOM   486  N N   . ALA A 1 64  ? 7.512   16.153  1.085   1.00 23.08 ? 64  ALA A N   1 
ATOM   487  C CA  . ALA A 1 64  ? 8.052   15.582  2.311   1.00 23.06 ? 64  ALA A CA  1 
ATOM   488  C C   . ALA A 1 64  ? 7.266   14.345  2.728   1.00 18.57 ? 64  ALA A C   1 
ATOM   489  O O   . ALA A 1 64  ? 6.050   14.270  2.517   1.00 20.56 ? 64  ALA A O   1 
ATOM   490  C CB  . ALA A 1 64  ? 8.040   16.606  3.435   1.00 24.11 ? 64  ALA A CB  1 
ATOM   491  N N   . CYS A 1 65  ? 7.971   13.391  3.340   1.00 20.86 ? 65  CYS A N   1 
ATOM   492  C CA  . CYS A 1 65  ? 7.346   12.244  3.992   1.00 25.22 ? 65  CYS A CA  1 
ATOM   493  C C   . CYS A 1 65  ? 6.865   12.689  5.377   1.00 26.18 ? 65  CYS A C   1 
ATOM   494  O O   . CYS A 1 65  ? 7.324   13.716  5.888   1.00 25.62 ? 65  CYS A O   1 
ATOM   495  C CB  . CYS A 1 65  ? 8.357   11.099  4.141   1.00 26.89 ? 65  CYS A CB  1 
ATOM   496  S SG  . CYS A 1 65  ? 9.251   10.618  2.627   1.00 29.48 ? 65  CYS A SG  1 
ATOM   497  N N   . LYS A 1 66  ? 5.954   11.930  5.981   1.00 23.46 ? 66  LYS A N   1 
ATOM   498  C CA  . LYS A 1 66  ? 5.410   12.291  7.293   1.00 26.88 ? 66  LYS A CA  1 
ATOM   499  C C   . LYS A 1 66  ? 6.515   12.464  8.335   1.00 30.23 ? 66  LYS A C   1 
ATOM   500  O O   . LYS A 1 66  ? 6.414   13.319  9.216   1.00 29.79 ? 66  LYS A O   1 
ATOM   501  C CB  . LYS A 1 66  ? 4.365   11.266  7.769   1.00 30.86 ? 66  LYS A CB  1 
ATOM   502  C CG  . LYS A 1 66  ? 2.949   11.510  7.228   1.00 32.37 ? 66  LYS A CG  1 
ATOM   503  C CD  . LYS A 1 66  ? 1.922   10.506  7.786   1.00 37.06 ? 66  LYS A CD  1 
ATOM   504  C CE  . LYS A 1 66  ? 0.543   10.673  7.113   1.00 41.69 ? 66  LYS A CE  1 
ATOM   505  N NZ  . LYS A 1 66  ? -0.476  9.634   7.528   1.00 41.75 ? 66  LYS A NZ  1 
ATOM   506  N N   . ASN A 1 67  ? 7.576   11.673  8.208   1.00 30.32 ? 67  ASN A N   1 
ATOM   507  C CA  . ASN A 1 67  ? 8.675   11.697  9.173   1.00 31.88 ? 67  ASN A CA  1 
ATOM   508  C C   . ASN A 1 67  ? 9.767   12.722  8.876   1.00 32.19 ? 67  ASN A C   1 
ATOM   509  O O   . ASN A 1 67  ? 10.785  12.772  9.576   1.00 35.41 ? 67  ASN A O   1 
ATOM   510  C CB  . ASN A 1 67  ? 9.300   10.304  9.324   1.00 32.03 ? 67  ASN A CB  1 
ATOM   511  C CG  . ASN A 1 67  ? 10.080  9.861   8.088   1.00 36.66 ? 67  ASN A CG  1 
ATOM   512  O OD1 . ASN A 1 67  ? 10.114  10.551  7.068   1.00 29.43 ? 67  ASN A OD1 1 
ATOM   513  N ND2 . ASN A 1 67  ? 10.723  8.699   8.185   1.00 37.72 ? 67  ASN A ND2 1 
ATOM   514  N N   . GLY A 1 68  ? 9.574   13.529  7.838   1.00 25.96 ? 68  GLY A N   1 
ATOM   515  C CA  . GLY A 1 68  ? 10.536  14.565  7.511   1.00 28.34 ? 68  GLY A CA  1 
ATOM   516  C C   . GLY A 1 68  ? 11.552  14.205  6.444   1.00 28.55 ? 68  GLY A C   1 
ATOM   517  O O   . GLY A 1 68  ? 12.320  15.065  6.014   1.00 30.83 ? 68  GLY A O   1 
ATOM   518  N N   . GLN A 1 69  ? 11.572  12.942  6.020   1.00 31.11 ? 69  GLN A N   1 
ATOM   519  C CA  . GLN A 1 69  ? 12.416  12.519  4.901   1.00 29.62 ? 69  GLN A CA  1 
ATOM   520  C C   . GLN A 1 69  ? 12.032  13.273  3.627   1.00 26.28 ? 69  GLN A C   1 
ATOM   521  O O   . GLN A 1 69  ? 10.872  13.645  3.451   1.00 29.55 ? 69  GLN A O   1 
ATOM   522  C CB  . GLN A 1 69  ? 12.275  11.016  4.658   1.00 33.99 ? 69  GLN A CB  1 
ATOM   523  C CG  . GLN A 1 69  ? 13.070  10.138  5.604   1.00 36.95 ? 69  GLN A CG  1 
ATOM   524  C CD  . GLN A 1 69  ? 12.804  8.661   5.369   1.00 40.18 ? 69  GLN A CD  1 
ATOM   525  O OE1 . GLN A 1 69  ? 12.773  7.866   6.311   1.00 47.64 ? 69  GLN A OE1 1 
ATOM   526  N NE2 . GLN A 1 69  ? 12.601  8.287   4.104   1.00 36.78 ? 69  GLN A NE2 1 
ATOM   527  N N   . THR A 1 70  ? 12.996  13.473  2.732   1.00 26.27 ? 70  THR A N   1 
ATOM   528  C CA  . THR A 1 70  ? 12.766  14.275  1.527   1.00 28.46 ? 70  THR A CA  1 
ATOM   529  C C   . THR A 1 70  ? 12.630  13.460  0.238   1.00 26.52 ? 70  THR A C   1 
ATOM   530  O O   . THR A 1 70  ? 12.569  14.024  -0.854  1.00 25.03 ? 70  THR A O   1 
ATOM   531  C CB  . THR A 1 70  ? 13.877  15.324  1.338   1.00 34.82 ? 70  THR A CB  1 
ATOM   532  O OG1 . THR A 1 70  ? 15.137  14.662  1.191   1.00 35.39 ? 70  THR A OG1 1 
ATOM   533  C CG2 . THR A 1 70  ? 13.938  16.234  2.545   1.00 34.19 ? 70  THR A CG2 1 
ATOM   534  N N   . ASN A 1 71  ? 12.572  12.138  0.363   1.00 23.88 ? 71  ASN A N   1 
ATOM   535  C CA  . ASN A 1 71  ? 12.475  11.283  -0.819  1.00 22.63 ? 71  ASN A CA  1 
ATOM   536  C C   . ASN A 1 71  ? 11.077  10.712  -1.045  1.00 22.47 ? 71  ASN A C   1 
ATOM   537  O O   . ASN A 1 71  ? 10.936  9.582   -1.512  1.00 21.42 ? 71  ASN A O   1 
ATOM   538  C CB  . ASN A 1 71  ? 13.495  10.142  -0.752  1.00 22.72 ? 71  ASN A CB  1 
ATOM   539  C CG  . ASN A 1 71  ? 13.268  9.228   0.433   1.00 26.28 ? 71  ASN A CG  1 
ATOM   540  O OD1 . ASN A 1 71  ? 12.941  9.690   1.536   1.00 27.02 ? 71  ASN A OD1 1 
ATOM   541  N ND2 . ASN A 1 71  ? 13.423  7.919   0.215   1.00 25.08 ? 71  ASN A ND2 1 
ATOM   542  N N   . CYS A 1 72  ? 10.048  11.482  -0.709  1.00 17.52 ? 72  CYS A N   1 
ATOM   543  C CA  . CYS A 1 72  ? 8.671   11.074  -0.974  1.00 16.27 ? 72  CYS A CA  1 
ATOM   544  C C   . CYS A 1 72  ? 8.125   11.757  -2.222  1.00 18.49 ? 72  CYS A C   1 
ATOM   545  O O   . CYS A 1 72  ? 8.589   12.833  -2.614  1.00 17.44 ? 72  CYS A O   1 
ATOM   546  C CB  . CYS A 1 72  ? 7.760   11.341  0.231   1.00 19.75 ? 72  CYS A CB  1 
ATOM   547  S SG  . CYS A 1 72  ? 7.720   9.985   1.454   1.00 27.88 ? 72  CYS A SG  1 
ATOM   548  N N   . TYR A 1 73  ? 7.154   11.105  -2.848  1.00 16.33 ? 73  TYR A N   1 
ATOM   549  C CA  . TYR A 1 73  ? 6.609   11.572  -4.117  1.00 15.50 ? 73  TYR A CA  1 
ATOM   550  C C   . TYR A 1 73  ? 5.113   11.369  -4.111  1.00 15.41 ? 73  TYR A C   1 
ATOM   551  O O   . TYR A 1 73  ? 4.622   10.338  -3.671  1.00 16.98 ? 73  TYR A O   1 
ATOM   552  C CB  . TYR A 1 73  ? 7.265   10.827  -5.299  1.00 16.82 ? 73  TYR A CB  1 
ATOM   553  C CG  . TYR A 1 73  ? 8.744   11.118  -5.372  1.00 17.65 ? 73  TYR A CG  1 
ATOM   554  C CD1 . TYR A 1 73  ? 9.649   10.396  -4.609  1.00 18.56 ? 73  TYR A CD1 1 
ATOM   555  C CD2 . TYR A 1 73  ? 9.225   12.153  -6.157  1.00 19.76 ? 73  TYR A CD2 1 
ATOM   556  C CE1 . TYR A 1 73  ? 11.002  10.690  -4.632  1.00 20.88 ? 73  TYR A CE1 1 
ATOM   557  C CE2 . TYR A 1 73  ? 10.571  12.453  -6.188  1.00 19.62 ? 73  TYR A CE2 1 
ATOM   558  C CZ  . TYR A 1 73  ? 11.454  11.718  -5.427  1.00 21.17 ? 73  TYR A CZ  1 
ATOM   559  O OH  . TYR A 1 73  ? 12.795  12.020  -5.462  1.00 24.49 ? 73  TYR A OH  1 
ATOM   560  N N   . GLN A 1 74  ? 4.389   12.368  -4.595  1.00 14.16 ? 74  GLN A N   1 
ATOM   561  C CA  . GLN A 1 74  ? 2.940   12.301  -4.635  1.00 13.59 ? 74  GLN A CA  1 
ATOM   562  C C   . GLN A 1 74  ? 2.493   12.121  -6.079  1.00 13.89 ? 74  GLN A C   1 
ATOM   563  O O   . GLN A 1 74  ? 2.968   12.820  -6.982  1.00 16.12 ? 74  GLN A O   1 
ATOM   564  C CB  . GLN A 1 74  ? 2.346   13.592  -4.049  1.00 16.00 ? 74  GLN A CB  1 
ATOM   565  C CG  . GLN A 1 74  ? 0.832   13.617  -4.029  1.00 14.98 ? 74  GLN A CG  1 
ATOM   566  C CD  . GLN A 1 74  ? 0.270   14.734  -3.147  1.00 22.64 ? 74  GLN A CD  1 
ATOM   567  O OE1 . GLN A 1 74  ? 0.783   14.998  -2.053  1.00 27.23 ? 74  GLN A OE1 1 
ATOM   568  N NE2 . GLN A 1 74  ? -0.784  15.392  -3.623  1.00 23.25 ? 74  GLN A NE2 1 
ATOM   569  N N   . SER A 1 75  ? 1.603   11.170  -6.313  1.00 12.80 ? 75  SER A N   1 
ATOM   570  C CA  . SER A 1 75  ? 1.111   10.938  -7.666  1.00 13.70 ? 75  SER A CA  1 
ATOM   571  C C   . SER A 1 75  ? 0.360   12.160  -8.174  1.00 13.59 ? 75  SER A C   1 
ATOM   572  O O   . SER A 1 75  ? -0.400  12.792  -7.434  1.00 14.00 ? 75  SER A O   1 
ATOM   573  C CB  . SER A 1 75  ? 0.225   9.678   -7.712  1.00 13.27 ? 75  SER A CB  1 
ATOM   574  O OG  . SER A 1 75  ? -0.975  9.836   -6.964  1.00 13.64 ? 75  SER A OG  1 
ATOM   575  N N   . TYR A 1 76  ? 0.580   12.502  -9.440  1.00 13.56 ? 76  TYR A N   1 
ATOM   576  C CA  . TYR A 1 76  ? -0.112  13.634  -10.033 1.00 15.57 ? 76  TYR A CA  1 
ATOM   577  C C   . TYR A 1 76  ? -1.600  13.350  -10.166 1.00 14.32 ? 76  TYR A C   1 
ATOM   578  O O   . TYR A 1 76  ? -2.429  14.249  -10.069 1.00 15.11 ? 76  TYR A O   1 
ATOM   579  C CB  . TYR A 1 76  ? 0.447   13.912  -11.424 1.00 15.93 ? 76  TYR A CB  1 
ATOM   580  C CG  . TYR A 1 76  ? 1.853   14.465  -11.483 1.00 15.81 ? 76  TYR A CG  1 
ATOM   581  C CD1 . TYR A 1 76  ? 2.310   15.428  -10.572 1.00 16.06 ? 76  TYR A CD1 1 
ATOM   582  C CD2 . TYR A 1 76  ? 2.719   14.046  -12.487 1.00 15.03 ? 76  TYR A CD2 1 
ATOM   583  C CE1 . TYR A 1 76  ? 3.599   15.937  -10.667 1.00 15.95 ? 76  TYR A CE1 1 
ATOM   584  C CE2 . TYR A 1 76  ? 3.993   14.554  -12.587 1.00 16.60 ? 76  TYR A CE2 1 
ATOM   585  C CZ  . TYR A 1 76  ? 4.428   15.490  -11.687 1.00 16.25 ? 76  TYR A CZ  1 
ATOM   586  O OH  . TYR A 1 76  ? 5.717   15.957  -11.831 1.00 19.16 ? 76  TYR A OH  1 
ATOM   587  N N   . SER A 1 77  ? -1.944  12.093  -10.414 1.00 13.60 ? 77  SER A N   1 
ATOM   588  C CA  . SER A 1 77  ? -3.342  11.717  -10.594 1.00 14.23 ? 77  SER A CA  1 
ATOM   589  C C   . SER A 1 77  ? -3.838  10.922  -9.388  1.00 15.97 ? 77  SER A C   1 
ATOM   590  O O   . SER A 1 77  ? -3.043  10.512  -8.563  1.00 15.75 ? 77  SER A O   1 
ATOM   591  C CB  . SER A 1 77  ? -3.482  10.882  -11.867 1.00 17.22 ? 77  SER A CB  1 
ATOM   592  O OG  . SER A 1 77  ? -4.835  10.792  -12.259 1.00 22.19 ? 77  SER A OG  1 
ATOM   593  N N   . THR A 1 78  ? -5.148  10.728  -9.272  1.00 16.97 ? 78  THR A N   1 
ATOM   594  C CA  . THR A 1 78  ? -5.656  9.811   -8.252  1.00 13.46 ? 78  THR A CA  1 
ATOM   595  C C   . THR A 1 78  ? -5.532  8.400   -8.774  1.00 14.83 ? 78  THR A C   1 
ATOM   596  O O   . THR A 1 78  ? -5.499  8.170   -9.995  1.00 17.41 ? 78  THR A O   1 
ATOM   597  C CB  . THR A 1 78  ? -7.127  10.072  -7.853  1.00 19.24 ? 78  THR A CB  1 
ATOM   598  O OG1 . THR A 1 78  ? -7.962  10.010  -9.016  1.00 20.75 ? 78  THR A OG1 1 
ATOM   599  C CG2 . THR A 1 78  ? -7.264  11.432  -7.174  1.00 19.99 ? 78  THR A CG2 1 
ATOM   600  N N   . MET A 1 79  ? -5.483  7.456   -7.837  1.00 14.23 ? 79  MET A N   1 
ATOM   601  C CA  . MET A 1 79  ? -5.390  6.036   -8.138  1.00 11.52 ? 79  MET A CA  1 
ATOM   602  C C   . MET A 1 79  ? -6.423  5.279   -7.346  1.00 14.00 ? 79  MET A C   1 
ATOM   603  O O   . MET A 1 79  ? -6.812  5.710   -6.264  1.00 14.62 ? 79  MET A O   1 
ATOM   604  C CB  . MET A 1 79  ? -4.006  5.520   -7.742  1.00 10.15 ? 79  MET A CB  1 
ATOM   605  C CG  . MET A 1 79  ? -2.918  6.117   -8.611  1.00 13.33 ? 79  MET A CG  1 
ATOM   606  S SD  . MET A 1 79  ? -1.321  5.388   -8.253  1.00 15.61 ? 79  MET A SD  1 
ATOM   607  C CE  . MET A 1 79  ? -0.361  6.154   -9.567  1.00 16.82 ? 79  MET A CE  1 
ATOM   608  N N   . SER A 1 80  ? -6.857  4.146   -7.890  1.00 12.52 ? 80  SER A N   1 
ATOM   609  C CA  . SER A 1 80  ? -7.759  3.266   -7.161  1.00 13.08 ? 80  SER A CA  1 
ATOM   610  C C   . SER A 1 80  ? -6.979  2.577   -6.045  1.00 14.83 ? 80  SER A C   1 
ATOM   611  O O   . SER A 1 80  ? -5.954  1.938   -6.298  1.00 14.07 ? 80  SER A O   1 
ATOM   612  C CB  . SER A 1 80  ? -8.349  2.217   -8.097  1.00 15.25 ? 80  SER A CB  1 
ATOM   613  O OG  . SER A 1 80  ? -9.116  1.270   -7.368  1.00 15.83 ? 80  SER A OG  1 
ATOM   614  N N   . ILE A 1 81  ? -7.432  2.736   -4.807  1.00 12.40 ? 81  ILE A N   1 
ATOM   615  C CA  . ILE A 1 81  ? -6.759  2.094   -3.681  1.00 13.22 ? 81  ILE A CA  1 
ATOM   616  C C   . ILE A 1 81  ? -7.744  1.455   -2.722  1.00 15.17 ? 81  ILE A C   1 
ATOM   617  O O   . ILE A 1 81  ? -8.936  1.757   -2.728  1.00 14.33 ? 81  ILE A O   1 
ATOM   618  C CB  . ILE A 1 81  ? -5.858  3.071   -2.886  1.00 14.04 ? 81  ILE A CB  1 
ATOM   619  C CG1 . ILE A 1 81  ? -6.679  4.123   -2.156  1.00 15.91 ? 81  ILE A CG1 1 
ATOM   620  C CG2 . ILE A 1 81  ? -4.868  3.772   -3.796  1.00 14.68 ? 81  ILE A CG2 1 
ATOM   621  C CD1 . ILE A 1 81  ? -5.784  5.057   -1.397  1.00 22.27 ? 81  ILE A CD1 1 
ATOM   622  N N   . THR A 1 82  ? -7.225  0.573   -1.880  1.00 11.62 ? 82  THR A N   1 
ATOM   623  C CA  . THR A 1 82  ? -8.030  0.005   -0.814  1.00 13.51 ? 82  THR A CA  1 
ATOM   624  C C   . THR A 1 82  ? -7.269  0.147   0.490   1.00 14.08 ? 82  THR A C   1 
ATOM   625  O O   . THR A 1 82  ? -6.118  -0.297  0.612   1.00 13.24 ? 82  THR A O   1 
ATOM   626  C CB  . THR A 1 82  ? -8.337  -1.474  -1.060  1.00 11.26 ? 82  THR A CB  1 
ATOM   627  O OG1 . THR A 1 82  ? -9.081  -1.613  -2.271  1.00 15.57 ? 82  THR A OG1 1 
ATOM   628  C CG2 . THR A 1 82  ? -9.163  -2.024  0.103   1.00 16.26 ? 82  THR A CG2 1 
ATOM   629  N N   . ASP A 1 83  ? -7.901  0.787   1.467   1.00 14.79 ? 83  ASP A N   1 
ATOM   630  C CA  . ASP A 1 83  ? -7.335  0.878   2.798   1.00 13.63 ? 83  ASP A CA  1 
ATOM   631  C C   . ASP A 1 83  ? -7.827  -0.314  3.607   1.00 15.21 ? 83  ASP A C   1 
ATOM   632  O O   . ASP A 1 83  ? -9.018  -0.589  3.620   1.00 16.28 ? 83  ASP A O   1 
ATOM   633  C CB  . ASP A 1 83  ? -7.811  2.183   3.456   1.00 20.84 ? 83  ASP A CB  1 
ATOM   634  C CG  . ASP A 1 83  ? -7.459  2.270   4.925   1.00 24.60 ? 83  ASP A CG  1 
ATOM   635  O OD1 . ASP A 1 83  ? -6.380  2.805   5.246   1.00 25.27 ? 83  ASP A OD1 1 
ATOM   636  O OD2 . ASP A 1 83  ? -8.270  1.829   5.780   1.00 31.54 ? 83  ASP A OD2 1 
ATOM   637  N N   . CYS A 1 84  ? -6.905  -1.033  4.247   1.00 15.35 ? 84  CYS A N   1 
ATOM   638  C CA  . CYS A 1 84  ? -7.230  -2.142  5.157   1.00 14.55 ? 84  CYS A CA  1 
ATOM   639  C C   . CYS A 1 84  ? -6.784  -1.782  6.575   1.00 15.48 ? 84  CYS A C   1 
ATOM   640  O O   . CYS A 1 84  ? -5.616  -1.474  6.807   1.00 17.71 ? 84  CYS A O   1 
ATOM   641  C CB  . CYS A 1 84  ? -6.477  -3.404  4.728   1.00 14.64 ? 84  CYS A CB  1 
ATOM   642  S SG  . CYS A 1 84  ? -6.841  -3.946  3.069   1.00 15.55 ? 84  CYS A SG  1 
ATOM   643  N N   . ARG A 1 85  ? -7.710  -1.821  7.531   1.00 15.56 ? 85  ARG A N   1 
ATOM   644  C CA  . ARG A 1 85  ? -7.381  -1.505  8.922   1.00 15.18 ? 85  ARG A CA  1 
ATOM   645  C C   . ARG A 1 85  ? -8.024  -2.493  9.872   1.00 16.38 ? 85  ARG A C   1 
ATOM   646  O O   . ARG A 1 85  ? -9.164  -2.904  9.650   1.00 16.64 ? 85  ARG A O   1 
ATOM   647  C CB  . ARG A 1 85  ? -7.853  -0.090  9.275   1.00 17.25 ? 85  ARG A CB  1 
ATOM   648  C CG  . ARG A 1 85  ? -6.953  0.995   8.733   1.00 25.96 ? 85  ARG A CG  1 
ATOM   649  C CD  . ARG A 1 85  ? -7.263  2.361   9.340   1.00 25.98 ? 85  ARG A CD  1 
ATOM   650  N NE  . ARG A 1 85  ? -6.367  3.386   8.820   1.00 29.03 ? 85  ARG A NE  1 
ATOM   651  C CZ  . ARG A 1 85  ? -5.511  4.080   9.562   1.00 27.38 ? 85  ARG A CZ  1 
ATOM   652  N NH1 . ARG A 1 85  ? -5.439  3.863   10.862  1.00 25.93 ? 85  ARG A NH1 1 
ATOM   653  N NH2 . ARG A 1 85  ? -4.720  4.987   8.997   1.00 29.90 ? 85  ARG A NH2 1 
ATOM   654  N N   . GLU A 1 86  ? -7.295  -2.868  10.921  1.00 17.25 ? 86  GLU A N   1 
ATOM   655  C CA  . GLU A 1 86  ? -7.845  -3.783  11.921  1.00 18.08 ? 86  GLU A CA  1 
ATOM   656  C C   . GLU A 1 86  ? -9.074  -3.145  12.534  1.00 18.96 ? 86  GLU A C   1 
ATOM   657  O O   . GLU A 1 86  ? -9.090  -1.944  12.785  1.00 18.10 ? 86  GLU A O   1 
ATOM   658  C CB  . GLU A 1 86  ? -6.844  -4.017  13.043  1.00 23.47 ? 86  GLU A CB  1 
ATOM   659  C CG  . GLU A 1 86  ? -5.742  -4.989  12.760  1.00 27.84 ? 86  GLU A CG  1 
ATOM   660  C CD  . GLU A 1 86  ? -5.027  -5.371  14.037  1.00 25.55 ? 86  GLU A CD  1 
ATOM   661  O OE1 . GLU A 1 86  ? -4.080  -4.652  14.415  1.00 28.85 ? 86  GLU A OE1 1 
ATOM   662  O OE2 . GLU A 1 86  ? -5.438  -6.367  14.678  1.00 29.15 ? 86  GLU A OE2 1 
ATOM   663  N N   . THR A 1 87  ? -10.097 -3.947  12.800  1.00 19.66 ? 87  THR A N   1 
ATOM   664  C CA  . THR A 1 87  ? -11.321 -3.391  13.347  1.00 21.39 ? 87  THR A CA  1 
ATOM   665  C C   . THR A 1 87  ? -11.992 -4.361  14.284  1.00 32.50 ? 87  THR A C   1 
ATOM   666  O O   . THR A 1 87  ? -11.511 -5.480  14.462  1.00 33.54 ? 87  THR A O   1 
ATOM   667  C CB  . THR A 1 87  ? -12.300 -2.991  12.223  1.00 28.75 ? 87  THR A CB  1 
ATOM   668  O OG1 . THR A 1 87  ? -13.335 -2.158  12.756  1.00 31.96 ? 87  THR A OG1 1 
ATOM   669  C CG2 . THR A 1 87  ? -12.919 -4.222  11.580  1.00 27.95 ? 87  THR A CG2 1 
ATOM   670  N N   . GLY A 1 88  ? -13.095 -3.913  14.879  1.00 31.18 ? 88  GLY A N   1 
ATOM   671  C CA  . GLY A 1 88  ? -13.926 -4.749  15.721  1.00 36.18 ? 88  GLY A CA  1 
ATOM   672  C C   . GLY A 1 88  ? -13.142 -5.558  16.729  1.00 33.66 ? 88  GLY A C   1 
ATOM   673  O O   . GLY A 1 88  ? -12.444 -5.010  17.582  1.00 37.45 ? 88  GLY A O   1 
ATOM   674  N N   . SER A 1 89  ? -13.264 -6.874  16.609  1.00 38.55 ? 89  SER A N   1 
ATOM   675  C CA  . SER A 1 89  ? -12.617 -7.802  17.515  1.00 39.01 ? 89  SER A CA  1 
ATOM   676  C C   . SER A 1 89  ? -11.475 -8.499  16.800  1.00 40.67 ? 89  SER A C   1 
ATOM   677  O O   . SER A 1 89  ? -11.403 -9.729  16.769  1.00 46.26 ? 89  SER A O   1 
ATOM   678  C CB  . SER A 1 89  ? -13.625 -8.836  18.005  1.00 45.00 ? 89  SER A CB  1 
ATOM   679  O OG  . SER A 1 89  ? -14.285 -9.456  16.912  1.00 52.04 ? 89  SER A OG  1 
ATOM   680  N N   . SER A 1 90  ? -10.591 -7.708  16.205  1.00 33.47 ? 90  SER A N   1 
ATOM   681  C CA  . SER A 1 90  ? -9.369  -8.259  15.650  1.00 33.81 ? 90  SER A CA  1 
ATOM   682  C C   . SER A 1 90  ? -8.392  -8.534  16.784  1.00 36.16 ? 90  SER A C   1 
ATOM   683  O O   . SER A 1 90  ? -8.067  -7.643  17.576  1.00 35.99 ? 90  SER A O   1 
ATOM   684  C CB  . SER A 1 90  ? -8.745  -7.292  14.651  1.00 27.56 ? 90  SER A CB  1 
ATOM   685  O OG  . SER A 1 90  ? -7.598  -7.861  14.045  1.00 27.15 ? 90  SER A OG  1 
ATOM   686  N N   . LYS A 1 91  ? -7.924  -9.772  16.860  1.00 36.97 ? 91  LYS A N   1 
ATOM   687  C CA  . LYS A 1 91  ? -6.943  -10.147 17.866  1.00 40.53 ? 91  LYS A CA  1 
ATOM   688  C C   . LYS A 1 91  ? -6.080  -11.283 17.334  1.00 38.65 ? 91  LYS A C   1 
ATOM   689  O O   . LYS A 1 91  ? -6.590  -12.354 17.015  1.00 40.77 ? 91  LYS A O   1 
ATOM   690  C CB  . LYS A 1 91  ? -7.647  -10.558 19.165  1.00 45.59 ? 91  LYS A CB  1 
ATOM   691  C CG  . LYS A 1 91  ? -8.971  -11.282 18.943  1.00 44.17 ? 91  LYS A CG  1 
ATOM   692  C CD  . LYS A 1 91  ? -9.648  -11.628 20.264  1.00 55.34 ? 91  LYS A CD  1 
ATOM   693  C CE  . LYS A 1 91  ? -10.026 -13.106 20.332  1.00 54.75 ? 91  LYS A CE  1 
ATOM   694  N NZ  . LYS A 1 91  ? -10.429 -13.516 21.714  1.00 60.24 ? 91  LYS A NZ  1 
ATOM   695  N N   . TYR A 1 92  ? -4.777  -11.038 17.222  1.00 37.74 ? 92  TYR A N   1 
ATOM   696  C CA  . TYR A 1 92  ? -3.858  -12.061 16.742  1.00 36.98 ? 92  TYR A CA  1 
ATOM   697  C C   . TYR A 1 92  ? -4.000  -13.329 17.589  1.00 43.13 ? 92  TYR A C   1 
ATOM   698  O O   . TYR A 1 92  ? -3.983  -13.262 18.821  1.00 40.91 ? 92  TYR A O   1 
ATOM   699  C CB  . TYR A 1 92  ? -2.413  -11.549 16.772  1.00 39.66 ? 92  TYR A CB  1 
ATOM   700  C CG  . TYR A 1 92  ? -1.414  -12.561 16.264  1.00 41.45 ? 92  TYR A CG  1 
ATOM   701  C CD1 . TYR A 1 92  ? -1.256  -12.785 14.899  1.00 38.89 ? 92  TYR A CD1 1 
ATOM   702  C CD2 . TYR A 1 92  ? -0.636  -13.299 17.148  1.00 40.96 ? 92  TYR A CD2 1 
ATOM   703  C CE1 . TYR A 1 92  ? -0.356  -13.714 14.432  1.00 38.53 ? 92  TYR A CE1 1 
ATOM   704  C CE2 . TYR A 1 92  ? 0.270   -14.231 16.690  1.00 42.96 ? 92  TYR A CE2 1 
ATOM   705  C CZ  . TYR A 1 92  ? 0.403   -14.435 15.332  1.00 43.20 ? 92  TYR A CZ  1 
ATOM   706  O OH  . TYR A 1 92  ? 1.300   -15.360 14.862  1.00 41.05 ? 92  TYR A OH  1 
ATOM   707  N N   . PRO A 1 93  ? -4.120  -14.495 16.930  1.00 43.65 ? 93  PRO A N   1 
ATOM   708  C CA  . PRO A 1 93  ? -3.990  -14.707 15.483  1.00 38.76 ? 93  PRO A CA  1 
ATOM   709  C C   . PRO A 1 93  ? -5.294  -14.649 14.692  1.00 41.14 ? 93  PRO A C   1 
ATOM   710  O O   . PRO A 1 93  ? -5.314  -15.081 13.539  1.00 40.96 ? 93  PRO A O   1 
ATOM   711  C CB  . PRO A 1 93  ? -3.422  -16.122 15.409  1.00 43.60 ? 93  PRO A CB  1 
ATOM   712  C CG  . PRO A 1 93  ? -4.076  -16.812 16.565  1.00 40.26 ? 93  PRO A CG  1 
ATOM   713  C CD  . PRO A 1 93  ? -4.228  -15.773 17.657  1.00 42.90 ? 93  PRO A CD  1 
ATOM   714  N N   . ASN A 1 94  ? -6.362  -14.134 15.288  1.00 38.52 ? 94  ASN A N   1 
ATOM   715  C CA  . ASN A 1 94  ? -7.613  -13.995 14.555  1.00 37.80 ? 94  ASN A CA  1 
ATOM   716  C C   . ASN A 1 94  ? -7.796  -12.556 14.087  1.00 36.01 ? 94  ASN A C   1 
ATOM   717  O O   . ASN A 1 94  ? -8.590  -11.792 14.649  1.00 36.58 ? 94  ASN A O   1 
ATOM   718  C CB  . ASN A 1 94  ? -8.796  -14.467 15.397  1.00 42.62 ? 94  ASN A CB  1 
ATOM   719  C CG  . ASN A 1 94  ? -8.659  -15.918 15.826  1.00 41.52 ? 94  ASN A CG  1 
ATOM   720  O OD1 . ASN A 1 94  ? -8.775  -16.834 15.009  1.00 45.17 ? 94  ASN A OD1 1 
ATOM   721  N ND2 . ASN A 1 94  ? -8.399  -16.132 17.109  1.00 44.14 ? 94  ASN A ND2 1 
ATOM   722  N N   . CYS A 1 95  ? -7.036  -12.194 13.059  1.00 34.00 ? 95  CYS A N   1 
ATOM   723  C CA  . CYS A 1 95  ? -7.032  -10.833 12.539  1.00 29.36 ? 95  CYS A CA  1 
ATOM   724  C C   . CYS A 1 95  ? -8.339  -10.534 11.791  1.00 28.33 ? 95  CYS A C   1 
ATOM   725  O O   . CYS A 1 95  ? -8.945  -11.428 11.196  1.00 31.58 ? 95  CYS A O   1 
ATOM   726  C CB  . CYS A 1 95  ? -5.818  -10.636 11.622  1.00 25.60 ? 95  CYS A CB  1 
ATOM   727  S SG  . CYS A 1 95  ? -4.211  -10.934 12.419  1.00 27.45 ? 95  CYS A SG  1 
ATOM   728  N N   . ALA A 1 96  ? -8.796  -9.286  11.855  1.00 23.64 ? 96  ALA A N   1 
ATOM   729  C CA  . ALA A 1 96  ? -10.037 -8.909  11.183  1.00 19.21 ? 96  ALA A CA  1 
ATOM   730  C C   . ALA A 1 96  ? -9.892  -7.487  10.651  1.00 17.47 ? 96  ALA A C   1 
ATOM   731  O O   . ALA A 1 96  ? -9.481  -6.602  11.387  1.00 21.47 ? 96  ALA A O   1 
ATOM   732  C CB  . ALA A 1 96  ? -11.213 -8.991  12.143  1.00 24.65 ? 96  ALA A CB  1 
ATOM   733  N N   . TYR A 1 97  ? -10.238 -7.281  9.384   1.00 16.27 ? 97  TYR A N   1 
ATOM   734  C CA  . TYR A 1 97  ? -10.003 -5.983  8.736   1.00 16.68 ? 97  TYR A CA  1 
ATOM   735  C C   . TYR A 1 97  ? -11.236 -5.330  8.131   1.00 16.98 ? 97  TYR A C   1 
ATOM   736  O O   . TYR A 1 97  ? -12.118 -6.002  7.593   1.00 19.45 ? 97  TYR A O   1 
ATOM   737  C CB  . TYR A 1 97  ? -8.937  -6.125  7.638   1.00 18.38 ? 97  TYR A CB  1 
ATOM   738  C CG  . TYR A 1 97  ? -7.568  -6.425  8.184   1.00 16.15 ? 97  TYR A CG  1 
ATOM   739  C CD1 . TYR A 1 97  ? -6.688  -5.397  8.496   1.00 16.08 ? 97  TYR A CD1 1 
ATOM   740  C CD2 . TYR A 1 97  ? -7.158  -7.732  8.416   1.00 17.66 ? 97  TYR A CD2 1 
ATOM   741  C CE1 . TYR A 1 97  ? -5.429  -5.663  9.014   1.00 17.46 ? 97  TYR A CE1 1 
ATOM   742  C CE2 . TYR A 1 97  ? -5.900  -8.012  8.925   1.00 19.35 ? 97  TYR A CE2 1 
ATOM   743  C CZ  . TYR A 1 97  ? -5.046  -6.986  9.226   1.00 21.32 ? 97  TYR A CZ  1 
ATOM   744  O OH  . TYR A 1 97  ? -3.805  -7.257  9.748   1.00 20.46 ? 97  TYR A OH  1 
ATOM   745  N N   . LYS A 1 98  ? -11.259 -4.000  8.200   1.00 15.26 ? 98  LYS A N   1 
ATOM   746  C CA  . LYS A 1 98  ? -12.236 -3.185  7.491   1.00 14.85 ? 98  LYS A CA  1 
ATOM   747  C C   . LYS A 1 98  ? -11.645 -2.850  6.127   1.00 16.22 ? 98  LYS A C   1 
ATOM   748  O O   . LYS A 1 98  ? -10.477 -2.483  6.030   1.00 17.89 ? 98  LYS A O   1 
ATOM   749  C CB  . LYS A 1 98  ? -12.473 -1.884  8.265   1.00 17.25 ? 98  LYS A CB  1 
ATOM   750  C CG  . LYS A 1 98  ? -13.446 -0.908  7.619   1.00 20.44 ? 98  LYS A CG  1 
ATOM   751  C CD  . LYS A 1 98  ? -13.660 0.278   8.548   1.00 25.12 ? 98  LYS A CD  1 
ATOM   752  C CE  . LYS A 1 98  ? -14.368 1.429   7.864   1.00 26.94 ? 98  LYS A CE  1 
ATOM   753  N NZ  . LYS A 1 98  ? -15.533 0.981   7.072   1.00 27.08 ? 98  LYS A NZ  1 
ATOM   754  N N   . THR A 1 99  ? -12.450 -2.991  5.086   1.00 16.34 ? 99  THR A N   1 
ATOM   755  C CA  . THR A 1 99  ? -12.052 -2.669  3.716   1.00 14.53 ? 99  THR A CA  1 
ATOM   756  C C   . THR A 1 99  ? -12.674 -1.339  3.301   1.00 18.70 ? 99  THR A C   1 
ATOM   757  O O   . THR A 1 99  ? -13.901 -1.211  3.276   1.00 16.84 ? 99  THR A O   1 
ATOM   758  C CB  . THR A 1 99  ? -12.603 -3.750  2.768   1.00 17.55 ? 99  THR A CB  1 
ATOM   759  O OG1 . THR A 1 99  ? -11.973 -5.002  3.056   1.00 17.87 ? 99  THR A OG1 1 
ATOM   760  C CG2 . THR A 1 99  ? -12.373 -3.392  1.297   1.00 18.23 ? 99  THR A CG2 1 
ATOM   761  N N   . THR A 1 100 ? -11.844 -0.356  2.954   1.00 15.94 ? 100 THR A N   1 
ATOM   762  C CA  . THR A 1 100 ? -12.354 0.914   2.440   1.00 16.24 ? 100 THR A CA  1 
ATOM   763  C C   . THR A 1 100 ? -11.725 1.242   1.089   1.00 16.81 ? 100 THR A C   1 
ATOM   764  O O   . THR A 1 100 ? -10.518 1.496   0.999   1.00 18.98 ? 100 THR A O   1 
ATOM   765  C CB  . THR A 1 100 ? -12.101 2.073   3.419   1.00 19.73 ? 100 THR A CB  1 
ATOM   766  O OG1 . THR A 1 100 ? -12.588 1.711   4.716   1.00 19.67 ? 100 THR A OG1 1 
ATOM   767  C CG2 . THR A 1 100 ? -12.829 3.333   2.943   1.00 20.20 ? 100 THR A CG2 1 
ATOM   768  N N   . GLN A 1 101 ? -12.558 1.229   0.051   1.00 15.36 ? 101 GLN A N   1 
ATOM   769  C CA  . GLN A 1 101 ? -12.138 1.569   -1.315  1.00 18.15 ? 101 GLN A CA  1 
ATOM   770  C C   . GLN A 1 101 ? -12.159 3.074   -1.514  1.00 18.45 ? 101 GLN A C   1 
ATOM   771  O O   . GLN A 1 101 ? -13.022 3.772   -0.975  1.00 18.22 ? 101 GLN A O   1 
ATOM   772  C CB  . GLN A 1 101 ? -13.073 0.885   -2.322  1.00 23.86 ? 101 GLN A CB  1 
ATOM   773  C CG  . GLN A 1 101 ? -12.841 1.249   -3.781  1.00 25.21 ? 101 GLN A CG  1 
ATOM   774  C CD  . GLN A 1 101 ? -11.493 0.769   -4.311  1.00 24.54 ? 101 GLN A CD  1 
ATOM   775  O OE1 . GLN A 1 101 ? -10.987 -0.300  -3.901  1.00 17.76 ? 101 GLN A OE1 1 
ATOM   776  N NE2 . GLN A 1 101 ? -10.901 1.560   -5.232  1.00 17.56 ? 101 GLN A NE2 1 
ATOM   777  N N   . ALA A 1 102 ? -11.196 3.606   -2.263  1.00 13.68 ? 102 ALA A N   1 
ATOM   778  C CA  . ALA A 1 102 ? -11.210 5.033   -2.528  1.00 16.15 ? 102 ALA A CA  1 
ATOM   779  C C   . ALA A 1 102 ? -10.409 5.333   -3.766  1.00 18.42 ? 102 ALA A C   1 
ATOM   780  O O   . ALA A 1 102 ? -9.728  4.461   -4.288  1.00 15.20 ? 102 ALA A O   1 
ATOM   781  C CB  . ALA A 1 102 ? -10.669 5.805   -1.357  1.00 19.71 ? 102 ALA A CB  1 
ATOM   782  N N   . ASN A 1 103 ? -10.526 6.568   -4.244  1.00 19.30 ? 103 ASN A N   1 
ATOM   783  C CA  . ASN A 1 103 ? -9.695  7.050   -5.342  1.00 20.16 ? 103 ASN A CA  1 
ATOM   784  C C   . ASN A 1 103 ? -8.936  8.259   -4.853  1.00 24.05 ? 103 ASN A C   1 
ATOM   785  O O   . ASN A 1 103 ? -9.534  9.310   -4.607  1.00 24.01 ? 103 ASN A O   1 
ATOM   786  C CB  . ASN A 1 103 ? -10.556 7.445   -6.536  1.00 24.95 ? 103 ASN A CB  1 
ATOM   787  C CG  . ASN A 1 103 ? -11.127 6.255   -7.246  1.00 27.10 ? 103 ASN A CG  1 
ATOM   788  O OD1 . ASN A 1 103 ? -12.261 5.841   -6.978  1.00 39.39 ? 103 ASN A OD1 1 
ATOM   789  N ND2 . ASN A 1 103 ? -10.344 5.677   -8.154  1.00 29.69 ? 103 ASN A ND2 1 
ATOM   790  N N   . LYS A 1 104 ? -7.630  8.103   -4.643  1.00 17.53 ? 104 LYS A N   1 
ATOM   791  C CA  . LYS A 1 104 ? -6.838  9.192   -4.096  1.00 22.34 ? 104 LYS A CA  1 
ATOM   792  C C   . LYS A 1 104 ? -5.433  9.232   -4.648  1.00 18.01 ? 104 LYS A C   1 
ATOM   793  O O   . LYS A 1 104 ? -4.945  8.263   -5.225  1.00 17.03 ? 104 LYS A O   1 
ATOM   794  C CB  . LYS A 1 104 ? -6.706  9.071   -2.585  1.00 26.70 ? 104 LYS A CB  1 
ATOM   795  C CG  . LYS A 1 104 ? -7.831  8.404   -1.846  1.00 27.49 ? 104 LYS A CG  1 
ATOM   796  C CD  . LYS A 1 104 ? -7.273  8.061   -0.504  1.00 30.96 ? 104 LYS A CD  1 
ATOM   797  C CE  . LYS A 1 104 ? -8.006  6.978   0.230   1.00 33.33 ? 104 LYS A CE  1 
ATOM   798  N NZ  . LYS A 1 104 ? -7.144  6.255   1.225   1.00 38.61 ? 104 LYS A NZ  1 
ATOM   799  N N   . HIS A 1 105 ? -4.767  10.358  -4.435  1.00 17.61 ? 105 HIS A N   1 
ATOM   800  C CA  . HIS A 1 105 ? -3.348  10.439  -4.733  1.00 16.13 ? 105 HIS A CA  1 
ATOM   801  C C   . HIS A 1 105 ? -2.580  9.562   -3.768  1.00 19.50 ? 105 HIS A C   1 
ATOM   802  O O   . HIS A 1 105 ? -2.946  9.459   -2.588  1.00 23.28 ? 105 HIS A O   1 
ATOM   803  C CB  . HIS A 1 105 ? -2.853  11.874  -4.573  1.00 15.74 ? 105 HIS A CB  1 
ATOM   804  C CG  . HIS A 1 105 ? -3.546  12.840  -5.463  1.00 17.53 ? 105 HIS A CG  1 
ATOM   805  N ND1 . HIS A 1 105 ? -4.715  13.492  -5.105  1.00 19.16 ? 105 HIS A ND1 1 
ATOM   806  C CD2 . HIS A 1 105 ? -3.253  13.265  -6.710  1.00 13.71 ? 105 HIS A CD2 1 
ATOM   807  C CE1 . HIS A 1 105 ? -5.099  14.272  -6.086  1.00 18.93 ? 105 HIS A CE1 1 
ATOM   808  N NE2 . HIS A 1 105 ? -4.232  14.153  -7.086  1.00 22.06 ? 105 HIS A NE2 1 
ATOM   809  N N   . ILE A 1 106 ? -1.526  8.910   -4.247  1.00 14.19 ? 106 ILE A N   1 
ATOM   810  C CA  . ILE A 1 106 ? -0.667  8.186   -3.327  1.00 14.53 ? 106 ILE A CA  1 
ATOM   811  C C   . ILE A 1 106 ? 0.643   8.921   -3.083  1.00 16.05 ? 106 ILE A C   1 
ATOM   812  O O   . ILE A 1 106 ? 1.102   9.698   -3.926  1.00 16.42 ? 106 ILE A O   1 
ATOM   813  C CB  . ILE A 1 106 ? -0.417  6.713   -3.775  1.00 12.27 ? 106 ILE A CB  1 
ATOM   814  C CG1 . ILE A 1 106 ? 0.419   6.658   -5.052  1.00 15.01 ? 106 ILE A CG1 1 
ATOM   815  C CG2 . ILE A 1 106 ? -1.743  5.992   -3.948  1.00 15.93 ? 106 ILE A CG2 1 
ATOM   816  C CD1 . ILE A 1 106 ? 0.925   5.237   -5.375  1.00 13.70 ? 106 ILE A CD1 1 
ATOM   817  N N   . ILE A 1 107 ? 1.215   8.716   -1.903  1.00 15.60 ? 107 ILE A N   1 
ATOM   818  C CA  . ILE A 1 107 ? 2.521   9.277   -1.578  1.00 13.17 ? 107 ILE A CA  1 
ATOM   819  C C   . ILE A 1 107 ? 3.417   8.124   -1.170  1.00 17.25 ? 107 ILE A C   1 
ATOM   820  O O   . ILE A 1 107 ? 3.083   7.372   -0.255  1.00 16.26 ? 107 ILE A O   1 
ATOM   821  C CB  . ILE A 1 107 ? 2.471   10.329  -0.439  1.00 16.75 ? 107 ILE A CB  1 
ATOM   822  C CG1 . ILE A 1 107 ? 1.736   11.585  -0.910  1.00 22.04 ? 107 ILE A CG1 1 
ATOM   823  C CG2 . ILE A 1 107 ? 3.879   10.768  -0.056  1.00 17.80 ? 107 ILE A CG2 1 
ATOM   824  C CD1 . ILE A 1 107 ? 0.330   11.640  -0.480  1.00 25.39 ? 107 ILE A CD1 1 
ATOM   825  N N   . VAL A 1 108 ? 4.537   7.973   -1.868  1.00 14.72 ? 108 VAL A N   1 
ATOM   826  C CA  . VAL A 1 108 ? 5.462   6.880   -1.614  1.00 13.79 ? 108 VAL A CA  1 
ATOM   827  C C   . VAL A 1 108 ? 6.876   7.417   -1.450  1.00 16.65 ? 108 VAL A C   1 
ATOM   828  O O   . VAL A 1 108 ? 7.219   8.474   -1.991  1.00 18.05 ? 108 VAL A O   1 
ATOM   829  C CB  . VAL A 1 108 ? 5.440   5.834   -2.770  1.00 12.82 ? 108 VAL A CB  1 
ATOM   830  C CG1 . VAL A 1 108 ? 4.082   5.180   -2.874  1.00 15.39 ? 108 VAL A CG1 1 
ATOM   831  C CG2 . VAL A 1 108 ? 5.825   6.505   -4.104  1.00 16.17 ? 108 VAL A CG2 1 
ATOM   832  N N   . ALA A 1 109 ? 7.703   6.695   -0.698  1.00 14.90 ? 109 ALA A N   1 
ATOM   833  C CA  . ALA A 1 109 ? 9.116   7.034   -0.587  1.00 15.35 ? 109 ALA A CA  1 
ATOM   834  C C   . ALA A 1 109 ? 9.840   6.154   -1.581  1.00 17.36 ? 109 ALA A C   1 
ATOM   835  O O   . ALA A 1 109 ? 9.507   4.971   -1.718  1.00 17.86 ? 109 ALA A O   1 
ATOM   836  C CB  . ALA A 1 109 ? 9.628   6.767   0.805   1.00 18.16 ? 109 ALA A CB  1 
ATOM   837  N N   . CYS A 1 110 ? 10.810  6.732   -2.279  1.00 17.71 ? 110 CYS A N   1 
ATOM   838  C CA  . CYS A 1 110 ? 11.552  6.022   -3.316  1.00 17.05 ? 110 CYS A CA  1 
ATOM   839  C C   . CYS A 1 110 ? 13.047  5.969   -3.035  1.00 22.22 ? 110 CYS A C   1 
ATOM   840  O O   . CYS A 1 110 ? 13.630  6.922   -2.500  1.00 21.95 ? 110 CYS A O   1 
ATOM   841  C CB  . CYS A 1 110 ? 11.315  6.682   -4.675  1.00 18.28 ? 110 CYS A CB  1 
ATOM   842  S SG  . CYS A 1 110 ? 9.582   6.751   -5.135  1.00 17.59 ? 110 CYS A SG  1 
ATOM   843  N N   . GLU A 1 111 ? 13.663  4.861   -3.435  1.00 19.40 ? 111 GLU A N   1 
ATOM   844  C CA  . GLU A 1 111 ? 15.100  4.657   -3.253  1.00 23.95 ? 111 GLU A CA  1 
ATOM   845  C C   . GLU A 1 111 ? 15.671  3.767   -4.339  1.00 25.94 ? 111 GLU A C   1 
ATOM   846  O O   . GLU A 1 111 ? 14.944  2.981   -4.952  1.00 23.75 ? 111 GLU A O   1 
ATOM   847  C CB  . GLU A 1 111 ? 15.380  3.962   -1.923  1.00 25.08 ? 111 GLU A CB  1 
ATOM   848  C CG  . GLU A 1 111 ? 15.483  4.864   -0.731  1.00 34.01 ? 111 GLU A CG  1 
ATOM   849  C CD  . GLU A 1 111 ? 15.886  4.099   0.508   1.00 36.36 ? 111 GLU A CD  1 
ATOM   850  O OE1 . GLU A 1 111 ? 16.945  3.438   0.475   1.00 45.07 ? 111 GLU A OE1 1 
ATOM   851  O OE2 . GLU A 1 111 ? 15.136  4.142   1.505   1.00 39.12 ? 111 GLU A OE2 1 
ATOM   852  N N   . GLY A 1 112 ? 16.981  3.874   -4.549  1.00 26.28 ? 112 GLY A N   1 
ATOM   853  C CA  . GLY A 1 112 ? 17.703  2.900   -5.349  1.00 28.41 ? 112 GLY A CA  1 
ATOM   854  C C   . GLY A 1 112 ? 17.928  3.229   -6.813  1.00 27.48 ? 112 GLY A C   1 
ATOM   855  O O   . GLY A 1 112 ? 17.555  4.297   -7.307  1.00 25.33 ? 112 GLY A O   1 
ATOM   856  N N   . ASN A 1 113 ? 18.559  2.288   -7.505  1.00 27.66 ? 113 ASN A N   1 
ATOM   857  C CA  . ASN A 1 113 ? 18.759  2.363   -8.943  1.00 32.31 ? 113 ASN A CA  1 
ATOM   858  C C   . ASN A 1 113 ? 18.434  0.992   -9.522  1.00 33.10 ? 113 ASN A C   1 
ATOM   859  O O   . ASN A 1 113 ? 19.226  0.065   -9.380  1.00 38.80 ? 113 ASN A O   1 
ATOM   860  C CB  . ASN A 1 113 ? 20.202  2.761   -9.261  1.00 37.83 ? 113 ASN A CB  1 
ATOM   861  C CG  . ASN A 1 113 ? 20.401  3.141   -10.719 1.00 39.27 ? 113 ASN A CG  1 
ATOM   862  O OD1 . ASN A 1 113 ? 19.590  2.801   -11.587 1.00 41.62 ? 113 ASN A OD1 1 
ATOM   863  N ND2 . ASN A 1 113 ? 21.492  3.842   -10.996 1.00 45.35 ? 113 ASN A ND2 1 
ATOM   864  N N   . PRO A 1 114 ? 17.259  0.848   -10.164 1.00 30.71 ? 114 PRO A N   1 
ATOM   865  C CA  . PRO A 1 114 ? 16.279  1.894   -10.500 1.00 32.01 ? 114 PRO A CA  1 
ATOM   866  C C   . PRO A 1 114 ? 15.604  2.525   -9.279  1.00 26.50 ? 114 PRO A C   1 
ATOM   867  O O   . PRO A 1 114 ? 15.529  1.904   -8.216  1.00 26.55 ? 114 PRO A O   1 
ATOM   868  C CB  . PRO A 1 114 ? 15.245  1.143   -11.342 1.00 31.32 ? 114 PRO A CB  1 
ATOM   869  C CG  . PRO A 1 114 ? 15.313  -0.263  -10.836 1.00 34.05 ? 114 PRO A CG  1 
ATOM   870  C CD  . PRO A 1 114 ? 16.766  -0.496  -10.513 1.00 33.12 ? 114 PRO A CD  1 
ATOM   871  N N   . TYR A 1 115 ? 15.142  3.761   -9.438  1.00 21.95 ? 115 TYR A N   1 
ATOM   872  C CA  . TYR A 1 115 ? 14.536  4.517   -8.343  1.00 22.65 ? 115 TYR A CA  1 
ATOM   873  C C   . TYR A 1 115 ? 13.080  4.094   -8.264  1.00 17.97 ? 115 TYR A C   1 
ATOM   874  O O   . TYR A 1 115 ? 12.265  4.461   -9.124  1.00 19.22 ? 115 TYR A O   1 
ATOM   875  C CB  . TYR A 1 115 ? 14.641  6.002   -8.673  1.00 20.37 ? 115 TYR A CB  1 
ATOM   876  C CG  . TYR A 1 115 ? 14.493  6.987   -7.533  1.00 19.80 ? 115 TYR A CG  1 
ATOM   877  C CD1 . TYR A 1 115 ? 15.284  6.906   -6.397  1.00 20.92 ? 115 TYR A CD1 1 
ATOM   878  C CD2 . TYR A 1 115 ? 13.614  8.056   -7.643  1.00 20.30 ? 115 TYR A CD2 1 
ATOM   879  C CE1 . TYR A 1 115 ? 15.169  7.845   -5.374  1.00 23.59 ? 115 TYR A CE1 1 
ATOM   880  C CE2 . TYR A 1 115 ? 13.498  9.000   -6.630  1.00 21.47 ? 115 TYR A CE2 1 
ATOM   881  C CZ  . TYR A 1 115 ? 14.284  8.889   -5.503  1.00 23.26 ? 115 TYR A CZ  1 
ATOM   882  O OH  . TYR A 1 115 ? 14.179  9.821   -4.490  1.00 22.72 ? 115 TYR A OH  1 
ATOM   883  N N   . VAL A 1 116 ? 12.754  3.295   -7.246  1.00 18.57 ? 116 VAL A N   1 
ATOM   884  C CA  . VAL A 1 116 ? 11.440  2.664   -7.149  1.00 15.67 ? 116 VAL A CA  1 
ATOM   885  C C   . VAL A 1 116 ? 10.834  2.824   -5.745  1.00 14.76 ? 116 VAL A C   1 
ATOM   886  O O   . VAL A 1 116 ? 11.539  3.155   -4.793  1.00 15.82 ? 116 VAL A O   1 
ATOM   887  C CB  . VAL A 1 116 ? 11.521  1.157   -7.493  1.00 17.49 ? 116 VAL A CB  1 
ATOM   888  C CG1 . VAL A 1 116 ? 11.812  0.976   -8.979  1.00 19.13 ? 116 VAL A CG1 1 
ATOM   889  C CG2 . VAL A 1 116 ? 12.564  0.481   -6.631  1.00 21.72 ? 116 VAL A CG2 1 
ATOM   890  N N   . PRO A 1 117 ? 9.522   2.571   -5.612  1.00 15.73 ? 117 PRO A N   1 
ATOM   891  C CA  . PRO A 1 117 ? 8.932   2.776   -4.282  1.00 14.44 ? 117 PRO A CA  1 
ATOM   892  C C   . PRO A 1 117 ? 9.407   1.750   -3.254  1.00 17.02 ? 117 PRO A C   1 
ATOM   893  O O   . PRO A 1 117 ? 9.513   0.564   -3.576  1.00 16.21 ? 117 PRO A O   1 
ATOM   894  C CB  . PRO A 1 117 ? 7.434   2.601   -4.533  1.00 13.14 ? 117 PRO A CB  1 
ATOM   895  C CG  . PRO A 1 117 ? 7.250   2.923   -6.011  1.00 14.26 ? 117 PRO A CG  1 
ATOM   896  C CD  . PRO A 1 117 ? 8.502   2.403   -6.665  1.00 16.10 ? 117 PRO A CD  1 
ATOM   897  N N   . VAL A 1 118 ? 9.677   2.211   -2.029  1.00 15.45 ? 118 VAL A N   1 
ATOM   898  C CA  . VAL A 1 118 ? 10.104  1.316   -0.951  1.00 14.11 ? 118 VAL A CA  1 
ATOM   899  C C   . VAL A 1 118 ? 9.269   1.474   0.331   1.00 18.32 ? 118 VAL A C   1 
ATOM   900  O O   . VAL A 1 118 ? 9.485   0.751   1.307   1.00 19.28 ? 118 VAL A O   1 
ATOM   901  C CB  . VAL A 1 118 ? 11.601  1.507   -0.626  1.00 18.96 ? 118 VAL A CB  1 
ATOM   902  C CG1 . VAL A 1 118 ? 12.460  1.172   -1.828  1.00 20.32 ? 118 VAL A CG1 1 
ATOM   903  C CG2 . VAL A 1 118 ? 11.872  2.945   -0.183  1.00 18.71 ? 118 VAL A CG2 1 
ATOM   904  N N   . HIS A 1 119 ? 8.307   2.390   0.318   1.00 16.32 ? 119 HIS A N   1 
ATOM   905  C CA  . HIS A 1 119 ? 7.472   2.634   1.495   1.00 16.33 ? 119 HIS A CA  1 
ATOM   906  C C   . HIS A 1 119 ? 6.196   3.354   1.069   1.00 16.62 ? 119 HIS A C   1 
ATOM   907  O O   . HIS A 1 119 ? 6.240   4.237   0.214   1.00 17.07 ? 119 HIS A O   1 
ATOM   908  C CB  . HIS A 1 119 ? 8.268   3.474   2.513   1.00 18.90 ? 119 HIS A CB  1 
ATOM   909  C CG  . HIS A 1 119 ? 7.418   4.266   3.460   1.00 23.24 ? 119 HIS A CG  1 
ATOM   910  N ND1 . HIS A 1 119 ? 6.746   3.690   4.520   1.00 28.69 ? 119 HIS A ND1 1 
ATOM   911  C CD2 . HIS A 1 119 ? 7.146   5.589   3.519   1.00 25.19 ? 119 HIS A CD2 1 
ATOM   912  C CE1 . HIS A 1 119 ? 6.087   4.627   5.184   1.00 23.67 ? 119 HIS A CE1 1 
ATOM   913  N NE2 . HIS A 1 119 ? 6.316   5.792   4.594   1.00 24.81 ? 119 HIS A NE2 1 
ATOM   914  N N   . PHE A 1 120 ? 5.056   2.970   1.632   1.00 17.33 ? 120 PHE A N   1 
ATOM   915  C CA  . PHE A 1 120 ? 3.815   3.680   1.346   1.00 17.39 ? 120 PHE A CA  1 
ATOM   916  C C   . PHE A 1 120 ? 3.561   4.657   2.485   1.00 20.18 ? 120 PHE A C   1 
ATOM   917  O O   . PHE A 1 120 ? 3.362   4.239   3.628   1.00 20.09 ? 120 PHE A O   1 
ATOM   918  C CB  . PHE A 1 120 ? 2.642   2.707   1.207   1.00 14.26 ? 120 PHE A CB  1 
ATOM   919  C CG  . PHE A 1 120 ? 1.389   3.349   0.681   1.00 16.94 ? 120 PHE A CG  1 
ATOM   920  C CD1 . PHE A 1 120 ? 0.517   4.018   1.535   1.00 19.56 ? 120 PHE A CD1 1 
ATOM   921  C CD2 . PHE A 1 120 ? 1.097   3.309   -0.677  1.00 16.40 ? 120 PHE A CD2 1 
ATOM   922  C CE1 . PHE A 1 120 ? -0.639  4.618   1.048   1.00 18.74 ? 120 PHE A CE1 1 
ATOM   923  C CE2 . PHE A 1 120 ? -0.056  3.918   -1.175  1.00 16.11 ? 120 PHE A CE2 1 
ATOM   924  C CZ  . PHE A 1 120 ? -0.924  4.569   -0.308  1.00 16.95 ? 120 PHE A CZ  1 
ATOM   925  N N   . ASP A 1 121 ? 3.581   5.955   2.190   1.00 18.62 ? 121 ASP A N   1 
ATOM   926  C CA  . ASP A 1 121 ? 3.509   6.946   3.262   1.00 19.62 ? 121 ASP A CA  1 
ATOM   927  C C   . ASP A 1 121 ? 2.081   7.314   3.626   1.00 23.68 ? 121 ASP A C   1 
ATOM   928  O O   . ASP A 1 121 ? 1.726   7.356   4.814   1.00 25.07 ? 121 ASP A O   1 
ATOM   929  C CB  . ASP A 1 121 ? 4.305   8.202   2.900   1.00 17.80 ? 121 ASP A CB  1 
ATOM   930  C CG  . ASP A 1 121 ? 4.723   8.979   4.120   1.00 27.23 ? 121 ASP A CG  1 
ATOM   931  O OD1 . ASP A 1 121 ? 5.237   8.347   5.080   1.00 28.42 ? 121 ASP A OD1 1 
ATOM   932  O OD2 . ASP A 1 121 ? 4.521   10.209  4.136   1.00 26.07 ? 121 ASP A OD2 1 
ATOM   933  N N   . ALA A 1 122 ? 1.263   7.571   2.612   1.00 19.94 ? 122 ALA A N   1 
ATOM   934  C CA  . ALA A 1 122 ? -0.087  8.069   2.820   1.00 23.00 ? 122 ALA A CA  1 
ATOM   935  C C   . ALA A 1 122 ? -0.825  8.172   1.506   1.00 21.47 ? 122 ALA A C   1 
ATOM   936  O O   . ALA A 1 122 ? -0.240  8.012   0.433   1.00 19.01 ? 122 ALA A O   1 
ATOM   937  C CB  . ALA A 1 122 ? -0.052  9.442   3.493   1.00 24.73 ? 122 ALA A CB  1 
ATOM   938  N N   . SER A 1 123 ? -2.120  8.434   1.601   1.00 22.47 ? 123 SER A N   1 
ATOM   939  C CA  . SER A 1 123 ? -2.904  8.770   0.434   1.00 22.66 ? 123 SER A CA  1 
ATOM   940  C C   . SER A 1 123 ? -3.599  10.083  0.710   1.00 25.04 ? 123 SER A C   1 
ATOM   941  O O   . SER A 1 123 ? -3.850  10.427  1.863   1.00 26.80 ? 123 SER A O   1 
ATOM   942  C CB  . SER A 1 123 ? -3.921  7.670   0.132   1.00 27.46 ? 123 SER A CB  1 
ATOM   943  O OG  . SER A 1 123 ? -4.858  7.532   1.189   1.00 33.13 ? 123 SER A OG  1 
ATOM   944  N N   . VAL A 1 124 ? -3.862  10.831  -0.355  1.00 21.04 ? 124 VAL A N   1 
ATOM   945  C CA  . VAL A 1 124 ? -4.585  12.089  -0.271  1.00 24.83 ? 124 VAL A CA  1 
ATOM   946  C C   . VAL A 1 124 ? -5.685  12.078  -1.330  1.00 27.58 ? 124 VAL A C   1 
ATOM   947  O O   . VAL A 1 124 ? -5.410  12.215  -2.512  1.00 24.22 ? 124 VAL A O   1 
ATOM   948  C CB  . VAL A 1 124 ? -3.649  13.285  -0.505  1.00 23.27 ? 124 VAL A CB  1 
ATOM   949  C CG1 . VAL A 1 124 ? -4.447  14.572  -0.524  1.00 31.26 ? 124 VAL A CG1 1 
ATOM   950  C CG2 . VAL A 1 124 ? -2.605  13.347  0.586   1.00 26.36 ? 124 VAL A CG2 1 
ATOM   951  O OXT . VAL A 1 124 ? -6.876  11.905  -1.038  1.00 27.78 ? 124 VAL A OXT 1 
HETATM 952  S S   . SO4 B 2 .   ? 5.252   0.278   4.707   1.00 28.41 ? 201 SO4 A S   1 
HETATM 953  O O1  . SO4 B 2 .   ? 3.895   0.066   5.252   1.00 29.31 ? 201 SO4 A O1  1 
HETATM 954  O O2  . SO4 B 2 .   ? 5.916   1.390   5.365   1.00 31.67 ? 201 SO4 A O2  1 
HETATM 955  O O3  . SO4 B 2 .   ? 5.161   0.554   3.258   1.00 19.74 ? 201 SO4 A O3  1 
HETATM 956  O O4  . SO4 B 2 .   ? 5.993   -0.965  4.968   1.00 30.64 ? 201 SO4 A O4  1 
HETATM 957  C C1  . MFW C 3 .   ? -21.517 -5.977  1.567   1.00 36.47 ? 202 MFW A C1  1 
HETATM 958  O O1  . MFW C 3 .   ? -19.043 -7.858  -0.163  1.00 44.88 ? 202 MFW A O1  1 
HETATM 959  C C2  . MFW C 3 .   ? -20.878 -4.940  0.682   1.00 31.71 ? 202 MFW A C2  1 
HETATM 960  C C3  . MFW C 3 .   ? -19.741 -5.620  -0.036  1.00 34.59 ? 202 MFW A C3  1 
HETATM 961  C C4  . MFW C 3 .   ? -19.607 -6.916  0.671   1.00 33.93 ? 202 MFW A C4  1 
HETATM 962  C C5  . MFW C 3 .   ? -20.970 -7.301  0.998   1.00 41.94 ? 202 MFW A C5  1 
HETATM 963  C C1  . MFW D 3 .   ? 10.651  19.881  0.345   1.00 33.70 ? 203 MFW A C1  1 
HETATM 964  O O1  . MFW D 3 .   ? 12.459  17.554  -0.713  1.00 42.74 ? 203 MFW A O1  1 
HETATM 965  C C2  . MFW D 3 .   ? 10.866  19.005  1.555   1.00 36.51 ? 203 MFW A C2  1 
HETATM 966  C C3  . MFW D 3 .   ? 10.930  17.579  1.070   1.00 33.28 ? 203 MFW A C3  1 
HETATM 967  C C4  . MFW D 3 .   ? 11.112  17.650  -0.409  1.00 34.12 ? 203 MFW A C4  1 
HETATM 968  C C5  . MFW D 3 .   ? 10.647  18.946  -0.889  1.00 34.01 ? 203 MFW A C5  1 
HETATM 969  C C1  . MFW E 3 .   ? -8.501  -14.977 6.398   1.00 39.61 ? 204 MFW A C1  1 
HETATM 970  O O1  . MFW E 3 .   ? -11.742 -15.110 4.884   1.00 45.83 ? 204 MFW A O1  1 
HETATM 971  C C2  . MFW E 3 .   ? -9.414  -14.721 7.573   1.00 42.18 ? 204 MFW A C2  1 
HETATM 972  C C3  . MFW E 3 .   ? -10.820 -14.706 7.020   1.00 45.63 ? 204 MFW A C3  1 
HETATM 973  C C4  . MFW E 3 .   ? -10.658 -14.556 5.546   1.00 41.98 ? 204 MFW A C4  1 
HETATM 974  C C5  . MFW E 3 .   ? -9.438  -15.274 5.205   1.00 39.41 ? 204 MFW A C5  1 
HETATM 975  C C1  . MFW F 3 .   ? -17.902 -4.010  -2.626  1.00 39.96 ? 205 MFW A C1  1 
HETATM 976  O O1  . MFW F 3 .   ? -15.353 -2.205  -1.160  1.00 37.63 ? 205 MFW A O1  1 
HETATM 977  C C2  . MFW F 3 .   ? -17.518 -2.898  -3.565  1.00 39.41 ? 205 MFW A C2  1 
HETATM 978  C C3  . MFW F 3 .   ? -17.070 -1.758  -2.688  1.00 40.44 ? 205 MFW A C3  1 
HETATM 979  C C4  . MFW F 3 .   ? -16.715 -2.345  -1.364  1.00 37.75 ? 205 MFW A C4  1 
HETATM 980  C C5  . MFW F 3 .   ? -17.061 -3.762  -1.351  1.00 37.34 ? 205 MFW A C5  1 
HETATM 981  O O   . HOH G 4 .   ? 8.656   -1.365  -5.387  1.00 15.39 ? 301 HOH A O   1 
HETATM 982  O O   . HOH G 4 .   ? 9.211   -2.029  -7.976  1.00 18.86 ? 302 HOH A O   1 
HETATM 983  O O   . HOH G 4 .   ? -0.241  9.982   -11.313 1.00 16.25 ? 303 HOH A O   1 
HETATM 984  O O   . HOH G 4 .   ? 6.589   -1.280  1.628   1.00 19.93 ? 304 HOH A O   1 
HETATM 985  O O   . HOH G 4 .   ? 3.171   -2.752  -15.113 1.00 20.25 ? 305 HOH A O   1 
HETATM 986  O O   . HOH G 4 .   ? -2.858  1.603   -13.940 1.00 17.53 ? 306 HOH A O   1 
HETATM 987  O O   . HOH G 4 .   ? 1.354   -4.396  -13.490 1.00 20.89 ? 307 HOH A O   1 
HETATM 988  O O   . HOH G 4 .   ? -10.473 0.518   6.062   1.00 19.20 ? 308 HOH A O   1 
HETATM 989  O O   . HOH G 4 .   ? 13.309  -9.735  -2.396  1.00 17.76 ? 309 HOH A O   1 
HETATM 990  O O   . HOH G 4 .   ? -0.146  1.302   3.969   1.00 19.89 ? 310 HOH A O   1 
HETATM 991  O O   . HOH G 4 .   ? -12.027 -7.222  4.921   1.00 19.97 ? 311 HOH A O   1 
HETATM 992  O O   . HOH G 4 .   ? 9.669   -1.742  1.564   1.00 23.33 ? 312 HOH A O   1 
HETATM 993  O O   . HOH G 4 .   ? -6.724  -11.727 7.628   1.00 27.06 ? 313 HOH A O   1 
HETATM 994  O O   . HOH G 4 .   ? 1.634   7.172   -12.552 1.00 15.48 ? 314 HOH A O   1 
HETATM 995  O O   . HOH G 4 .   ? 9.912   6.677   -12.183 1.00 28.79 ? 315 HOH A O   1 
HETATM 996  O O   . HOH G 4 .   ? -0.646  -13.949 6.595   1.00 23.84 ? 316 HOH A O   1 
HETATM 997  O O   . HOH G 4 .   ? 0.403   1.026   -16.946 1.00 31.88 ? 317 HOH A O   1 
HETATM 998  O O   . HOH G 4 .   ? -15.277 0.356   0.479   1.00 28.43 ? 318 HOH A O   1 
HETATM 999  O O   . HOH G 4 .   ? 18.587  5.869   -3.316  1.00 38.75 ? 319 HOH A O   1 
HETATM 1000 O O   . HOH G 4 .   ? 7.352   14.738  -13.431 1.00 24.62 ? 320 HOH A O   1 
HETATM 1001 O O   . HOH G 4 .   ? -11.107 -5.546  -11.885 1.00 37.20 ? 321 HOH A O   1 
HETATM 1002 O O   . HOH G 4 .   ? -2.067  -9.044  -8.141  1.00 25.52 ? 322 HOH A O   1 
HETATM 1003 O O   . HOH G 4 .   ? 15.684  12.526  3.718   1.00 36.55 ? 323 HOH A O   1 
HETATM 1004 O O   . HOH G 4 .   ? -15.751 -0.617  4.938   1.00 21.88 ? 324 HOH A O   1 
HETATM 1005 O O   . HOH G 4 .   ? -7.769  0.702   -11.619 1.00 36.25 ? 325 HOH A O   1 
HETATM 1006 O O   . HOH G 4 .   ? 12.277  12.099  -9.421  1.00 32.71 ? 326 HOH A O   1 
HETATM 1007 O O   . HOH G 4 .   ? 3.773   23.747  -8.455  1.00 26.05 ? 327 HOH A O   1 
HETATM 1008 O O   . HOH G 4 .   ? 15.182  0.070   -4.164  1.00 28.43 ? 328 HOH A O   1 
HETATM 1009 O O   . HOH G 4 .   ? -2.454  5.318   -12.398 1.00 21.85 ? 329 HOH A O   1 
HETATM 1010 O O   . HOH G 4 .   ? -1.119  -4.332  -14.698 1.00 31.75 ? 330 HOH A O   1 
HETATM 1011 O O   . HOH G 4 .   ? 15.955  -0.510  -6.985  1.00 28.37 ? 331 HOH A O   1 
HETATM 1012 O O   . HOH G 4 .   ? -0.091  -16.396 -0.260  1.00 30.04 ? 332 HOH A O   1 
HETATM 1013 O O   . HOH G 4 .   ? 9.046   17.202  -8.071  1.00 26.75 ? 333 HOH A O   1 
HETATM 1014 O O   . HOH G 4 .   ? 11.255  -6.215  -6.855  1.00 31.07 ? 334 HOH A O   1 
HETATM 1015 O O   . HOH G 4 .   ? 10.213  14.620  -9.889  1.00 28.25 ? 335 HOH A O   1 
HETATM 1016 O O   . HOH G 4 .   ? 15.719  4.827   -11.943 1.00 41.67 ? 336 HOH A O   1 
HETATM 1017 O O   . HOH G 4 .   ? 13.720  -6.276  -5.813  1.00 32.59 ? 337 HOH A O   1 
HETATM 1018 O O   . HOH G 4 .   ? 7.627   -2.239  -14.396 1.00 35.73 ? 338 HOH A O   1 
HETATM 1019 O O   . HOH G 4 .   ? 8.335   -8.807  -5.855  1.00 26.52 ? 339 HOH A O   1 
HETATM 1020 O O   . HOH G 4 .   ? -3.420  8.994   4.656   0.50 31.72 ? 340 HOH A O   1 
HETATM 1021 O O   . HOH G 4 .   ? 14.964  -2.526  -3.146  1.00 22.53 ? 341 HOH A O   1 
HETATM 1022 O O   . HOH G 4 .   ? -15.038 -4.341  5.337   1.00 22.30 ? 342 HOH A O   1 
HETATM 1023 O O   . HOH G 4 .   ? -2.504  -12.104 -2.654  1.00 20.59 ? 343 HOH A O   1 
HETATM 1024 O O   . HOH G 4 .   ? 0.483   -0.390  10.314  1.00 26.12 ? 344 HOH A O   1 
HETATM 1025 O O   . HOH G 4 .   ? -6.148  -12.892 -1.508  1.00 29.46 ? 345 HOH A O   1 
HETATM 1026 O O   . HOH G 4 .   ? -12.779 -9.838  -2.256  1.00 35.54 ? 346 HOH A O   1 
HETATM 1027 O O   . HOH G 4 .   ? -5.840  4.108   -14.149 1.00 28.54 ? 347 HOH A O   1 
HETATM 1028 O O   . HOH G 4 .   ? 5.995   12.322  -14.309 1.00 26.04 ? 348 HOH A O   1 
HETATM 1029 O O   . HOH G 4 .   ? 13.300  5.711   2.180   1.00 34.24 ? 349 HOH A O   1 
HETATM 1030 O O   . HOH G 4 .   ? -5.243  -13.726 8.676   1.00 32.38 ? 350 HOH A O   1 
HETATM 1031 O O   . HOH G 4 .   ? -2.884  -11.160 -5.242  1.00 27.40 ? 351 HOH A O   1 
HETATM 1032 O O   . HOH G 4 .   ? 5.906   -13.515 1.507   1.00 28.76 ? 352 HOH A O   1 
HETATM 1033 O O   . HOH G 4 .   ? 8.669   -10.404 -1.802  1.00 30.27 ? 353 HOH A O   1 
HETATM 1034 O O   . HOH G 4 .   ? -1.143  7.772   -12.754 1.00 18.95 ? 354 HOH A O   1 
HETATM 1035 O O   . HOH G 4 .   ? 8.216   -12.741 0.858   1.00 32.80 ? 355 HOH A O   1 
HETATM 1036 O O   . HOH G 4 .   ? 2.209   2.003   4.903   1.00 30.15 ? 356 HOH A O   1 
HETATM 1037 O O   . HOH G 4 .   ? -14.474 -1.748  15.684  1.00 29.03 ? 357 HOH A O   1 
HETATM 1038 O O   . HOH G 4 .   ? 14.035  1.382   3.428   1.00 45.49 ? 358 HOH A O   1 
HETATM 1039 O O   . HOH G 4 .   ? 4.013   0.292   8.066   1.00 45.63 ? 359 HOH A O   1 
HETATM 1040 O O   . HOH G 4 .   ? 2.512   -8.760  9.960   1.00 39.48 ? 360 HOH A O   1 
HETATM 1041 O O   . HOH G 4 .   ? 9.679   7.211   4.984   1.00 42.75 ? 361 HOH A O   1 
HETATM 1042 O O   . HOH G 4 .   ? -1.235  -8.037  16.283  1.00 33.21 ? 362 HOH A O   1 
HETATM 1043 O O   . HOH G 4 .   ? 7.105   9.004   6.951   1.00 35.43 ? 363 HOH A O   1 
HETATM 1044 O O   . HOH G 4 .   ? -14.164 -7.808  8.941   1.00 34.08 ? 364 HOH A O   1 
HETATM 1045 O O   . HOH G 4 .   ? -6.632  9.738   1.790   0.50 39.09 ? 365 HOH A O   1 
HETATM 1046 O O   . HOH G 4 .   ? 13.458  13.474  -7.466  1.00 36.74 ? 366 HOH A O   1 
HETATM 1047 O O   . HOH G 4 .   ? -15.738 4.410   0.555   1.00 39.97 ? 367 HOH A O   1 
HETATM 1048 O O   . HOH G 4 .   ? -6.830  -2.994  -13.089 1.00 39.08 ? 368 HOH A O   1 
HETATM 1049 O O   . HOH G 4 .   ? 1.143   15.561  -6.712  1.00 29.51 ? 369 HOH A O   1 
HETATM 1050 O O   . HOH G 4 .   ? -6.193  -14.258 11.036  1.00 37.27 ? 370 HOH A O   1 
HETATM 1051 O O   . HOH G 4 .   ? 7.901   20.618  -7.472  1.00 33.36 ? 371 HOH A O   1 
HETATM 1052 O O   . HOH G 4 .   ? 8.583   -0.925  6.466   1.00 46.30 ? 376 HOH A O   1 
HETATM 1053 O O   . HOH G 4 .   ? 5.526   -7.982  6.037   1.00 40.15 ? 377 HOH A O   1 
HETATM 1054 O O   . HOH G 4 .   ? 11.056  1.628   4.340   1.00 41.44 ? 378 HOH A O   1 
HETATM 1055 O O   . HOH G 4 .   ? 8.223   -12.443 3.847   1.00 44.33 ? 379 HOH A O   1 
HETATM 1056 O O   . HOH G 4 .   ? 6.391   -2.709  7.680   1.00 45.72 ? 380 HOH A O   1 
HETATM 1057 O O   . HOH G 4 .   ? -9.143  -11.162 -2.996  1.00 38.52 ? 382 HOH A O   1 
HETATM 1058 O O   . HOH G 4 .   ? 16.748  9.964   -8.864  1.00 43.45 ? 384 HOH A O   1 
HETATM 1059 O O   . HOH G 4 .   ? 6.496   23.733  -6.380  1.00 38.75 ? 385 HOH A O   1 
HETATM 1060 O O   . HOH G 4 .   ? -8.090  12.795  -3.501  1.00 35.45 ? 386 HOH A O   1 
HETATM 1061 O O   . HOH G 4 .   ? -2.438  -12.459 20.206  1.00 49.62 ? 387 HOH A O   1 
HETATM 1062 O O   . HOH G 4 .   ? 1.278   1.015   8.137   1.00 36.16 ? 389 HOH A O   1 
HETATM 1063 O O   . HOH G 4 .   ? -13.405 7.715   -4.038  1.00 36.71 ? 392 HOH A O   1 
HETATM 1064 O O   . HOH G 4 .   ? -1.336  17.011  -9.717  1.00 28.37 ? 393 HOH A O   1 
HETATM 1065 O O   . HOH G 4 .   ? -13.213 3.589   -6.206  1.00 36.76 ? 394 HOH A O   1 
HETATM 1066 O O   . HOH G 4 .   ? -12.343 10.498  -5.370  1.00 42.48 ? 397 HOH A O   1 
HETATM 1067 O O   . HOH G 4 .   ? -8.484  7.186   -9.318  1.00 31.73 ? 400 HOH A O   1 
HETATM 1068 O O   . HOH G 4 .   ? 11.260  3.978   3.630   1.00 42.92 ? 401 HOH A O   1 
HETATM 1069 O O   . HOH G 4 .   ? 0.142   -3.662  -17.500 1.00 45.12 ? 402 HOH A O   1 
HETATM 1070 O O   . HOH G 4 .   ? 16.833  0.292   -2.397  1.00 39.69 ? 405 HOH A O   1 
HETATM 1071 O O   . HOH G 4 .   ? 16.466  10.668  2.703   1.00 45.23 ? 406 HOH A O   1 
HETATM 1072 O O   . HOH G 4 .   ? 12.233  -9.888  4.587   1.00 44.51 ? 407 HOH A O   1 
HETATM 1073 O O   . HOH G 4 .   ? -17.620 -12.332 0.248   1.00 49.19 ? 408 HOH A O   1 
HETATM 1074 O O   . HOH G 4 .   ? 10.192  3.745   -10.394 1.00 34.61 ? 410 HOH A O   1 
HETATM 1075 O O   . HOH G 4 .   ? 11.528  19.340  -4.855  1.00 35.26 ? 413 HOH A O   1 
HETATM 1076 O O   . HOH G 4 .   ? -3.635  -0.184  -15.713 1.00 38.12 ? 414 HOH A O   1 
HETATM 1077 O O   . HOH G 4 .   ? -4.518  6.591   3.603   1.00 37.35 ? 419 HOH A O   1 
HETATM 1078 O O   . HOH G 4 .   ? -0.969  15.348  -6.080  1.00 33.67 ? 421 HOH A O   1 
HETATM 1079 O O   . HOH G 4 .   ? 18.065  2.136   -14.726 1.00 52.77 ? 426 HOH A O   1 
HETATM 1080 O O   . HOH G 4 .   ? -14.650 -7.553  11.114  1.00 44.51 ? 428 HOH A O   1 
HETATM 1081 O O   . HOH G 4 .   ? -14.404 -8.626  14.569  1.00 47.17 ? 437 HOH A O   1 
HETATM 1082 O O   . HOH G 4 .   ? -9.348  11.364  -2.387  1.00 35.28 ? 465 HOH A O   1 
# 
